data_6J7I
#
_entry.id   6J7I
#
_cell.length_a   82.771
_cell.length_b   158.101
_cell.length_c   188.515
_cell.angle_alpha   90.00
_cell.angle_beta   90.00
_cell.angle_gamma   90.00
#
_symmetry.space_group_name_H-M   'P 21 21 21'
#
loop_
_entity.id
_entity.type
_entity.pdbx_description
1 polymer 'Heme oxygenase 1,NADPH--cytochrome P450 reductase'
2 non-polymer 'PROTOPORPHYRIN IX CONTAINING FE'
3 non-polymer 'FLAVIN-ADENINE DINUCLEOTIDE'
4 non-polymer 'FLAVIN MONONUCLEOTIDE'
#
_entity_poly.entity_id   1
_entity_poly.type   'polypeptide(L)'
_entity_poly.pdbx_seq_one_letter_code
;MGSSHHHHHHSSGLVPRGSHMERPQLDSMSQDLSEALKEATKEVHIRAENSEFMRNFQKGQVSREGFKLVMASLYHIYTA
LEEEIERNKQNPVYAPLYFPEELHRRAALEQDMAFWYGPHWQEAIPYTPATQHYVKRLHEVGGTHPELLVAHAYTRYLGD
LSGGQVLKKIAQKAMALPSSGEGLAFFTFPSIDNPTKFKQLYRARMNTLEMTPEVKHRVTEEAKTAFLLNIELFEELQAL
LPEEHKDQSASQTEFMQTTAPPVKESSFVEKMKKTGRNIIVFYGSQTGTAEEFANRLSKDAHRYGMRGMSADPEEYDLAD
LSSLPEIDKSLVVFCMATYGEGDPTDNAQDFYDWLQETDVDLTGVKFAVFGLGNKTYEHFNAMGKYVDQRLEQLGAQRIF
ELGLGDDDGNLEEDFITWREQFWPAVCEFFGVEASSIRQYELVVHEDMDVAKVYTGEMGRLKSYENQKPPFDAKNPFLAA
VTANRKLNQGTERHLMHLELDISDSKIRYESGDHVAVYPANDSALVNQIGEILGADLDVIMSLNNLDEESNKKHPFPCPT
TYRTALTYYLDITNPPRTNVLYELAQYASEPSEQEHLHKMASSSGEGKELYLSWVVEARRHILAILQDYPSLRPPIDHLC
ELLPRLQARYYSIASSSKVHPNSVHICAVAVEYEAKSGRVNKGVATSWLRAKEPAGENGGRALVPMFVRKSQFRLPFKST
TPVIMVGPGTGIAPFMGFIQERAWLREQGKEVGETLLYYGCRRSDEDYLYREELARFHKDGALTQLNVAFSREQAHKVYV
QHLLKRDREHLWKLIHEGGAHIYVCGDARNMAKDVQNTFYDIVAEFGPMEHTQAVDYVKKLMTKGRYSLDVWS
;
_entity_poly.pdbx_strand_id   A,B
#
loop_
_chem_comp.id
_chem_comp.type
_chem_comp.name
_chem_comp.formula
FAD non-polymer 'FLAVIN-ADENINE DINUCLEOTIDE' 'C27 H33 N9 O15 P2'
FMN non-polymer 'FLAVIN MONONUCLEOTIDE' 'C17 H21 N4 O9 P'
HEM non-polymer 'PROTOPORPHYRIN IX CONTAINING FE' 'C34 H32 Fe N4 O4'
#
# COMPACT_ATOMS: atom_id res chain seq x y z
N SER A 30 12.89 28.60 -2.66
CA SER A 30 11.85 28.89 -1.67
C SER A 30 12.35 29.89 -0.63
N GLN A 31 11.79 29.81 0.58
CA GLN A 31 12.20 30.69 1.67
C GLN A 31 13.10 29.99 2.67
N ASP A 32 12.71 28.81 3.15
CA ASP A 32 13.63 28.02 3.95
C ASP A 32 14.82 27.60 3.10
N LEU A 33 16.01 27.70 3.68
CA LEU A 33 17.24 27.52 2.89
C LEU A 33 17.33 26.15 2.27
N SER A 34 16.87 25.11 3.00
CA SER A 34 16.95 23.75 2.49
C SER A 34 16.17 23.61 1.18
N GLU A 35 14.95 24.14 1.13
CA GLU A 35 14.14 24.04 -0.08
C GLU A 35 14.73 24.87 -1.20
N ALA A 36 15.26 26.06 -0.87
CA ALA A 36 15.88 26.89 -1.88
C ALA A 36 17.09 26.19 -2.51
N LEU A 37 17.89 25.51 -1.69
CA LEU A 37 19.04 24.78 -2.23
C LEU A 37 18.60 23.60 -3.08
N LYS A 38 17.59 22.85 -2.64
CA LYS A 38 17.15 21.72 -3.44
C LYS A 38 16.60 22.18 -4.79
N GLU A 39 15.84 23.28 -4.80
CA GLU A 39 15.26 23.76 -6.05
C GLU A 39 16.31 24.39 -6.96
N ALA A 40 17.25 25.14 -6.37
CA ALA A 40 18.24 25.84 -7.18
C ALA A 40 19.20 24.87 -7.86
N THR A 41 19.52 23.75 -7.23
CA THR A 41 20.49 22.80 -7.74
C THR A 41 19.85 21.65 -8.50
N LYS A 42 18.65 21.88 -9.06
CA LYS A 42 17.92 20.83 -9.75
C LYS A 42 18.63 20.41 -11.04
N GLU A 43 18.75 21.35 -11.99
CA GLU A 43 19.34 21.02 -13.28
C GLU A 43 20.76 20.53 -13.13
N VAL A 44 21.55 21.16 -12.26
CA VAL A 44 22.94 20.75 -12.14
C VAL A 44 23.06 19.37 -11.53
N HIS A 45 22.11 18.99 -10.66
CA HIS A 45 22.13 17.62 -10.15
C HIS A 45 21.80 16.62 -11.24
N ILE A 46 20.74 16.90 -12.01
CA ILE A 46 20.40 16.04 -13.14
C ILE A 46 21.61 15.89 -14.06
N ARG A 47 22.34 16.98 -14.27
CA ARG A 47 23.49 16.96 -15.16
C ARG A 47 24.64 16.15 -14.56
N ALA A 48 24.92 16.37 -13.27
CA ALA A 48 26.02 15.66 -12.62
C ALA A 48 25.80 14.16 -12.67
N GLU A 49 24.59 13.70 -12.39
CA GLU A 49 24.39 12.25 -12.43
C GLU A 49 24.19 11.72 -13.85
N ASN A 50 24.06 12.60 -14.84
CA ASN A 50 24.05 12.17 -16.24
C ASN A 50 25.42 12.31 -16.91
N SER A 51 26.45 12.69 -16.16
CA SER A 51 27.78 12.70 -16.72
C SER A 51 28.19 11.28 -17.11
N GLU A 52 29.00 11.19 -18.17
CA GLU A 52 29.39 9.87 -18.68
C GLU A 52 30.04 9.03 -17.60
N PHE A 53 30.87 9.64 -16.76
CA PHE A 53 31.51 8.89 -15.69
C PHE A 53 30.47 8.34 -14.71
N MET A 54 29.57 9.21 -14.25
CA MET A 54 28.57 8.78 -13.28
C MET A 54 27.57 7.81 -13.89
N ARG A 55 27.27 7.94 -15.19
CA ARG A 55 26.41 6.97 -15.86
C ARG A 55 27.10 5.61 -15.95
N ASN A 56 28.38 5.59 -16.32
CA ASN A 56 29.13 4.33 -16.29
C ASN A 56 29.15 3.73 -14.89
N PHE A 57 29.21 4.59 -13.87
CA PHE A 57 29.20 4.12 -12.50
C PHE A 57 27.86 3.44 -12.18
N GLN A 58 26.75 4.10 -12.53
CA GLN A 58 25.42 3.55 -12.23
C GLN A 58 25.22 2.19 -12.89
N LYS A 59 25.75 2.02 -14.11
CA LYS A 59 25.58 0.74 -14.81
C LYS A 59 26.59 -0.31 -14.35
N GLY A 60 27.39 -0.01 -13.34
CA GLY A 60 28.35 -0.98 -12.84
C GLY A 60 29.63 -1.07 -13.64
N GLN A 61 29.87 -0.16 -14.56
CA GLN A 61 31.04 -0.20 -15.43
C GLN A 61 32.11 0.78 -14.97
N VAL A 62 32.50 0.71 -13.71
CA VAL A 62 33.56 1.54 -13.17
C VAL A 62 34.86 0.74 -13.11
N SER A 63 35.96 1.34 -13.55
CA SER A 63 37.25 0.68 -13.58
C SER A 63 38.07 1.09 -12.36
N ARG A 64 39.03 0.21 -11.99
CA ARG A 64 39.85 0.47 -10.81
C ARG A 64 40.68 1.74 -10.99
N GLU A 65 41.10 2.04 -12.22
CA GLU A 65 41.91 3.23 -12.42
C GLU A 65 41.07 4.49 -12.28
N GLY A 66 39.89 4.52 -12.91
CA GLY A 66 38.99 5.66 -12.74
C GLY A 66 38.52 5.80 -11.31
N PHE A 67 38.31 4.67 -10.62
CA PHE A 67 37.90 4.77 -9.22
C PHE A 67 39.03 5.33 -8.37
N LYS A 68 40.28 4.90 -8.59
CA LYS A 68 41.40 5.50 -7.90
C LYS A 68 41.47 7.01 -8.17
N LEU A 69 41.14 7.41 -9.40
CA LEU A 69 41.18 8.82 -9.75
C LEU A 69 40.15 9.62 -8.95
N VAL A 70 38.89 9.20 -8.98
CA VAL A 70 37.87 9.93 -8.21
C VAL A 70 38.19 9.93 -6.73
N MET A 71 38.72 8.81 -6.21
CA MET A 71 38.97 8.75 -4.78
C MET A 71 40.10 9.68 -4.37
N ALA A 72 41.15 9.77 -5.19
CA ALA A 72 42.23 10.71 -4.87
C ALA A 72 41.76 12.15 -4.97
N SER A 73 41.01 12.47 -6.02
CA SER A 73 40.43 13.81 -6.13
C SER A 73 39.58 14.13 -4.91
N LEU A 74 38.76 13.18 -4.46
CA LEU A 74 37.91 13.40 -3.30
C LEU A 74 38.73 13.59 -2.04
N TYR A 75 39.85 12.86 -1.93
CA TYR A 75 40.75 13.09 -0.80
C TYR A 75 41.18 14.55 -0.76
N HIS A 76 41.67 15.06 -1.89
CA HIS A 76 42.09 16.47 -1.92
C HIS A 76 40.91 17.40 -1.59
N ILE A 77 39.75 17.15 -2.19
CA ILE A 77 38.59 18.02 -2.03
C ILE A 77 38.14 18.06 -0.58
N TYR A 78 37.94 16.88 0.02
CA TYR A 78 37.45 16.84 1.39
C TYR A 78 38.50 17.33 2.38
N THR A 79 39.79 17.14 2.08
CA THR A 79 40.80 17.76 2.91
C THR A 79 40.63 19.27 2.94
N ALA A 80 40.47 19.88 1.76
CA ALA A 80 40.27 21.33 1.71
C ALA A 80 38.97 21.74 2.40
N LEU A 81 37.90 20.99 2.16
CA LEU A 81 36.60 21.34 2.73
C LEU A 81 36.63 21.28 4.24
N GLU A 82 37.14 20.19 4.81
CA GLU A 82 37.19 20.05 6.26
C GLU A 82 38.23 20.97 6.88
N GLU A 83 39.28 21.34 6.14
CA GLU A 83 40.19 22.37 6.61
C GLU A 83 39.46 23.68 6.83
N GLU A 84 38.68 24.11 5.83
CA GLU A 84 37.93 25.35 6.00
C GLU A 84 36.80 25.21 7.02
N ILE A 85 36.23 24.01 7.17
CA ILE A 85 35.20 23.80 8.18
C ILE A 85 35.78 23.99 9.57
N GLU A 86 36.91 23.33 9.85
CA GLU A 86 37.62 23.53 11.11
C GLU A 86 38.00 24.98 11.29
N ARG A 87 38.33 25.69 10.21
CA ARG A 87 38.70 27.10 10.33
C ARG A 87 37.51 27.96 10.75
N ASN A 88 36.28 27.57 10.37
CA ASN A 88 35.09 28.37 10.65
C ASN A 88 34.07 27.61 11.49
N LYS A 89 34.51 26.66 12.31
CA LYS A 89 33.56 25.85 13.06
C LYS A 89 32.85 26.63 14.16
N GLN A 90 33.34 27.82 14.50
CA GLN A 90 32.66 28.65 15.47
C GLN A 90 32.14 29.96 14.88
N ASN A 91 32.29 30.16 13.58
CA ASN A 91 31.67 31.32 12.95
C ASN A 91 30.17 31.12 12.91
N PRO A 92 29.36 32.08 13.39
CA PRO A 92 27.90 31.88 13.40
C PRO A 92 27.29 31.56 12.04
N VAL A 93 27.99 31.87 10.93
CA VAL A 93 27.43 31.54 9.62
C VAL A 93 27.66 30.10 9.24
N TYR A 94 28.44 29.35 10.01
CA TYR A 94 28.62 27.92 9.76
C TYR A 94 28.46 27.05 11.00
N ALA A 95 28.63 27.59 12.21
CA ALA A 95 28.63 26.86 13.47
C ALA A 95 27.56 25.77 13.59
N PRO A 96 26.31 26.00 13.20
CA PRO A 96 25.28 24.95 13.37
C PRO A 96 25.52 23.70 12.52
N LEU A 97 26.44 23.73 11.56
CA LEU A 97 26.66 22.60 10.66
C LEU A 97 27.88 21.77 11.03
N TYR A 98 28.50 22.04 12.17
CA TYR A 98 29.72 21.34 12.56
C TYR A 98 29.35 19.96 13.09
N PHE A 99 29.56 18.93 12.27
CA PHE A 99 29.31 17.54 12.64
C PHE A 99 30.55 16.72 12.31
N PRO A 100 31.64 16.90 13.04
CA PRO A 100 32.87 16.17 12.72
C PRO A 100 32.71 14.66 12.91
N GLU A 101 32.17 14.24 14.05
CA GLU A 101 32.09 12.82 14.34
C GLU A 101 31.17 12.07 13.39
N GLU A 102 30.19 12.76 12.80
CA GLU A 102 29.20 12.11 11.95
C GLU A 102 29.56 12.10 10.48
N LEU A 103 30.09 13.22 9.96
CA LEU A 103 30.19 13.42 8.51
C LEU A 103 31.60 13.44 7.95
N HIS A 104 32.59 13.88 8.71
CA HIS A 104 33.91 14.15 8.14
C HIS A 104 34.50 12.92 7.50
N ARG A 105 35.33 13.14 6.48
CA ARG A 105 35.79 12.08 5.58
C ARG A 105 37.30 11.96 5.45
N ARG A 106 38.08 12.93 5.95
CA ARG A 106 39.52 12.90 5.70
C ARG A 106 40.14 11.61 6.21
N ALA A 107 39.69 11.13 7.37
CA ALA A 107 40.25 9.89 7.92
C ALA A 107 39.94 8.70 7.02
N ALA A 108 38.67 8.53 6.65
CA ALA A 108 38.28 7.41 5.79
C ALA A 108 38.93 7.52 4.42
N LEU A 109 39.06 8.76 3.91
CA LEU A 109 39.73 8.93 2.63
C LEU A 109 41.21 8.59 2.72
N GLU A 110 41.84 8.84 3.86
CA GLU A 110 43.24 8.44 4.02
C GLU A 110 43.37 6.93 4.10
N GLN A 111 42.43 6.27 4.80
CA GLN A 111 42.39 4.82 4.79
C GLN A 111 42.29 4.29 3.36
N ASP A 112 41.38 4.87 2.57
CA ASP A 112 41.18 4.38 1.20
C ASP A 112 42.36 4.72 0.30
N MET A 113 43.06 5.83 0.57
CA MET A 113 44.28 6.10 -0.18
C MET A 113 45.35 5.06 0.13
N ALA A 114 45.49 4.70 1.40
CA ALA A 114 46.40 3.61 1.76
C ALA A 114 46.02 2.32 1.05
N PHE A 115 44.71 2.07 0.91
CA PHE A 115 44.27 0.87 0.22
C PHE A 115 44.62 0.91 -1.26
N TRP A 116 44.28 2.01 -1.94
CA TRP A 116 44.32 2.07 -3.39
C TRP A 116 45.67 2.48 -3.97
N TYR A 117 46.55 3.10 -3.18
CA TYR A 117 47.81 3.59 -3.71
C TYR A 117 49.01 3.09 -2.91
N GLY A 118 48.81 2.19 -1.94
CA GLY A 118 49.92 1.61 -1.23
C GLY A 118 50.35 2.42 -0.03
N PRO A 119 51.45 2.00 0.61
CA PRO A 119 51.89 2.68 1.83
C PRO A 119 52.41 4.09 1.60
N HIS A 120 52.94 4.39 0.41
CA HIS A 120 53.51 5.70 0.13
C HIS A 120 52.58 6.53 -0.75
N TRP A 121 51.27 6.41 -0.51
CA TRP A 121 50.29 7.16 -1.28
C TRP A 121 50.46 8.68 -1.14
N GLN A 122 51.08 9.13 -0.05
CA GLN A 122 51.21 10.57 0.20
C GLN A 122 51.82 11.32 -0.98
N GLU A 123 52.74 10.68 -1.71
CA GLU A 123 53.35 11.27 -2.89
C GLU A 123 52.91 10.60 -4.18
N ALA A 124 52.12 9.52 -4.11
CA ALA A 124 51.74 8.77 -5.29
C ALA A 124 50.40 9.20 -5.89
N ILE A 125 49.59 9.95 -5.15
CA ILE A 125 48.26 10.31 -5.62
C ILE A 125 48.35 11.52 -6.54
N PRO A 126 47.60 11.54 -7.64
CA PRO A 126 47.63 12.69 -8.54
C PRO A 126 46.86 13.87 -7.95
N TYR A 127 47.05 15.02 -8.59
CA TYR A 127 46.37 16.27 -8.22
C TYR A 127 45.97 16.94 -9.54
N THR A 128 44.83 16.50 -10.09
CA THR A 128 44.39 16.94 -11.40
C THR A 128 44.00 18.41 -11.39
N PRO A 129 44.07 19.09 -12.55
CA PRO A 129 43.73 20.52 -12.58
C PRO A 129 42.33 20.83 -12.10
N ALA A 130 41.34 20.01 -12.44
CA ALA A 130 39.98 20.26 -11.95
C ALA A 130 39.90 20.11 -10.44
N THR A 131 40.61 19.12 -9.89
CA THR A 131 40.67 18.98 -8.44
C THR A 131 41.30 20.22 -7.81
N GLN A 132 42.35 20.75 -8.43
CA GLN A 132 42.97 21.95 -7.89
C GLN A 132 42.03 23.15 -8.01
N HIS A 133 41.21 23.20 -9.07
CA HIS A 133 40.23 24.27 -9.19
C HIS A 133 39.19 24.20 -8.08
N TYR A 134 38.67 22.99 -7.82
CA TYR A 134 37.74 22.78 -6.73
C TYR A 134 38.35 23.17 -5.39
N VAL A 135 39.58 22.72 -5.14
CA VAL A 135 40.24 23.01 -3.86
C VAL A 135 40.50 24.51 -3.71
N LYS A 136 40.90 25.16 -4.81
CA LYS A 136 41.11 26.61 -4.79
C LYS A 136 39.82 27.34 -4.45
N ARG A 137 38.70 26.94 -5.05
CA ARG A 137 37.43 27.57 -4.73
C ARG A 137 37.05 27.34 -3.27
N LEU A 138 37.27 26.12 -2.78
CA LEU A 138 36.99 25.82 -1.39
C LEU A 138 37.78 26.74 -0.47
N HIS A 139 39.06 26.95 -0.78
CA HIS A 139 39.90 27.78 0.07
C HIS A 139 39.50 29.25 -0.02
N GLU A 140 39.15 29.73 -1.22
CA GLU A 140 38.64 31.08 -1.35
C GLU A 140 37.42 31.28 -0.45
N VAL A 141 36.47 30.35 -0.53
CA VAL A 141 35.25 30.47 0.27
C VAL A 141 35.58 30.44 1.76
N GLY A 142 36.32 29.43 2.19
CA GLY A 142 36.64 29.33 3.61
C GLY A 142 37.49 30.47 4.14
N GLY A 143 38.24 31.15 3.28
CA GLY A 143 39.10 32.22 3.73
C GLY A 143 38.47 33.60 3.76
N THR A 144 37.72 33.95 2.71
CA THR A 144 37.20 35.31 2.60
C THR A 144 35.68 35.39 2.56
N HIS A 145 34.97 34.29 2.34
CA HIS A 145 33.51 34.28 2.26
C HIS A 145 32.94 33.05 2.96
N PRO A 146 33.11 32.96 4.29
CA PRO A 146 32.63 31.76 4.99
C PRO A 146 31.13 31.59 4.96
N GLU A 147 30.38 32.66 4.72
CA GLU A 147 28.92 32.57 4.63
C GLU A 147 28.48 31.64 3.51
N LEU A 148 29.36 31.34 2.56
CA LEU A 148 29.02 30.41 1.48
C LEU A 148 29.46 28.98 1.75
N LEU A 149 30.23 28.74 2.82
CA LEU A 149 30.76 27.40 3.07
C LEU A 149 29.67 26.35 3.13
N VAL A 150 28.51 26.72 3.70
CA VAL A 150 27.36 25.80 3.76
C VAL A 150 27.07 25.22 2.39
N ALA A 151 27.00 26.09 1.37
CA ALA A 151 26.64 25.65 0.04
C ALA A 151 27.54 24.52 -0.45
N HIS A 152 28.79 24.49 0.02
CA HIS A 152 29.67 23.42 -0.42
C HIS A 152 29.46 22.15 0.40
N ALA A 153 29.34 22.28 1.72
CA ALA A 153 29.05 21.10 2.54
C ALA A 153 27.78 20.41 2.07
N TYR A 154 26.71 21.18 1.90
CA TYR A 154 25.48 20.68 1.30
C TYR A 154 25.75 19.87 0.05
N THR A 155 26.54 20.43 -0.88
CA THR A 155 26.72 19.75 -2.15
C THR A 155 27.42 18.41 -1.97
N ARG A 156 28.28 18.29 -0.97
CA ARG A 156 29.01 17.04 -0.77
C ARG A 156 28.31 16.11 0.21
N TYR A 157 28.19 16.54 1.47
CA TYR A 157 27.73 15.64 2.52
C TYR A 157 26.32 15.12 2.24
N LEU A 158 25.39 16.03 1.94
CA LEU A 158 24.03 15.60 1.59
C LEU A 158 24.04 14.66 0.40
N GLY A 159 24.99 14.83 -0.52
CA GLY A 159 25.10 13.90 -1.64
C GLY A 159 25.64 12.55 -1.21
N ASP A 160 26.58 12.53 -0.27
CA ASP A 160 27.17 11.27 0.16
C ASP A 160 26.16 10.42 0.92
N LEU A 161 25.15 11.04 1.52
CA LEU A 161 24.13 10.34 2.26
C LEU A 161 22.93 9.95 1.40
N SER A 162 23.06 9.99 0.08
CA SER A 162 21.97 9.60 -0.78
C SER A 162 22.42 8.55 -1.79
N GLY A 163 22.89 8.97 -2.96
CA GLY A 163 23.33 8.02 -3.97
C GLY A 163 24.53 7.20 -3.54
N GLY A 164 25.32 7.71 -2.59
CA GLY A 164 26.51 7.00 -2.18
C GLY A 164 26.24 5.63 -1.59
N GLN A 165 25.07 5.46 -0.95
CA GLN A 165 24.75 4.17 -0.35
C GLN A 165 24.62 3.08 -1.41
N VAL A 166 24.08 3.44 -2.58
CA VAL A 166 23.98 2.49 -3.68
C VAL A 166 25.31 2.38 -4.42
N LEU A 167 26.01 3.51 -4.59
CA LEU A 167 27.30 3.47 -5.27
C LEU A 167 28.29 2.57 -4.54
N LYS A 168 28.21 2.50 -3.21
CA LYS A 168 29.11 1.63 -2.46
C LYS A 168 28.88 0.17 -2.82
N LYS A 169 27.60 -0.25 -2.87
CA LYS A 169 27.31 -1.62 -3.28
C LYS A 169 27.75 -1.88 -4.71
N ILE A 170 27.49 -0.94 -5.61
CA ILE A 170 27.89 -1.11 -7.01
C ILE A 170 29.41 -1.27 -7.10
N ALA A 171 30.14 -0.51 -6.28
CA ALA A 171 31.59 -0.64 -6.27
C ALA A 171 32.01 -2.00 -5.74
N GLN A 172 31.48 -2.40 -4.58
CA GLN A 172 31.79 -3.71 -4.02
C GLN A 172 31.66 -4.80 -5.07
N LYS A 173 30.58 -4.75 -5.86
CA LYS A 173 30.38 -5.84 -6.81
C LYS A 173 31.25 -5.67 -8.05
N ALA A 174 31.31 -4.47 -8.62
CA ALA A 174 31.99 -4.28 -9.90
C ALA A 174 33.50 -4.47 -9.78
N MET A 175 34.10 -3.96 -8.71
CA MET A 175 35.55 -4.06 -8.56
C MET A 175 35.96 -5.27 -7.76
N ALA A 176 35.01 -5.99 -7.17
CA ALA A 176 35.33 -7.11 -6.28
C ALA A 176 36.23 -6.67 -5.14
N LEU A 177 35.72 -5.94 -4.17
CA LEU A 177 36.47 -5.58 -2.98
C LEU A 177 36.14 -6.54 -1.84
N PRO A 178 36.91 -6.52 -0.75
CA PRO A 178 36.54 -7.32 0.41
C PRO A 178 35.19 -6.89 0.96
N SER A 179 34.45 -7.87 1.49
CA SER A 179 33.22 -7.55 2.20
C SER A 179 33.51 -6.83 3.51
N SER A 180 34.75 -6.87 4.00
CA SER A 180 35.14 -6.19 5.22
C SER A 180 35.08 -4.68 5.09
N GLY A 181 34.91 -4.14 3.87
CA GLY A 181 34.73 -2.73 3.67
C GLY A 181 35.97 -1.96 3.30
N GLU A 182 37.12 -2.62 3.17
CA GLU A 182 38.34 -1.92 2.77
C GLU A 182 38.17 -1.30 1.39
N GLY A 183 38.72 -0.10 1.22
CA GLY A 183 38.61 0.62 -0.03
C GLY A 183 37.37 1.47 -0.19
N LEU A 184 36.34 1.24 0.63
CA LEU A 184 35.11 2.01 0.53
C LEU A 184 34.74 2.64 1.87
N ALA A 185 35.75 2.97 2.69
CA ALA A 185 35.50 3.63 3.96
C ALA A 185 34.91 5.02 3.77
N PHE A 186 35.14 5.64 2.61
CA PHE A 186 34.56 6.96 2.35
C PHE A 186 33.04 6.91 2.31
N PHE A 187 32.49 5.75 1.94
CA PHE A 187 31.04 5.57 1.81
C PHE A 187 30.39 5.06 3.09
N THR A 188 31.14 4.99 4.19
CA THR A 188 30.64 4.40 5.43
C THR A 188 30.58 5.47 6.52
N PHE A 189 29.43 5.59 7.16
CA PHE A 189 29.19 6.57 8.23
C PHE A 189 28.79 5.82 9.50
N PRO A 190 29.74 5.31 10.26
CA PRO A 190 29.38 4.50 11.44
C PRO A 190 28.68 5.29 12.54
N SER A 191 28.74 6.61 12.53
CA SER A 191 28.04 7.42 13.51
C SER A 191 26.67 7.90 13.04
N ILE A 192 26.21 7.44 11.89
CA ILE A 192 24.91 7.82 11.33
C ILE A 192 24.15 6.54 11.06
N ASP A 193 23.28 6.13 11.99
CA ASP A 193 22.52 4.91 11.81
C ASP A 193 21.29 5.09 10.93
N ASN A 194 20.99 6.31 10.52
CA ASN A 194 19.82 6.59 9.69
C ASN A 194 20.14 7.83 8.87
N PRO A 195 20.57 7.67 7.62
CA PRO A 195 20.96 8.84 6.83
C PRO A 195 19.79 9.75 6.49
N THR A 196 18.58 9.22 6.34
CA THR A 196 17.42 10.07 6.08
C THR A 196 17.16 11.02 7.25
N LYS A 197 17.11 10.46 8.46
CA LYS A 197 16.87 11.27 9.65
C LYS A 197 17.99 12.28 9.86
N PHE A 198 19.24 11.90 9.57
CA PHE A 198 20.34 12.84 9.71
C PHE A 198 20.27 13.95 8.68
N LYS A 199 19.87 13.63 7.45
CA LYS A 199 19.67 14.68 6.44
C LYS A 199 18.58 15.64 6.89
N GLN A 200 17.53 15.11 7.54
CA GLN A 200 16.52 15.99 8.12
C GLN A 200 17.14 16.92 9.16
N LEU A 201 17.95 16.36 10.05
CA LEU A 201 18.62 17.17 11.08
C LEU A 201 19.52 18.23 10.45
N TYR A 202 20.25 17.86 9.39
CA TYR A 202 21.16 18.79 8.74
C TYR A 202 20.41 19.91 8.03
N ARG A 203 19.30 19.58 7.36
CA ARG A 203 18.48 20.62 6.78
C ARG A 203 17.98 21.57 7.86
N ALA A 204 17.57 21.02 9.00
CA ALA A 204 17.15 21.85 10.12
C ALA A 204 18.25 22.82 10.52
N ARG A 205 19.46 22.30 10.70
CA ARG A 205 20.59 23.16 11.06
C ARG A 205 20.88 24.21 10.00
N MET A 206 20.61 23.89 8.74
CA MET A 206 20.79 24.88 7.67
C MET A 206 19.79 26.01 7.79
N ASN A 207 18.51 25.66 7.97
CA ASN A 207 17.47 26.69 8.05
C ASN A 207 17.65 27.60 9.26
N THR A 208 18.40 27.15 10.28
CA THR A 208 18.70 28.01 11.43
C THR A 208 19.61 29.17 11.06
N LEU A 209 20.40 29.05 9.99
CA LEU A 209 21.32 30.10 9.59
C LEU A 209 20.57 31.38 9.24
N GLU A 210 20.80 32.43 10.02
CA GLU A 210 20.18 33.72 9.76
C GLU A 210 20.99 34.47 8.69
N MET A 211 20.31 34.94 7.66
CA MET A 211 20.97 35.60 6.54
C MET A 211 19.95 36.42 5.76
N THR A 212 20.45 37.47 5.11
CA THR A 212 19.63 38.35 4.29
C THR A 212 19.29 37.66 2.96
N PRO A 213 18.21 38.09 2.30
CA PRO A 213 17.82 37.43 1.04
C PRO A 213 18.90 37.44 -0.03
N GLU A 214 19.65 38.54 -0.14
CA GLU A 214 20.73 38.58 -1.12
C GLU A 214 21.80 37.55 -0.79
N VAL A 215 22.09 37.37 0.50
CA VAL A 215 23.06 36.35 0.90
C VAL A 215 22.52 34.96 0.59
N LYS A 216 21.22 34.75 0.79
CA LYS A 216 20.61 33.47 0.44
C LYS A 216 20.76 33.18 -1.05
N HIS A 217 20.54 34.19 -1.89
CA HIS A 217 20.72 34.01 -3.33
C HIS A 217 22.16 33.70 -3.67
N ARG A 218 23.12 34.39 -3.03
CA ARG A 218 24.52 34.08 -3.26
C ARG A 218 24.86 32.66 -2.83
N VAL A 219 24.24 32.19 -1.75
CA VAL A 219 24.50 30.83 -1.26
C VAL A 219 23.99 29.81 -2.27
N THR A 220 22.79 30.02 -2.81
CA THR A 220 22.28 29.08 -3.82
C THR A 220 23.15 29.11 -5.07
N GLU A 221 23.59 30.29 -5.48
CA GLU A 221 24.48 30.37 -6.64
C GLU A 221 25.79 29.64 -6.37
N GLU A 222 26.32 29.74 -5.15
CA GLU A 222 27.53 29.01 -4.82
C GLU A 222 27.30 27.50 -4.79
N ALA A 223 26.11 27.06 -4.39
CA ALA A 223 25.81 25.63 -4.49
C ALA A 223 25.79 25.17 -5.94
N LYS A 224 25.19 25.97 -6.82
CA LYS A 224 25.28 25.70 -8.25
C LYS A 224 26.74 25.60 -8.70
N THR A 225 27.58 26.53 -8.22
CA THR A 225 29.00 26.51 -8.59
C THR A 225 29.68 25.23 -8.12
N ALA A 226 29.37 24.78 -6.91
CA ALA A 226 29.94 23.54 -6.40
C ALA A 226 29.52 22.36 -7.26
N PHE A 227 28.24 22.29 -7.62
CA PHE A 227 27.78 21.24 -8.53
C PHE A 227 28.53 21.29 -9.85
N LEU A 228 28.75 22.50 -10.37
CA LEU A 228 29.48 22.63 -11.63
C LEU A 228 30.93 22.16 -11.50
N LEU A 229 31.56 22.46 -10.36
CA LEU A 229 32.91 21.96 -10.12
C LEU A 229 32.94 20.44 -10.14
N ASN A 230 31.96 19.81 -9.47
CA ASN A 230 31.89 18.35 -9.51
C ASN A 230 31.66 17.85 -10.94
N ILE A 231 30.80 18.54 -11.69
CA ILE A 231 30.50 18.11 -13.05
C ILE A 231 31.77 18.13 -13.90
N GLU A 232 32.50 19.24 -13.86
CA GLU A 232 33.70 19.31 -14.70
C GLU A 232 34.82 18.43 -14.17
N LEU A 233 34.82 18.10 -12.87
CA LEU A 233 35.72 17.07 -12.39
C LEU A 233 35.41 15.72 -13.04
N PHE A 234 34.13 15.35 -13.06
CA PHE A 234 33.73 14.08 -13.71
C PHE A 234 34.10 14.08 -15.18
N GLU A 235 33.85 15.20 -15.88
CA GLU A 235 34.18 15.26 -17.29
C GLU A 235 35.68 15.12 -17.51
N GLU A 236 36.49 15.80 -16.68
CA GLU A 236 37.94 15.69 -16.81
C GLU A 236 38.41 14.27 -16.55
N LEU A 237 37.81 13.59 -15.57
CA LEU A 237 38.25 12.24 -15.28
C LEU A 237 37.84 11.27 -16.38
N GLN A 238 36.68 11.49 -17.01
CA GLN A 238 36.34 10.70 -18.19
C GLN A 238 37.30 10.98 -19.33
N ALA A 239 37.76 12.23 -19.45
CA ALA A 239 38.77 12.56 -20.46
C ALA A 239 40.09 11.80 -20.23
N LEU A 240 40.37 11.39 -18.99
CA LEU A 240 41.60 10.69 -18.67
C LEU A 240 41.44 9.16 -18.66
N LEU A 241 40.41 8.63 -19.32
CA LEU A 241 40.22 7.18 -19.29
C LEU A 241 40.29 6.46 -20.64
N PRO A 242 39.97 7.10 -21.80
CA PRO A 242 39.66 6.38 -23.04
C PRO A 242 39.13 4.95 -22.89
N SER A 266 21.02 -25.51 -23.23
CA SER A 266 21.36 -26.64 -22.36
C SER A 266 20.46 -26.65 -21.12
N SER A 267 19.23 -27.14 -21.31
CA SER A 267 18.20 -27.21 -20.28
C SER A 267 18.79 -27.57 -18.91
N PHE A 268 18.46 -26.76 -17.90
CA PHE A 268 18.97 -27.05 -16.56
C PHE A 268 18.32 -28.29 -15.95
N VAL A 269 17.21 -28.78 -16.49
CA VAL A 269 16.65 -30.04 -16.01
C VAL A 269 17.59 -31.19 -16.34
N GLU A 270 17.85 -31.41 -17.62
CA GLU A 270 18.77 -32.48 -17.99
C GLU A 270 20.18 -32.18 -17.51
N LYS A 271 20.54 -30.89 -17.37
CA LYS A 271 21.82 -30.54 -16.80
C LYS A 271 21.94 -31.01 -15.36
N MET A 272 20.89 -30.77 -14.55
CA MET A 272 20.87 -31.27 -13.19
C MET A 272 20.83 -32.79 -13.15
N LYS A 273 20.20 -33.41 -14.15
CA LYS A 273 20.17 -34.87 -14.21
C LYS A 273 21.58 -35.44 -14.41
N LYS A 274 22.33 -34.90 -15.38
CA LYS A 274 23.69 -35.39 -15.60
C LYS A 274 24.65 -34.92 -14.51
N THR A 275 24.35 -33.83 -13.81
CA THR A 275 25.17 -33.42 -12.68
C THR A 275 24.67 -33.96 -11.35
N GLY A 276 23.51 -34.60 -11.33
CA GLY A 276 23.00 -35.27 -10.13
C GLY A 276 22.53 -34.36 -9.01
N ARG A 277 21.77 -33.32 -9.33
CA ARG A 277 21.28 -32.38 -8.33
C ARG A 277 19.75 -32.35 -8.33
N ASN A 278 19.21 -31.94 -7.18
CA ASN A 278 17.76 -31.82 -7.00
C ASN A 278 17.31 -30.43 -6.58
N ILE A 279 18.25 -29.51 -6.36
CA ILE A 279 17.93 -28.14 -5.95
C ILE A 279 18.61 -27.20 -6.92
N ILE A 280 17.89 -26.18 -7.36
CA ILE A 280 18.48 -25.09 -8.13
C ILE A 280 17.96 -23.78 -7.56
N VAL A 281 18.84 -22.79 -7.43
CA VAL A 281 18.50 -21.52 -6.82
C VAL A 281 18.81 -20.42 -7.83
N PHE A 282 17.77 -19.90 -8.47
CA PHE A 282 17.95 -18.79 -9.39
C PHE A 282 17.97 -17.48 -8.61
N TYR A 283 18.91 -16.61 -8.96
CA TYR A 283 19.05 -15.32 -8.31
C TYR A 283 18.68 -14.20 -9.29
N GLY A 284 17.79 -13.32 -8.86
CA GLY A 284 17.52 -12.09 -9.58
C GLY A 284 18.19 -10.91 -8.89
N SER A 285 19.37 -10.53 -9.36
CA SER A 285 20.20 -9.56 -8.65
C SER A 285 20.70 -8.48 -9.61
N GLN A 286 21.08 -7.35 -9.02
CA GLN A 286 21.72 -6.23 -9.69
C GLN A 286 23.01 -5.80 -9.02
N THR A 287 23.02 -5.73 -7.68
CA THR A 287 24.22 -5.42 -6.93
C THR A 287 24.62 -6.57 -6.01
N GLY A 288 24.36 -7.81 -6.42
CA GLY A 288 25.04 -8.96 -5.87
C GLY A 288 24.48 -9.53 -4.58
N THR A 289 23.49 -8.88 -3.95
CA THR A 289 22.98 -9.39 -2.69
C THR A 289 22.19 -10.67 -2.89
N ALA A 290 21.26 -10.67 -3.85
CA ALA A 290 20.48 -11.87 -4.14
C ALA A 290 21.37 -12.99 -4.66
N GLU A 291 22.42 -12.65 -5.40
CA GLU A 291 23.39 -13.66 -5.83
C GLU A 291 24.07 -14.29 -4.63
N GLU A 292 24.53 -13.47 -3.68
CA GLU A 292 25.15 -13.97 -2.46
C GLU A 292 24.21 -14.92 -1.72
N PHE A 293 22.94 -14.50 -1.57
CA PHE A 293 21.97 -15.33 -0.86
C PHE A 293 21.77 -16.65 -1.57
N ALA A 294 21.61 -16.63 -2.89
CA ALA A 294 21.40 -17.85 -3.66
C ALA A 294 22.60 -18.78 -3.54
N ASN A 295 23.81 -18.21 -3.58
CA ASN A 295 25.00 -19.04 -3.48
C ASN A 295 25.11 -19.69 -2.11
N ARG A 296 24.83 -18.93 -1.04
CA ARG A 296 24.85 -19.52 0.29
C ARG A 296 23.77 -20.58 0.46
N LEU A 297 22.60 -20.39 -0.16
CA LEU A 297 21.55 -21.40 -0.10
C LEU A 297 21.98 -22.70 -0.77
N SER A 298 22.45 -22.60 -2.02
CA SER A 298 22.92 -23.80 -2.72
C SER A 298 24.14 -24.41 -2.06
N LYS A 299 24.88 -23.63 -1.27
CA LYS A 299 25.98 -24.18 -0.49
C LYS A 299 25.47 -24.96 0.72
N ASP A 300 24.42 -24.47 1.37
CA ASP A 300 23.80 -25.23 2.44
C ASP A 300 23.17 -26.52 1.91
N ALA A 301 22.76 -26.52 0.64
CA ALA A 301 22.10 -27.69 0.06
C ALA A 301 22.95 -28.95 0.21
N HIS A 302 24.23 -28.88 -0.19
CA HIS A 302 25.08 -30.06 -0.15
C HIS A 302 25.29 -30.59 1.25
N ARG A 303 25.33 -29.70 2.25
CA ARG A 303 25.54 -30.09 3.64
C ARG A 303 24.23 -30.33 4.37
N TYR A 304 23.27 -30.99 3.73
CA TYR A 304 21.98 -31.25 4.36
C TYR A 304 21.34 -32.56 3.91
N GLY A 305 22.09 -33.46 3.25
CA GLY A 305 21.51 -34.63 2.63
C GLY A 305 21.08 -34.42 1.19
N MET A 306 20.91 -33.18 0.77
CA MET A 306 20.51 -32.85 -0.59
C MET A 306 21.73 -32.35 -1.37
N ARG A 307 21.48 -31.69 -2.50
CA ARG A 307 22.54 -31.27 -3.41
C ARG A 307 22.01 -30.23 -4.40
N GLY A 308 22.56 -29.01 -4.36
CA GLY A 308 21.99 -27.91 -5.10
C GLY A 308 23.05 -27.12 -5.85
N MET A 309 22.55 -26.18 -6.68
CA MET A 309 23.40 -25.30 -7.47
C MET A 309 22.70 -23.94 -7.60
N SER A 310 23.50 -22.88 -7.58
CA SER A 310 23.02 -21.52 -7.79
C SER A 310 23.28 -21.12 -9.24
N ALA A 311 22.21 -20.79 -9.97
CA ALA A 311 22.33 -20.49 -11.39
C ALA A 311 21.63 -19.17 -11.69
N ASP A 312 22.04 -18.54 -12.79
CA ASP A 312 21.43 -17.32 -13.29
C ASP A 312 20.25 -17.67 -14.19
N PRO A 313 19.05 -17.16 -13.91
CA PRO A 313 17.88 -17.52 -14.72
C PRO A 313 17.87 -16.92 -16.11
N GLU A 314 18.83 -16.05 -16.43
CA GLU A 314 18.79 -15.31 -17.69
C GLU A 314 18.93 -16.25 -18.89
N GLU A 315 19.97 -17.08 -18.90
CA GLU A 315 20.28 -17.93 -20.05
C GLU A 315 19.70 -19.33 -19.93
N TYR A 316 18.50 -19.46 -19.37
CA TYR A 316 17.82 -20.75 -19.28
C TYR A 316 16.36 -20.55 -19.62
N ASP A 317 15.90 -21.21 -20.68
CA ASP A 317 14.48 -21.18 -21.01
C ASP A 317 13.72 -21.91 -19.90
N LEU A 318 13.12 -21.15 -18.99
CA LEU A 318 12.49 -21.73 -17.82
C LEU A 318 11.29 -22.61 -18.14
N ALA A 319 11.03 -22.84 -19.44
CA ALA A 319 10.12 -23.91 -19.82
C ALA A 319 10.59 -25.26 -19.28
N ASP A 320 11.87 -25.35 -18.89
CA ASP A 320 12.41 -26.48 -18.17
C ASP A 320 11.99 -26.50 -16.71
N LEU A 321 10.88 -25.87 -16.36
CA LEU A 321 10.27 -26.10 -15.06
C LEU A 321 9.25 -27.23 -15.12
N SER A 322 8.63 -27.43 -16.29
CA SER A 322 7.73 -28.56 -16.49
C SER A 322 8.48 -29.87 -16.64
N SER A 323 9.76 -29.83 -16.99
CA SER A 323 10.59 -31.02 -17.09
C SER A 323 11.27 -31.37 -15.77
N LEU A 324 11.06 -30.56 -14.74
CA LEU A 324 11.73 -30.67 -13.45
C LEU A 324 11.13 -31.70 -12.50
N PRO A 325 9.80 -31.91 -12.47
CA PRO A 325 9.25 -32.96 -11.61
C PRO A 325 9.75 -34.37 -11.93
N GLU A 326 10.48 -34.56 -13.03
CA GLU A 326 11.08 -35.85 -13.36
C GLU A 326 12.44 -36.04 -12.70
N ILE A 327 12.77 -35.23 -11.70
CA ILE A 327 13.95 -35.43 -10.86
C ILE A 327 13.46 -35.69 -9.44
N ASP A 328 14.08 -36.69 -8.79
CA ASP A 328 13.59 -37.18 -7.51
C ASP A 328 13.72 -36.09 -6.44
N LYS A 329 12.60 -35.76 -5.80
CA LYS A 329 12.52 -34.76 -4.73
C LYS A 329 13.19 -33.45 -5.15
N SER A 330 12.75 -32.92 -6.28
CA SER A 330 13.31 -31.69 -6.83
C SER A 330 12.53 -30.47 -6.34
N LEU A 331 13.26 -29.38 -6.10
CA LEU A 331 12.64 -28.12 -5.70
C LEU A 331 13.53 -26.98 -6.18
N VAL A 332 12.89 -25.85 -6.50
CA VAL A 332 13.57 -24.69 -7.04
C VAL A 332 13.28 -23.48 -6.16
N VAL A 333 14.31 -22.69 -5.90
CA VAL A 333 14.23 -21.51 -5.04
C VAL A 333 14.59 -20.30 -5.87
N PHE A 334 13.92 -19.17 -5.59
CA PHE A 334 14.13 -17.93 -6.30
C PHE A 334 14.43 -16.83 -5.31
N CYS A 335 15.62 -16.24 -5.39
CA CYS A 335 16.01 -15.10 -4.58
C CYS A 335 15.96 -13.87 -5.47
N MET A 336 14.84 -13.15 -5.41
CA MET A 336 14.51 -12.13 -6.40
C MET A 336 14.57 -10.75 -5.77
N ALA A 337 15.52 -9.94 -6.23
CA ALA A 337 15.50 -8.51 -5.91
C ALA A 337 14.58 -7.77 -6.87
N THR A 338 14.03 -6.66 -6.40
CA THR A 338 13.11 -5.85 -7.18
C THR A 338 13.62 -4.41 -7.25
N TYR A 339 13.55 -3.82 -8.45
CA TYR A 339 14.06 -2.47 -8.67
C TYR A 339 13.02 -1.58 -9.34
N GLY A 340 13.44 -0.39 -9.77
CA GLY A 340 12.56 0.52 -10.48
C GLY A 340 11.29 0.81 -9.72
N GLU A 341 10.16 0.76 -10.43
CA GLU A 341 8.84 0.89 -9.83
C GLU A 341 8.17 -0.48 -9.81
N GLY A 342 8.74 -1.38 -9.02
CA GLY A 342 8.27 -2.75 -8.98
C GLY A 342 8.70 -3.58 -10.16
N ASP A 343 9.86 -3.27 -10.76
CA ASP A 343 10.38 -3.89 -11.96
C ASP A 343 11.43 -4.95 -11.61
N PRO A 344 11.56 -5.97 -12.44
CA PRO A 344 12.55 -7.02 -12.16
C PRO A 344 13.97 -6.55 -12.44
N THR A 345 14.91 -7.24 -11.80
CA THR A 345 16.31 -7.08 -12.15
C THR A 345 16.51 -7.47 -13.60
N ASP A 346 17.49 -6.83 -14.24
CA ASP A 346 17.70 -7.04 -15.68
C ASP A 346 17.95 -8.51 -16.00
N ASN A 347 18.74 -9.19 -15.16
CA ASN A 347 19.04 -10.60 -15.40
C ASN A 347 17.80 -11.49 -15.30
N ALA A 348 16.68 -10.98 -14.82
CA ALA A 348 15.45 -11.74 -14.79
C ALA A 348 14.37 -11.16 -15.70
N GLN A 349 14.68 -10.11 -16.46
CA GLN A 349 13.66 -9.47 -17.29
C GLN A 349 12.96 -10.48 -18.19
N ASP A 350 13.74 -11.22 -18.98
CA ASP A 350 13.18 -12.29 -19.80
C ASP A 350 12.26 -13.18 -18.98
N PHE A 351 12.77 -13.69 -17.86
CA PHE A 351 11.99 -14.52 -16.96
C PHE A 351 10.65 -13.85 -16.64
N TYR A 352 10.69 -12.61 -16.18
CA TYR A 352 9.47 -11.87 -15.87
C TYR A 352 8.53 -11.86 -17.08
N ASP A 353 9.06 -11.45 -18.24
CA ASP A 353 8.23 -11.41 -19.44
C ASP A 353 7.64 -12.78 -19.73
N TRP A 354 8.42 -13.84 -19.52
CA TRP A 354 7.92 -15.18 -19.78
C TRP A 354 6.71 -15.50 -18.89
N LEU A 355 6.73 -15.06 -17.64
CA LEU A 355 5.61 -15.33 -16.77
C LEU A 355 4.38 -14.51 -17.11
N GLN A 356 4.49 -13.55 -18.02
CA GLN A 356 3.34 -12.73 -18.39
C GLN A 356 2.31 -13.55 -19.18
N GLU A 357 2.57 -13.73 -20.48
CA GLU A 357 1.68 -14.49 -21.37
C GLU A 357 2.26 -15.90 -21.51
N THR A 358 1.81 -16.79 -20.63
CA THR A 358 2.24 -18.18 -20.69
C THR A 358 1.17 -19.08 -20.07
N ASP A 359 1.26 -20.37 -20.39
CA ASP A 359 0.35 -21.37 -19.85
C ASP A 359 1.03 -22.73 -19.70
N VAL A 360 2.34 -22.73 -19.45
CA VAL A 360 3.07 -23.97 -19.23
C VAL A 360 2.54 -24.64 -17.97
N ASP A 361 2.12 -25.91 -18.10
CA ASP A 361 1.53 -26.62 -16.98
C ASP A 361 2.66 -27.05 -16.04
N LEU A 362 2.75 -26.40 -14.90
CA LEU A 362 3.77 -26.72 -13.89
C LEU A 362 3.20 -27.52 -12.73
N THR A 363 2.54 -28.64 -13.04
CA THR A 363 1.96 -29.46 -11.99
C THR A 363 3.04 -30.26 -11.29
N GLY A 364 2.91 -30.38 -9.97
CA GLY A 364 3.84 -31.21 -9.22
C GLY A 364 5.24 -30.65 -9.12
N VAL A 365 5.39 -29.34 -9.21
CA VAL A 365 6.69 -28.68 -9.08
C VAL A 365 6.78 -28.05 -7.70
N LYS A 366 7.97 -28.13 -7.10
CA LYS A 366 8.20 -27.65 -5.76
C LYS A 366 9.06 -26.39 -5.83
N PHE A 367 8.61 -25.32 -5.16
CA PHE A 367 9.29 -24.05 -5.25
C PHE A 367 9.26 -23.32 -3.92
N ALA A 368 10.11 -22.30 -3.83
CA ALA A 368 10.13 -21.38 -2.70
C ALA A 368 10.76 -20.08 -3.18
N VAL A 369 10.29 -18.96 -2.62
CA VAL A 369 10.71 -17.63 -3.07
C VAL A 369 11.10 -16.79 -1.85
N PHE A 370 12.25 -16.12 -1.95
CA PHE A 370 12.64 -15.07 -1.01
C PHE A 370 12.85 -13.79 -1.81
N GLY A 371 12.17 -12.72 -1.39
CA GLY A 371 12.24 -11.44 -2.07
C GLY A 371 13.12 -10.45 -1.32
N LEU A 372 13.87 -9.66 -2.09
CA LEU A 372 14.72 -8.58 -1.57
C LEU A 372 14.07 -7.26 -1.92
N GLY A 373 13.71 -6.47 -0.90
CA GLY A 373 13.02 -5.22 -1.13
C GLY A 373 13.37 -4.17 -0.09
N ASN A 374 12.70 -3.04 -0.18
CA ASN A 374 12.88 -1.94 0.75
C ASN A 374 11.51 -1.36 1.07
N LYS A 375 11.20 -1.24 2.37
CA LYS A 375 9.88 -0.77 2.79
C LYS A 375 9.62 0.68 2.41
N THR A 376 10.66 1.46 2.12
CA THR A 376 10.46 2.85 1.76
C THR A 376 9.82 2.99 0.38
N TYR A 377 10.04 2.03 -0.50
CA TYR A 377 9.36 2.03 -1.78
C TYR A 377 7.93 1.54 -1.59
N GLU A 378 7.04 1.95 -2.49
CA GLU A 378 5.63 1.61 -2.39
C GLU A 378 5.25 0.57 -3.43
N HIS A 379 6.23 -0.23 -3.87
CA HIS A 379 6.02 -1.47 -4.61
C HIS A 379 6.77 -2.60 -3.93
N PHE A 380 6.65 -2.67 -2.61
CA PHE A 380 7.46 -3.52 -1.74
C PHE A 380 7.51 -4.97 -2.22
N ASN A 381 8.70 -5.40 -2.63
CA ASN A 381 8.96 -6.79 -3.04
C ASN A 381 8.01 -7.23 -4.15
N ALA A 382 7.73 -6.32 -5.08
CA ALA A 382 6.80 -6.62 -6.16
C ALA A 382 7.29 -7.81 -6.98
N MET A 383 8.60 -7.94 -7.18
CA MET A 383 9.10 -9.02 -8.01
C MET A 383 9.00 -10.37 -7.29
N GLY A 384 9.46 -10.41 -6.03
CA GLY A 384 9.36 -11.65 -5.27
C GLY A 384 7.92 -12.07 -5.04
N LYS A 385 7.07 -11.11 -4.65
CA LYS A 385 5.65 -11.41 -4.47
C LYS A 385 5.03 -11.88 -5.77
N TYR A 386 5.41 -11.28 -6.90
CA TYR A 386 4.86 -11.69 -8.18
C TYR A 386 5.26 -13.11 -8.54
N VAL A 387 6.56 -13.42 -8.44
CA VAL A 387 7.04 -14.77 -8.72
C VAL A 387 6.36 -15.79 -7.83
N ASP A 388 6.23 -15.47 -6.53
CA ASP A 388 5.60 -16.38 -5.59
C ASP A 388 4.14 -16.63 -5.97
N GLN A 389 3.34 -15.55 -6.07
CA GLN A 389 1.93 -15.69 -6.39
C GLN A 389 1.70 -16.34 -7.75
N ARG A 390 2.66 -16.21 -8.67
CA ARG A 390 2.50 -16.67 -10.05
C ARG A 390 2.90 -18.13 -10.26
N LEU A 391 3.95 -18.59 -9.58
CA LEU A 391 4.32 -20.00 -9.72
C LEU A 391 3.24 -20.92 -9.19
N GLU A 392 2.51 -20.51 -8.14
CA GLU A 392 1.36 -21.29 -7.70
C GLU A 392 0.22 -21.21 -8.72
N GLN A 393 0.09 -20.06 -9.41
CA GLN A 393 -0.91 -19.96 -10.47
C GLN A 393 -0.61 -20.93 -11.60
N LEU A 394 0.67 -21.21 -11.85
CA LEU A 394 1.03 -22.12 -12.94
C LEU A 394 0.94 -23.59 -12.54
N GLY A 395 0.74 -23.87 -11.25
CA GLY A 395 0.54 -25.25 -10.81
C GLY A 395 1.42 -25.69 -9.66
N ALA A 396 2.58 -25.07 -9.50
CA ALA A 396 3.49 -25.43 -8.44
C ALA A 396 2.90 -25.15 -7.06
N GLN A 397 3.46 -25.79 -6.04
CA GLN A 397 3.00 -25.65 -4.66
C GLN A 397 4.13 -25.08 -3.82
N ARG A 398 3.76 -24.17 -2.91
CA ARG A 398 4.73 -23.51 -2.05
C ARG A 398 5.17 -24.44 -0.94
N ILE A 399 6.47 -24.56 -0.75
CA ILE A 399 7.03 -25.37 0.34
C ILE A 399 7.22 -24.53 1.60
N PHE A 400 7.72 -23.32 1.44
CA PHE A 400 7.97 -22.42 2.55
C PHE A 400 7.33 -21.07 2.24
N GLU A 401 6.94 -20.36 3.29
CA GLU A 401 6.30 -19.06 3.10
C GLU A 401 7.23 -18.11 2.35
N LEU A 402 6.63 -17.22 1.57
CA LEU A 402 7.40 -16.24 0.83
C LEU A 402 8.10 -15.29 1.78
N GLY A 403 9.41 -15.11 1.59
CA GLY A 403 10.17 -14.21 2.42
C GLY A 403 10.14 -12.79 1.89
N LEU A 404 10.08 -11.83 2.80
CA LEU A 404 9.97 -10.42 2.46
C LEU A 404 11.12 -9.68 3.13
N GLY A 405 12.26 -9.63 2.45
CA GLY A 405 13.44 -8.98 3.01
C GLY A 405 13.37 -7.48 2.92
N ASP A 406 13.53 -6.80 4.05
CA ASP A 406 13.55 -5.34 4.08
C ASP A 406 15.00 -4.84 4.07
N ASP A 407 15.29 -3.88 3.20
CA ASP A 407 16.61 -3.28 3.16
C ASP A 407 16.68 -2.00 3.98
N ASP A 408 15.53 -1.43 4.34
CA ASP A 408 15.52 -0.33 5.30
C ASP A 408 16.06 -0.81 6.64
N GLY A 409 15.60 -1.98 7.10
CA GLY A 409 16.12 -2.60 8.30
C GLY A 409 17.35 -3.44 8.02
N ASN A 410 17.47 -4.58 8.70
CA ASN A 410 18.60 -5.49 8.50
C ASN A 410 18.17 -6.58 7.52
N LEU A 411 18.50 -6.39 6.24
CA LEU A 411 18.17 -7.40 5.23
C LEU A 411 18.89 -8.71 5.53
N GLU A 412 20.15 -8.63 5.97
CA GLU A 412 20.90 -9.84 6.31
C GLU A 412 20.20 -10.65 7.40
N GLU A 413 19.68 -9.98 8.42
CA GLU A 413 19.01 -10.70 9.50
C GLU A 413 17.72 -11.35 9.01
N ASP A 414 16.93 -10.62 8.21
CA ASP A 414 15.73 -11.20 7.62
C ASP A 414 16.05 -12.44 6.80
N PHE A 415 17.10 -12.38 5.98
CA PHE A 415 17.45 -13.54 5.16
C PHE A 415 17.94 -14.71 6.00
N ILE A 416 18.75 -14.42 7.04
CA ILE A 416 19.23 -15.49 7.90
C ILE A 416 18.07 -16.17 8.60
N THR A 417 17.11 -15.40 9.12
CA THR A 417 15.91 -15.98 9.72
C THR A 417 15.16 -16.85 8.72
N TRP A 418 14.93 -16.32 7.52
CA TRP A 418 14.16 -17.03 6.51
C TRP A 418 14.81 -18.36 6.16
N ARG A 419 16.11 -18.34 5.85
CA ARG A 419 16.85 -19.57 5.55
C ARG A 419 16.79 -20.55 6.73
N GLU A 420 17.01 -20.03 7.94
CA GLU A 420 17.08 -20.85 9.14
C GLU A 420 15.80 -21.63 9.36
N GLN A 421 14.65 -21.01 9.12
CA GLN A 421 13.39 -21.75 9.24
C GLN A 421 12.96 -22.40 7.93
N PHE A 422 13.61 -22.07 6.82
CA PHE A 422 13.27 -22.66 5.53
C PHE A 422 13.79 -24.09 5.41
N TRP A 423 15.06 -24.29 5.71
CA TRP A 423 15.64 -25.63 5.56
C TRP A 423 14.90 -26.72 6.35
N PRO A 424 14.48 -26.50 7.60
CA PRO A 424 13.64 -27.52 8.26
C PRO A 424 12.33 -27.78 7.55
N ALA A 425 11.68 -26.74 7.01
CA ALA A 425 10.43 -26.94 6.29
C ALA A 425 10.62 -27.83 5.07
N VAL A 426 11.76 -27.68 4.39
CA VAL A 426 12.08 -28.57 3.27
C VAL A 426 12.31 -29.99 3.77
N CYS A 427 13.15 -30.13 4.81
CA CYS A 427 13.44 -31.46 5.34
C CYS A 427 12.20 -32.17 5.87
N GLU A 428 11.17 -31.42 6.24
CA GLU A 428 9.96 -32.03 6.77
C GLU A 428 8.86 -32.14 5.72
N PHE A 429 9.02 -31.47 4.58
CA PHE A 429 8.07 -31.61 3.48
C PHE A 429 8.31 -32.91 2.74
N PHE A 430 9.50 -33.05 2.12
CA PHE A 430 9.80 -34.24 1.32
C PHE A 430 10.00 -35.48 2.19
N GLY A 431 9.97 -35.33 3.50
CA GLY A 431 10.16 -36.43 4.42
C GLY A 431 11.57 -36.95 4.50
N VAL A 432 12.50 -36.39 3.72
CA VAL A 432 13.93 -36.70 3.80
C VAL A 432 14.48 -36.42 5.21
N GLU A 433 13.85 -37.01 6.23
CA GLU A 433 14.29 -36.86 7.61
C GLU A 433 15.48 -37.78 7.86
N ALA A 434 16.64 -37.33 7.36
CA ALA A 434 17.95 -37.88 7.66
C ALA A 434 18.59 -37.27 8.91
N SER A 435 18.20 -36.04 9.26
CA SER A 435 18.78 -35.23 10.33
C SER A 435 20.21 -34.87 9.94
N SER A 436 20.48 -33.57 9.81
CA SER A 436 21.60 -33.03 9.08
C SER A 436 22.90 -32.95 9.90
N ILE A 437 23.99 -32.89 9.16
CA ILE A 437 25.35 -32.61 9.60
C ILE A 437 25.41 -31.35 10.47
N ARG A 438 26.27 -31.36 11.48
CA ARG A 438 26.43 -30.23 12.38
C ARG A 438 27.24 -29.12 11.71
N GLN A 439 27.35 -27.98 12.41
CA GLN A 439 28.16 -26.88 11.93
C GLN A 439 29.22 -26.41 12.92
N TYR A 440 29.13 -26.81 14.19
CA TYR A 440 30.16 -26.48 15.17
C TYR A 440 30.60 -27.73 15.88
N GLU A 441 31.91 -27.86 16.08
CA GLU A 441 32.53 -29.02 16.72
C GLU A 441 32.85 -28.69 18.16
N LEU A 442 32.54 -29.62 19.06
CA LEU A 442 32.80 -29.46 20.49
C LEU A 442 34.23 -29.89 20.81
N VAL A 443 34.95 -29.05 21.54
CA VAL A 443 36.32 -29.35 22.00
C VAL A 443 36.39 -28.94 23.47
N VAL A 444 36.33 -29.92 24.37
CA VAL A 444 36.39 -29.67 25.80
C VAL A 444 37.83 -29.42 26.22
N HIS A 445 38.05 -28.35 26.98
CA HIS A 445 39.36 -28.05 27.58
C HIS A 445 39.28 -28.40 29.07
N GLU A 446 39.65 -29.64 29.39
CA GLU A 446 39.49 -30.11 30.77
C GLU A 446 40.55 -29.55 31.70
N ASP A 447 41.75 -29.27 31.18
CA ASP A 447 42.81 -28.65 31.98
C ASP A 447 43.27 -27.39 31.25
N MET A 448 42.95 -26.23 31.83
CA MET A 448 43.22 -24.97 31.18
C MET A 448 43.13 -23.86 32.23
N ASP A 449 44.03 -22.89 32.13
CA ASP A 449 44.04 -21.79 33.08
C ASP A 449 42.83 -20.89 32.87
N VAL A 450 42.52 -20.10 33.90
CA VAL A 450 41.31 -19.30 33.87
C VAL A 450 41.53 -17.94 33.19
N ALA A 451 42.77 -17.42 33.22
CA ALA A 451 43.05 -16.14 32.58
C ALA A 451 42.99 -16.21 31.06
N LYS A 452 42.66 -17.36 30.50
CA LYS A 452 42.56 -17.54 29.06
C LYS A 452 41.14 -17.86 28.62
N VAL A 453 40.20 -17.89 29.56
CA VAL A 453 38.83 -18.31 29.31
C VAL A 453 37.94 -17.08 29.35
N TYR A 454 37.04 -16.97 28.38
CA TYR A 454 36.06 -15.89 28.37
C TYR A 454 35.09 -16.08 29.53
N THR A 455 34.88 -15.01 30.30
CA THR A 455 34.02 -15.06 31.47
C THR A 455 32.75 -14.22 31.28
N GLY A 456 32.41 -13.89 30.05
CA GLY A 456 31.22 -13.14 29.73
C GLY A 456 31.47 -11.85 28.96
N GLU A 457 32.73 -11.45 28.78
CA GLU A 457 33.02 -10.23 28.06
C GLU A 457 32.64 -10.37 26.59
N MET A 458 32.56 -9.23 25.90
CA MET A 458 32.04 -9.19 24.54
C MET A 458 33.12 -9.11 23.48
N GLY A 459 34.15 -8.28 23.69
CA GLY A 459 35.19 -8.11 22.69
C GLY A 459 36.38 -9.03 22.86
N ARG A 460 37.54 -8.44 23.16
CA ARG A 460 38.76 -9.19 23.36
C ARG A 460 38.76 -9.87 24.73
N LEU A 461 39.73 -10.75 24.93
CA LEU A 461 39.83 -11.47 26.20
C LEU A 461 40.18 -10.52 27.34
N LYS A 462 39.48 -10.67 28.45
CA LYS A 462 39.68 -9.82 29.63
C LYS A 462 39.53 -8.34 29.28
N SER A 463 38.57 -8.04 28.40
CA SER A 463 38.25 -6.67 28.08
C SER A 463 37.26 -6.04 29.06
N TYR A 464 36.58 -6.84 29.87
CA TYR A 464 35.75 -6.29 30.94
C TYR A 464 36.58 -5.82 32.12
N GLU A 465 37.77 -6.37 32.32
CA GLU A 465 38.65 -5.95 33.40
C GLU A 465 39.65 -4.89 32.94
N ASN A 466 40.22 -5.05 31.75
CA ASN A 466 41.11 -4.06 31.15
C ASN A 466 40.30 -3.18 30.21
N GLN A 467 39.60 -2.22 30.81
CA GLN A 467 38.76 -1.29 30.06
C GLN A 467 39.62 -0.16 29.51
N LYS A 468 39.60 0.01 28.18
CA LYS A 468 40.31 1.11 27.55
C LYS A 468 39.45 1.69 26.44
N PRO A 469 39.37 3.02 26.35
CA PRO A 469 38.59 3.65 25.29
C PRO A 469 39.15 3.32 23.92
N PRO A 470 38.34 3.41 22.86
CA PRO A 470 36.94 3.85 22.88
C PRO A 470 35.99 2.74 23.29
N PHE A 471 34.77 3.13 23.69
CA PHE A 471 33.74 2.17 24.08
C PHE A 471 32.61 2.23 23.08
N ASP A 472 32.19 1.06 22.59
CA ASP A 472 31.18 0.99 21.55
C ASP A 472 30.50 -0.36 21.64
N ALA A 473 29.90 -0.81 20.53
CA ALA A 473 29.16 -2.06 20.53
C ALA A 473 30.07 -3.25 20.84
N LYS A 474 31.29 -3.25 20.31
CA LYS A 474 32.19 -4.38 20.50
C LYS A 474 33.07 -4.24 21.73
N ASN A 475 33.06 -3.09 22.40
CA ASN A 475 33.81 -2.88 23.64
C ASN A 475 32.97 -2.03 24.58
N PRO A 476 31.94 -2.61 25.19
CA PRO A 476 31.07 -1.82 26.06
C PRO A 476 31.78 -1.41 27.34
N PHE A 477 31.40 -0.24 27.85
CA PHE A 477 31.91 0.26 29.12
C PHE A 477 31.00 -0.17 30.25
N LEU A 478 31.61 -0.56 31.38
CA LEU A 478 30.85 -1.04 32.53
C LEU A 478 30.53 0.14 33.44
N ALA A 479 29.31 0.66 33.31
CA ALA A 479 28.90 1.84 34.06
C ALA A 479 28.43 1.44 35.44
N ALA A 480 28.72 2.28 36.42
CA ALA A 480 28.38 1.99 37.82
C ALA A 480 26.95 2.42 38.12
N VAL A 481 26.13 1.50 38.61
CA VAL A 481 24.75 1.83 38.94
C VAL A 481 24.76 2.73 40.18
N THR A 482 24.48 4.03 39.99
CA THR A 482 24.43 4.95 41.11
C THR A 482 23.05 4.98 41.77
N ALA A 483 21.99 4.88 40.98
CA ALA A 483 20.64 4.98 41.51
C ALA A 483 19.74 3.97 40.82
N ASN A 484 18.69 3.56 41.53
CA ASN A 484 17.69 2.64 41.00
C ASN A 484 16.44 2.72 41.85
N ARG A 485 15.61 3.72 41.61
CA ARG A 485 14.40 3.95 42.39
C ARG A 485 13.16 3.73 41.54
N LYS A 486 12.02 3.65 42.22
CA LYS A 486 10.73 3.39 41.59
C LYS A 486 10.04 4.72 41.26
N LEU A 487 9.64 4.87 40.00
CA LEU A 487 8.85 6.03 39.59
C LEU A 487 7.35 5.79 39.72
N ASN A 488 6.92 4.59 39.33
CA ASN A 488 5.52 4.20 39.49
C ASN A 488 5.11 4.33 40.96
N GLN A 489 3.94 4.91 41.19
CA GLN A 489 3.43 5.09 42.55
C GLN A 489 2.51 3.96 42.97
N GLY A 490 1.85 3.31 42.03
CA GLY A 490 0.94 2.21 42.33
C GLY A 490 1.62 0.87 42.28
N THR A 491 0.87 -0.13 41.82
CA THR A 491 1.42 -1.48 41.72
C THR A 491 1.01 -2.18 40.42
N GLU A 492 0.37 -1.49 39.48
CA GLU A 492 0.06 -2.09 38.19
C GLU A 492 1.31 -2.68 37.55
N ARG A 493 2.30 -1.83 37.29
CA ARG A 493 3.57 -2.26 36.76
C ARG A 493 4.68 -1.56 37.54
N HIS A 494 5.90 -2.05 37.39
CA HIS A 494 7.06 -1.48 38.06
C HIS A 494 7.84 -0.66 37.04
N LEU A 495 7.87 0.64 37.23
CA LEU A 495 8.60 1.55 36.35
C LEU A 495 9.74 2.16 37.15
N MET A 496 10.95 2.12 36.57
CA MET A 496 12.16 2.39 37.31
C MET A 496 12.98 3.47 36.62
N HIS A 497 13.79 4.14 37.42
CA HIS A 497 14.66 5.24 36.98
C HIS A 497 16.08 4.91 37.45
N LEU A 498 16.93 4.47 36.52
CA LEU A 498 18.31 4.12 36.83
C LEU A 498 19.24 5.25 36.42
N GLU A 499 20.38 5.32 37.10
CA GLU A 499 21.42 6.28 36.78
C GLU A 499 22.74 5.53 36.68
N LEU A 500 23.45 5.72 35.57
CA LEU A 500 24.68 5.00 35.30
C LEU A 500 25.83 5.99 35.29
N ASP A 501 26.85 5.72 36.11
CA ASP A 501 28.02 6.57 36.22
C ASP A 501 29.04 6.10 35.18
N ILE A 502 29.46 7.04 34.34
CA ILE A 502 30.42 6.83 33.26
C ILE A 502 31.52 7.88 33.36
N SER A 503 32.08 8.06 34.55
CA SER A 503 32.90 9.23 34.84
C SER A 503 34.09 9.34 33.91
N ASP A 504 34.97 8.32 33.90
CA ASP A 504 36.20 8.38 33.13
C ASP A 504 36.18 7.47 31.91
N SER A 505 34.98 7.15 31.39
CA SER A 505 34.85 6.39 30.15
C SER A 505 35.12 7.23 28.91
N LYS A 506 35.18 8.56 29.05
CA LYS A 506 35.31 9.49 27.93
C LYS A 506 34.18 9.30 26.93
N ILE A 507 33.03 8.83 27.40
CA ILE A 507 31.84 8.66 26.57
C ILE A 507 31.11 10.00 26.47
N ARG A 508 30.79 10.40 25.25
CA ARG A 508 30.00 11.59 25.01
C ARG A 508 28.59 11.19 24.60
N TYR A 509 27.62 12.05 24.88
CA TYR A 509 26.25 11.82 24.46
C TYR A 509 25.49 13.13 24.48
N GLU A 510 24.35 13.14 23.79
CA GLU A 510 23.46 14.29 23.75
C GLU A 510 22.03 13.85 24.08
N SER A 511 21.22 14.81 24.51
CA SER A 511 19.81 14.53 24.76
C SER A 511 19.15 14.04 23.48
N GLY A 512 18.56 12.85 23.56
CA GLY A 512 17.99 12.19 22.40
C GLY A 512 18.77 10.97 21.94
N ASP A 513 20.05 10.89 22.28
CA ASP A 513 20.82 9.69 21.95
C ASP A 513 20.25 8.48 22.69
N HIS A 514 20.68 7.30 22.27
CA HIS A 514 20.23 6.07 22.89
C HIS A 514 21.38 5.41 23.64
N VAL A 515 21.03 4.66 24.68
CA VAL A 515 22.01 3.87 25.42
C VAL A 515 21.61 2.40 25.29
N ALA A 516 22.55 1.59 24.80
CA ALA A 516 22.34 0.15 24.68
C ALA A 516 23.03 -0.56 25.85
N VAL A 517 22.44 -1.69 26.24
CA VAL A 517 22.83 -2.42 27.43
C VAL A 517 22.91 -3.90 27.10
N TYR A 518 24.01 -4.55 27.48
CA TYR A 518 24.16 -6.00 27.34
C TYR A 518 23.72 -6.67 28.63
N PRO A 519 22.58 -7.37 28.64
CA PRO A 519 22.08 -7.93 29.90
C PRO A 519 22.57 -9.35 30.18
N ALA A 520 22.06 -9.95 31.25
CA ALA A 520 22.39 -11.32 31.64
C ALA A 520 21.10 -12.05 32.00
N ASN A 521 20.95 -13.27 31.49
CA ASN A 521 19.78 -14.08 31.80
C ASN A 521 19.70 -14.36 33.29
N ASP A 522 18.49 -14.64 33.75
CA ASP A 522 18.28 -14.97 35.16
C ASP A 522 18.97 -16.28 35.50
N SER A 523 19.81 -16.23 36.53
CA SER A 523 20.66 -17.39 36.84
C SER A 523 19.84 -18.61 37.25
N ALA A 524 18.64 -18.39 37.80
CA ALA A 524 17.76 -19.51 38.11
C ALA A 524 17.38 -20.28 36.85
N LEU A 525 17.10 -19.55 35.76
CA LEU A 525 16.84 -20.19 34.47
C LEU A 525 18.02 -21.05 34.02
N VAL A 526 19.23 -20.51 34.15
CA VAL A 526 20.43 -21.24 33.73
C VAL A 526 20.57 -22.52 34.55
N ASN A 527 20.43 -22.40 35.87
CA ASN A 527 20.55 -23.58 36.73
C ASN A 527 19.48 -24.60 36.43
N GLN A 528 18.25 -24.16 36.18
CA GLN A 528 17.17 -25.09 35.87
C GLN A 528 17.41 -25.82 34.56
N ILE A 529 17.90 -25.10 33.55
CA ILE A 529 18.20 -25.75 32.27
C ILE A 529 19.33 -26.75 32.44
N GLY A 530 20.39 -26.38 33.15
CA GLY A 530 21.48 -27.30 33.39
C GLY A 530 21.07 -28.53 34.17
N GLU A 531 20.13 -28.36 35.10
CA GLU A 531 19.57 -29.48 35.85
C GLU A 531 18.80 -30.40 34.91
N ILE A 532 17.70 -29.89 34.33
CA ILE A 532 16.80 -30.73 33.55
C ILE A 532 17.52 -31.35 32.36
N LEU A 533 18.58 -30.71 31.86
CA LEU A 533 19.34 -31.29 30.76
C LEU A 533 20.34 -32.34 31.23
N GLY A 534 20.67 -32.37 32.52
CA GLY A 534 21.59 -33.36 33.04
C GLY A 534 23.00 -33.19 32.51
N ALA A 535 23.56 -31.99 32.69
CA ALA A 535 24.93 -31.72 32.27
C ALA A 535 25.58 -30.79 33.28
N ASP A 536 26.91 -30.70 33.19
CA ASP A 536 27.69 -29.83 34.06
C ASP A 536 27.91 -28.50 33.36
N LEU A 537 27.57 -27.41 34.04
CA LEU A 537 27.59 -26.09 33.42
C LEU A 537 28.95 -25.43 33.45
N ASP A 538 29.77 -25.74 34.45
CA ASP A 538 31.08 -25.11 34.60
C ASP A 538 32.17 -25.78 33.77
N VAL A 539 31.80 -26.51 32.74
CA VAL A 539 32.77 -27.21 31.90
C VAL A 539 33.33 -26.24 30.86
N ILE A 540 34.63 -25.96 30.96
CA ILE A 540 35.29 -25.11 29.98
C ILE A 540 35.40 -25.86 28.66
N MET A 541 34.92 -25.24 27.59
CA MET A 541 34.85 -25.90 26.29
C MET A 541 34.96 -24.85 25.19
N SER A 542 34.77 -25.29 23.95
CA SER A 542 34.76 -24.41 22.81
C SER A 542 33.93 -25.05 21.71
N LEU A 543 33.39 -24.21 20.83
CA LEU A 543 32.67 -24.66 19.64
C LEU A 543 33.33 -24.03 18.42
N ASN A 544 33.90 -24.88 17.56
CA ASN A 544 34.72 -24.42 16.44
C ASN A 544 34.01 -24.76 15.14
N ASN A 545 33.77 -23.74 14.32
CA ASN A 545 33.15 -23.94 13.02
C ASN A 545 34.12 -24.66 12.08
N LEU A 546 33.73 -25.83 11.61
CA LEU A 546 34.49 -26.52 10.56
C LEU A 546 33.90 -26.24 9.19
N ASP A 547 33.59 -24.97 8.97
CA ASP A 547 33.36 -24.41 7.65
C ASP A 547 34.56 -23.51 7.39
N GLU A 548 35.68 -24.15 7.07
CA GLU A 548 37.01 -23.60 7.37
C GLU A 548 37.18 -22.17 6.91
N GLU A 549 36.65 -21.84 5.73
CA GLU A 549 36.82 -20.49 5.19
C GLU A 549 35.70 -19.53 5.61
N SER A 550 35.01 -19.84 6.71
CA SER A 550 34.08 -18.90 7.34
C SER A 550 34.78 -18.33 8.57
N ASN A 551 35.24 -17.09 8.46
CA ASN A 551 35.98 -16.49 9.57
C ASN A 551 35.11 -16.21 10.79
N LYS A 552 33.85 -16.65 10.77
CA LYS A 552 33.01 -16.71 11.96
C LYS A 552 33.31 -18.03 12.67
N LYS A 553 34.42 -18.03 13.41
CA LYS A 553 34.99 -19.27 13.94
C LYS A 553 34.27 -19.80 15.17
N HIS A 554 33.35 -19.04 15.75
CA HIS A 554 32.64 -19.47 16.95
C HIS A 554 31.22 -18.92 16.89
N PRO A 555 30.28 -19.54 17.60
CA PRO A 555 28.97 -18.91 17.76
C PRO A 555 28.97 -17.78 18.77
N PHE A 556 29.93 -17.77 19.69
CA PHE A 556 30.08 -16.72 20.68
C PHE A 556 31.51 -16.79 21.21
N PRO A 557 31.96 -15.76 21.93
CA PRO A 557 33.34 -15.78 22.45
C PRO A 557 33.68 -17.06 23.19
N CYS A 558 34.79 -17.68 22.79
CA CYS A 558 35.26 -18.96 23.29
C CYS A 558 36.77 -18.89 23.48
N PRO A 559 37.34 -19.71 24.38
CA PRO A 559 36.71 -20.73 25.22
C PRO A 559 35.93 -20.17 26.41
N THR A 560 34.87 -20.87 26.80
CA THR A 560 34.06 -20.45 27.94
C THR A 560 33.24 -21.65 28.41
N THR A 561 32.64 -21.48 29.59
CA THR A 561 31.80 -22.53 30.14
C THR A 561 30.39 -22.45 29.55
N TYR A 562 29.63 -23.53 29.74
CA TYR A 562 28.23 -23.52 29.34
C TYR A 562 27.41 -22.58 30.20
N ARG A 563 27.76 -22.46 31.49
CA ARG A 563 27.06 -21.52 32.35
C ARG A 563 27.25 -20.09 31.86
N THR A 564 28.49 -19.72 31.53
CA THR A 564 28.76 -18.37 31.06
C THR A 564 28.06 -18.08 29.74
N ALA A 565 28.11 -19.02 28.80
CA ALA A 565 27.46 -18.84 27.52
C ALA A 565 25.94 -18.71 27.67
N LEU A 566 25.35 -19.52 28.55
CA LEU A 566 23.92 -19.42 28.79
C LEU A 566 23.55 -18.12 29.50
N THR A 567 24.46 -17.60 30.32
CA THR A 567 24.14 -16.42 31.11
C THR A 567 24.31 -15.13 30.32
N TYR A 568 25.34 -15.04 29.49
CA TYR A 568 25.69 -13.77 28.85
C TYR A 568 25.62 -13.76 27.33
N TYR A 569 25.71 -14.91 26.66
CA TYR A 569 25.88 -14.94 25.21
C TYR A 569 24.66 -15.43 24.44
N LEU A 570 23.75 -16.16 25.06
CA LEU A 570 22.64 -16.79 24.35
C LEU A 570 21.30 -16.26 24.86
N ASP A 571 20.30 -16.33 23.99
CA ASP A 571 18.95 -15.85 24.28
C ASP A 571 18.08 -17.04 24.63
N ILE A 572 17.89 -17.26 25.93
CA ILE A 572 17.16 -18.42 26.43
C ILE A 572 15.72 -18.06 26.83
N THR A 573 15.23 -16.90 26.39
CA THR A 573 13.94 -16.41 26.82
C THR A 573 12.94 -16.21 25.68
N ASN A 574 13.39 -15.80 24.49
CA ASN A 574 12.48 -15.62 23.39
C ASN A 574 12.04 -16.98 22.84
N PRO A 575 10.86 -17.05 22.23
CA PRO A 575 10.37 -18.32 21.68
C PRO A 575 11.34 -18.89 20.66
N PRO A 576 11.49 -20.21 20.63
CA PRO A 576 12.47 -20.84 19.75
C PRO A 576 12.02 -20.89 18.30
N ARG A 577 12.99 -20.77 17.40
CA ARG A 577 12.74 -20.82 15.97
C ARG A 577 12.53 -22.26 15.52
N THR A 578 12.02 -22.39 14.29
CA THR A 578 11.69 -23.71 13.76
C THR A 578 12.92 -24.61 13.66
N ASN A 579 14.08 -24.01 13.34
CA ASN A 579 15.27 -24.82 13.10
C ASN A 579 15.70 -25.57 14.35
N VAL A 580 15.57 -24.94 15.53
CA VAL A 580 15.99 -25.61 16.75
C VAL A 580 15.03 -26.72 17.11
N LEU A 581 13.74 -26.56 16.80
CA LEU A 581 12.79 -27.65 17.03
C LEU A 581 13.09 -28.82 16.11
N TYR A 582 13.43 -28.55 14.85
CA TYR A 582 13.80 -29.63 13.95
C TYR A 582 15.04 -30.37 14.44
N GLU A 583 16.08 -29.62 14.80
CA GLU A 583 17.31 -30.26 15.26
C GLU A 583 17.19 -30.85 16.66
N LEU A 584 16.12 -30.54 17.40
CA LEU A 584 15.85 -31.20 18.67
C LEU A 584 14.93 -32.41 18.51
N ALA A 585 14.22 -32.52 17.40
CA ALA A 585 13.34 -33.65 17.18
C ALA A 585 14.09 -34.98 17.27
N GLN A 586 15.36 -35.00 16.85
CA GLN A 586 16.16 -36.22 16.92
C GLN A 586 16.56 -36.59 18.35
N TYR A 587 16.21 -35.77 19.35
CA TYR A 587 16.55 -36.05 20.74
C TYR A 587 15.31 -36.33 21.59
N ALA A 588 14.15 -36.53 20.96
CA ALA A 588 12.93 -36.88 21.68
C ALA A 588 12.76 -38.40 21.72
N SER A 589 12.56 -38.93 22.92
CA SER A 589 12.41 -40.38 23.07
C SER A 589 11.04 -40.84 22.56
N GLU A 590 9.97 -40.22 23.06
CA GLU A 590 8.62 -40.65 22.66
C GLU A 590 8.33 -40.19 21.24
N PRO A 591 7.78 -41.05 20.39
CA PRO A 591 7.44 -40.62 19.02
C PRO A 591 6.27 -39.65 18.96
N SER A 592 5.48 -39.51 20.04
CA SER A 592 4.47 -38.46 20.06
C SER A 592 5.12 -37.09 20.11
N GLU A 593 6.07 -36.91 21.02
CA GLU A 593 6.74 -35.62 21.14
C GLU A 593 7.72 -35.39 19.99
N GLN A 594 8.37 -36.46 19.51
CA GLN A 594 9.20 -36.34 18.33
C GLN A 594 8.39 -35.94 17.11
N GLU A 595 7.20 -36.54 16.95
CA GLU A 595 6.35 -36.20 15.83
C GLU A 595 5.79 -34.79 15.97
N HIS A 596 5.55 -34.33 17.20
CA HIS A 596 5.13 -32.95 17.41
C HIS A 596 6.23 -32.00 16.98
N LEU A 597 7.48 -32.25 17.42
CA LEU A 597 8.60 -31.41 17.02
C LEU A 597 8.79 -31.42 15.51
N HIS A 598 8.62 -32.58 14.87
CA HIS A 598 8.71 -32.65 13.42
C HIS A 598 7.63 -31.80 12.76
N LYS A 599 6.36 -32.04 13.12
CA LYS A 599 5.25 -31.32 12.48
C LYS A 599 5.36 -29.81 12.70
N MET A 600 5.94 -29.39 13.82
CA MET A 600 6.12 -27.95 14.05
C MET A 600 7.10 -27.31 13.09
N ALA A 601 7.80 -28.09 12.26
CA ALA A 601 8.71 -27.56 11.26
C ALA A 601 8.03 -27.36 9.91
N SER A 602 6.74 -27.69 9.79
CA SER A 602 5.99 -27.52 8.55
C SER A 602 5.40 -26.11 8.51
N SER A 603 5.85 -25.29 7.57
CA SER A 603 5.27 -23.96 7.44
C SER A 603 3.83 -23.99 6.97
N SER A 604 3.46 -24.98 6.15
CA SER A 604 2.09 -25.16 5.70
C SER A 604 1.45 -26.35 6.44
N GLY A 605 0.13 -26.33 6.55
CA GLY A 605 -0.56 -27.37 7.29
C GLY A 605 -0.71 -27.05 8.76
N GLU A 606 -1.32 -27.99 9.49
CA GLU A 606 -1.57 -27.78 10.90
C GLU A 606 -0.30 -27.77 11.73
N GLY A 607 0.86 -28.04 11.13
CA GLY A 607 2.10 -27.87 11.85
C GLY A 607 2.39 -26.41 12.18
N LYS A 608 2.11 -25.51 11.24
CA LYS A 608 2.23 -24.08 11.55
C LYS A 608 1.24 -23.66 12.63
N GLU A 609 0.02 -24.20 12.59
CA GLU A 609 -0.95 -23.91 13.64
C GLU A 609 -0.39 -24.34 15.00
N LEU A 610 0.16 -25.55 15.06
CA LEU A 610 0.74 -26.05 16.31
C LEU A 610 1.90 -25.17 16.78
N TYR A 611 2.79 -24.80 15.86
CA TYR A 611 3.95 -23.99 16.22
C TYR A 611 3.54 -22.60 16.70
N LEU A 612 2.59 -21.96 16.01
CA LEU A 612 2.16 -20.63 16.40
C LEU A 612 1.36 -20.65 17.69
N SER A 613 0.57 -21.70 17.92
CA SER A 613 -0.29 -21.74 19.09
C SER A 613 0.50 -22.13 20.34
N TRP A 614 1.25 -23.22 20.27
CA TRP A 614 1.85 -23.81 21.48
C TRP A 614 3.17 -23.16 21.85
N VAL A 615 3.82 -22.44 20.93
CA VAL A 615 5.14 -21.85 21.17
C VAL A 615 5.07 -20.32 21.15
N VAL A 616 4.68 -19.74 20.00
CA VAL A 616 4.69 -18.29 19.86
C VAL A 616 3.60 -17.66 20.71
N GLU A 617 2.34 -18.03 20.47
CA GLU A 617 1.24 -17.43 21.21
C GLU A 617 1.32 -17.76 22.69
N ALA A 618 1.76 -18.98 23.01
CA ALA A 618 1.89 -19.36 24.41
C ALA A 618 3.15 -18.80 25.04
N ARG A 619 4.11 -18.34 24.24
CA ARG A 619 5.32 -17.69 24.73
C ARG A 619 6.13 -18.65 25.60
N ARG A 620 6.52 -19.77 25.00
CA ARG A 620 7.32 -20.78 25.67
C ARG A 620 8.79 -20.56 25.36
N HIS A 621 9.60 -20.38 26.41
CA HIS A 621 11.04 -20.33 26.23
C HIS A 621 11.60 -21.76 26.15
N ILE A 622 12.93 -21.86 26.05
CA ILE A 622 13.56 -23.17 25.86
C ILE A 622 13.34 -24.06 27.09
N LEU A 623 13.40 -23.47 28.29
CA LEU A 623 13.17 -24.26 29.49
C LEU A 623 11.76 -24.81 29.54
N ALA A 624 10.76 -24.01 29.16
CA ALA A 624 9.39 -24.48 29.15
C ALA A 624 9.22 -25.64 28.17
N ILE A 625 9.88 -25.57 27.02
CA ILE A 625 9.80 -26.65 26.05
C ILE A 625 10.45 -27.92 26.59
N LEU A 626 11.63 -27.79 27.21
CA LEU A 626 12.28 -28.95 27.80
C LEU A 626 11.46 -29.54 28.94
N GLN A 627 10.68 -28.70 29.62
CA GLN A 627 9.86 -29.20 30.72
C GLN A 627 8.63 -29.94 30.21
N ASP A 628 7.87 -29.30 29.31
CA ASP A 628 6.62 -29.91 28.83
C ASP A 628 6.87 -31.07 27.88
N TYR A 629 8.08 -31.19 27.32
CA TYR A 629 8.48 -32.33 26.50
C TYR A 629 9.61 -33.06 27.20
N PRO A 630 9.30 -33.90 28.20
CA PRO A 630 10.37 -34.59 28.96
C PRO A 630 11.14 -35.60 28.14
N SER A 631 10.70 -35.93 26.92
CA SER A 631 11.47 -36.80 26.06
C SER A 631 12.78 -36.16 25.63
N LEU A 632 12.77 -34.83 25.46
CA LEU A 632 13.95 -34.09 25.02
C LEU A 632 15.08 -34.19 26.03
N ARG A 633 16.15 -34.88 25.67
CA ARG A 633 17.39 -34.90 26.44
C ARG A 633 18.58 -34.62 25.52
N PRO A 634 18.61 -33.45 24.89
CA PRO A 634 19.70 -33.16 23.95
C PRO A 634 20.96 -32.79 24.68
N PRO A 635 22.12 -32.85 24.03
CA PRO A 635 23.35 -32.38 24.67
C PRO A 635 23.32 -30.87 24.81
N ILE A 636 24.25 -30.37 25.61
CA ILE A 636 24.26 -28.93 25.88
C ILE A 636 25.04 -28.17 24.81
N ASP A 637 26.04 -28.80 24.19
CA ASP A 637 26.82 -28.11 23.17
C ASP A 637 26.00 -27.89 21.89
N HIS A 638 25.22 -28.89 21.48
CA HIS A 638 24.33 -28.70 20.33
C HIS A 638 23.29 -27.62 20.63
N LEU A 639 22.77 -27.60 21.86
CA LEU A 639 21.83 -26.56 22.26
C LEU A 639 22.47 -25.18 22.17
N CYS A 640 23.71 -25.05 22.68
CA CYS A 640 24.42 -23.78 22.58
C CYS A 640 24.76 -23.42 21.15
N GLU A 641 24.78 -24.39 20.24
CA GLU A 641 24.95 -24.08 18.84
C GLU A 641 23.65 -23.59 18.21
N LEU A 642 22.50 -24.11 18.66
CA LEU A 642 21.22 -23.79 18.03
C LEU A 642 20.59 -22.49 18.53
N LEU A 643 20.91 -22.05 19.75
CA LEU A 643 20.19 -20.91 20.32
C LEU A 643 20.75 -19.60 19.76
N PRO A 644 19.89 -18.61 19.51
CA PRO A 644 20.35 -17.31 19.02
C PRO A 644 21.06 -16.51 20.10
N ARG A 645 21.87 -15.55 19.65
CA ARG A 645 22.66 -14.74 20.58
C ARG A 645 21.77 -13.80 21.37
N LEU A 646 22.23 -13.45 22.56
CA LEU A 646 21.52 -12.51 23.42
C LEU A 646 21.77 -11.09 22.92
N GLN A 647 20.70 -10.41 22.50
CA GLN A 647 20.82 -9.08 21.92
C GLN A 647 20.88 -8.02 23.01
N ALA A 648 21.61 -6.94 22.72
CA ALA A 648 21.57 -5.77 23.58
C ALA A 648 20.24 -5.05 23.43
N ARG A 649 19.82 -4.36 24.48
CA ARG A 649 18.56 -3.64 24.47
C ARG A 649 18.80 -2.15 24.61
N TYR A 650 18.06 -1.36 23.84
CA TYR A 650 18.24 0.07 23.76
C TYR A 650 17.21 0.81 24.61
N TYR A 651 17.64 1.94 25.17
CA TYR A 651 16.78 2.79 25.98
C TYR A 651 17.05 4.25 25.65
N SER A 652 15.99 5.05 25.67
CA SER A 652 16.12 6.48 25.40
C SER A 652 16.77 7.16 26.60
N ILE A 653 17.88 7.88 26.35
CA ILE A 653 18.61 8.53 27.42
C ILE A 653 17.74 9.61 28.04
N ALA A 654 17.55 9.54 29.36
CA ALA A 654 16.65 10.43 30.09
C ALA A 654 17.40 11.52 30.84
N SER A 655 18.54 11.98 30.33
CA SER A 655 19.27 13.05 30.98
C SER A 655 20.00 13.87 29.92
N SER A 656 20.36 15.09 30.31
CA SER A 656 21.14 15.98 29.46
C SER A 656 22.59 15.93 29.89
N SER A 657 23.49 15.76 28.92
CA SER A 657 24.92 15.77 29.20
C SER A 657 25.42 17.14 29.64
N LYS A 658 24.62 18.19 29.49
CA LYS A 658 25.06 19.51 29.93
C LYS A 658 24.85 19.71 31.42
N VAL A 659 23.90 19.00 32.02
CA VAL A 659 23.71 19.02 33.46
C VAL A 659 24.20 17.73 34.12
N HIS A 660 24.24 16.62 33.39
CA HIS A 660 24.72 15.33 33.91
C HIS A 660 25.79 14.81 32.96
N PRO A 661 26.97 15.45 32.95
CA PRO A 661 28.00 15.03 31.98
C PRO A 661 28.57 13.65 32.25
N ASN A 662 28.71 13.26 33.51
CA ASN A 662 29.30 11.98 33.87
C ASN A 662 28.27 10.92 34.22
N SER A 663 27.01 11.13 33.83
CA SER A 663 25.94 10.20 34.17
C SER A 663 24.95 10.09 33.02
N VAL A 664 24.40 8.88 32.86
CA VAL A 664 23.38 8.59 31.85
C VAL A 664 22.17 8.01 32.56
N HIS A 665 21.02 8.67 32.41
CA HIS A 665 19.80 8.28 33.12
C HIS A 665 18.89 7.47 32.20
N ILE A 666 18.37 6.36 32.72
CA ILE A 666 17.48 5.49 31.98
C ILE A 666 16.13 5.46 32.68
N CYS A 667 15.06 5.52 31.89
CA CYS A 667 13.69 5.41 32.38
C CYS A 667 13.03 4.23 31.69
N ALA A 668 12.67 3.21 32.46
CA ALA A 668 12.23 1.95 31.86
C ALA A 668 11.01 1.40 32.59
N VAL A 669 10.26 0.56 31.89
CA VAL A 669 9.16 -0.21 32.47
C VAL A 669 9.56 -1.67 32.47
N ALA A 670 9.45 -2.31 33.64
CA ALA A 670 9.84 -3.71 33.77
C ALA A 670 8.84 -4.60 33.06
N VAL A 671 9.34 -5.52 32.24
CA VAL A 671 8.50 -6.48 31.53
C VAL A 671 8.32 -7.71 32.40
N GLU A 672 7.07 -8.10 32.61
CA GLU A 672 6.73 -9.27 33.43
C GLU A 672 5.27 -9.62 33.19
N TYR A 673 4.99 -10.83 32.74
CA TYR A 673 3.63 -11.18 32.35
C TYR A 673 3.38 -12.66 32.54
N GLU A 674 2.11 -13.01 32.75
CA GLU A 674 1.70 -14.40 32.84
C GLU A 674 1.36 -14.89 31.44
N ALA A 675 2.24 -15.72 30.88
CA ALA A 675 2.03 -16.24 29.53
C ALA A 675 0.91 -17.28 29.53
N LYS A 676 0.34 -17.48 28.34
CA LYS A 676 -0.72 -18.46 28.15
C LYS A 676 -0.25 -19.89 28.36
N SER A 677 1.06 -20.12 28.51
CA SER A 677 1.57 -21.43 28.89
C SER A 677 1.62 -21.62 30.39
N GLY A 678 0.97 -20.73 31.14
CA GLY A 678 0.93 -20.80 32.59
C GLY A 678 2.09 -20.13 33.30
N ARG A 679 3.31 -20.34 32.81
CA ARG A 679 4.49 -19.77 33.45
C ARG A 679 4.46 -18.24 33.38
N VAL A 680 5.16 -17.62 34.33
CA VAL A 680 5.31 -16.18 34.40
C VAL A 680 6.67 -15.81 33.81
N ASN A 681 6.66 -15.08 32.70
CA ASN A 681 7.87 -14.70 32.00
C ASN A 681 8.33 -13.29 32.39
N LYS A 682 9.65 -13.12 32.39
CA LYS A 682 10.31 -11.89 32.81
C LYS A 682 11.16 -11.36 31.67
N GLY A 683 11.19 -10.04 31.51
CA GLY A 683 12.04 -9.42 30.50
C GLY A 683 13.49 -9.46 30.92
N VAL A 684 14.36 -9.88 30.00
CA VAL A 684 15.78 -10.06 30.33
C VAL A 684 16.39 -8.76 30.86
N ALA A 685 16.45 -7.74 30.01
CA ALA A 685 17.17 -6.52 30.37
C ALA A 685 16.51 -5.81 31.55
N THR A 686 15.18 -5.74 31.56
CA THR A 686 14.51 -4.96 32.60
C THR A 686 14.62 -5.65 33.96
N SER A 687 14.51 -6.98 33.99
CA SER A 687 14.71 -7.69 35.25
C SER A 687 16.15 -7.59 35.71
N TRP A 688 17.09 -7.76 34.78
CA TRP A 688 18.51 -7.63 35.09
C TRP A 688 18.84 -6.25 35.68
N LEU A 689 18.27 -5.20 35.10
CA LEU A 689 18.50 -3.85 35.61
C LEU A 689 17.79 -3.61 36.94
N ARG A 690 16.60 -4.18 37.09
CA ARG A 690 15.84 -4.01 38.32
C ARG A 690 16.61 -4.54 39.53
N ALA A 691 17.31 -5.67 39.36
CA ALA A 691 18.08 -6.25 40.45
C ALA A 691 19.31 -5.44 40.82
N LYS A 692 19.76 -4.55 39.93
CA LYS A 692 20.98 -3.77 40.17
C LYS A 692 20.73 -2.76 41.29
N GLU A 693 21.41 -2.95 42.42
CA GLU A 693 21.34 -2.01 43.51
C GLU A 693 22.71 -1.41 43.79
N PRO A 694 22.79 -0.09 44.06
CA PRO A 694 24.06 0.58 44.36
C PRO A 694 24.61 0.20 45.74
N ALA A 702 28.12 -3.42 41.31
CA ALA A 702 26.89 -3.32 40.53
C ALA A 702 27.13 -2.59 39.21
N LEU A 703 27.63 -3.32 38.22
CA LEU A 703 28.03 -2.74 36.95
C LEU A 703 27.06 -3.14 35.85
N VAL A 704 27.00 -2.30 34.81
CA VAL A 704 26.16 -2.54 33.64
C VAL A 704 26.99 -2.30 32.39
N PRO A 705 27.24 -3.32 31.57
CA PRO A 705 27.91 -3.08 30.28
C PRO A 705 27.01 -2.36 29.30
N MET A 706 27.38 -1.13 28.94
CA MET A 706 26.55 -0.30 28.07
C MET A 706 27.43 0.41 27.06
N PHE A 707 26.80 0.90 26.00
CA PHE A 707 27.43 1.86 25.10
C PHE A 707 26.36 2.83 24.62
N VAL A 708 26.77 3.84 23.85
CA VAL A 708 25.89 4.91 23.41
C VAL A 708 25.82 4.91 21.89
N ARG A 709 24.62 4.96 21.35
CA ARG A 709 24.40 5.05 19.90
C ARG A 709 23.80 6.41 19.59
N LYS A 710 24.44 7.13 18.67
CA LYS A 710 23.94 8.42 18.22
C LYS A 710 22.58 8.27 17.55
N SER A 711 21.69 9.19 17.86
CA SER A 711 20.40 9.32 17.17
C SER A 711 20.37 10.68 16.46
N GLN A 712 19.22 10.98 15.87
CA GLN A 712 18.98 12.28 15.24
C GLN A 712 17.94 13.09 15.99
N PHE A 713 17.50 12.63 17.15
CA PHE A 713 16.60 13.39 18.01
C PHE A 713 17.40 14.49 18.70
N ARG A 714 17.17 15.74 18.31
CA ARG A 714 17.99 16.84 18.78
C ARG A 714 17.14 18.07 19.05
N LEU A 715 17.45 18.77 20.14
CA LEU A 715 16.86 20.07 20.39
C LEU A 715 17.30 21.07 19.32
N PRO A 716 16.50 22.10 19.05
CA PRO A 716 16.91 23.08 18.05
C PRO A 716 18.15 23.84 18.48
N PHE A 717 18.96 24.20 17.49
CA PHE A 717 20.20 24.92 17.75
C PHE A 717 19.93 26.26 18.44
N LYS A 718 18.99 27.03 17.90
CA LYS A 718 18.61 28.29 18.53
C LYS A 718 17.81 28.01 19.80
N SER A 719 18.27 28.56 20.92
CA SER A 719 17.54 28.37 22.17
C SER A 719 16.17 29.05 22.12
N THR A 720 16.01 30.05 21.26
CA THR A 720 14.74 30.75 21.15
C THR A 720 13.64 29.91 20.50
N THR A 721 14.02 28.89 19.73
CA THR A 721 13.04 28.06 19.04
C THR A 721 12.18 27.29 20.04
N PRO A 722 10.86 27.33 19.92
CA PRO A 722 10.01 26.55 20.83
C PRO A 722 9.92 25.09 20.44
N VAL A 723 9.69 24.24 21.44
CA VAL A 723 9.60 22.79 21.24
C VAL A 723 8.24 22.29 21.72
N ILE A 724 7.67 21.36 20.96
CA ILE A 724 6.41 20.71 21.30
C ILE A 724 6.69 19.22 21.41
N MET A 725 6.88 18.74 22.63
CA MET A 725 7.22 17.35 22.89
C MET A 725 5.95 16.58 23.21
N VAL A 726 5.79 15.41 22.60
CA VAL A 726 4.64 14.55 22.82
C VAL A 726 5.17 13.16 23.12
N GLY A 727 4.88 12.66 24.33
CA GLY A 727 5.42 11.39 24.74
C GLY A 727 4.60 10.72 25.81
N PRO A 728 3.72 9.81 25.39
CA PRO A 728 2.92 9.04 26.36
C PRO A 728 3.76 7.93 26.98
N GLY A 729 3.65 7.80 28.31
CA GLY A 729 4.33 6.71 28.99
C GLY A 729 5.84 6.89 29.02
N THR A 730 6.55 5.77 28.89
CA THR A 730 8.01 5.77 28.89
C THR A 730 8.58 6.70 27.81
N GLY A 731 7.77 7.08 26.81
CA GLY A 731 8.22 8.02 25.81
C GLY A 731 8.56 9.38 26.35
N ILE A 732 8.30 9.64 27.63
CA ILE A 732 8.78 10.87 28.25
C ILE A 732 10.27 10.85 28.50
N ALA A 733 10.93 9.70 28.31
CA ALA A 733 12.32 9.49 28.68
C ALA A 733 13.24 10.56 28.10
N PRO A 734 13.31 10.76 26.77
CA PRO A 734 14.23 11.78 26.27
C PRO A 734 13.84 13.20 26.64
N PHE A 735 12.53 13.48 26.71
CA PHE A 735 12.08 14.84 26.93
C PHE A 735 12.57 15.37 28.27
N MET A 736 12.59 14.51 29.30
CA MET A 736 13.21 14.87 30.58
C MET A 736 14.57 15.52 30.33
N GLY A 737 15.45 14.81 29.63
CA GLY A 737 16.73 15.35 29.21
C GLY A 737 16.57 16.71 28.56
N PHE A 738 15.75 16.76 27.50
CA PHE A 738 15.43 18.04 26.86
C PHE A 738 15.15 19.10 27.91
N ILE A 739 14.15 18.84 28.76
CA ILE A 739 13.72 19.84 29.74
C ILE A 739 14.90 20.26 30.60
N GLN A 740 15.67 19.28 31.10
CA GLN A 740 16.86 19.57 31.86
C GLN A 740 17.72 20.58 31.11
N GLU A 741 18.13 20.22 29.90
CA GLU A 741 18.97 21.11 29.10
C GLU A 741 18.29 22.45 28.91
N ARG A 742 16.99 22.44 28.62
CA ARG A 742 16.27 23.70 28.46
C ARG A 742 16.36 24.53 29.72
N ALA A 743 16.06 23.92 30.88
CA ALA A 743 16.24 24.61 32.14
C ALA A 743 17.65 25.14 32.27
N TRP A 744 18.65 24.33 31.91
CA TRP A 744 20.03 24.74 32.00
C TRP A 744 20.28 25.98 31.15
N LEU A 745 19.71 26.04 29.96
CA LEU A 745 19.93 27.20 29.10
C LEU A 745 19.34 28.46 29.74
N ARG A 746 18.24 28.31 30.48
CA ARG A 746 17.70 29.47 31.17
C ARG A 746 18.64 29.93 32.28
N GLU A 747 19.33 28.99 32.93
CA GLU A 747 20.22 29.35 34.02
C GLU A 747 21.51 29.99 33.54
N GLN A 748 21.90 29.73 32.29
CA GLN A 748 23.05 30.39 31.71
C GLN A 748 22.75 31.81 31.23
N GLY A 749 21.51 32.28 31.39
CA GLY A 749 21.15 33.61 30.95
C GLY A 749 20.71 33.73 29.52
N LYS A 750 20.54 32.61 28.82
CA LYS A 750 20.10 32.64 27.43
C LYS A 750 18.58 32.77 27.36
N GLU A 751 18.10 33.29 26.23
CA GLU A 751 16.68 33.43 26.00
C GLU A 751 16.13 32.12 25.43
N VAL A 752 15.21 31.49 26.16
CA VAL A 752 14.66 30.18 25.81
C VAL A 752 13.20 30.35 25.41
N GLY A 753 12.83 29.77 24.27
CA GLY A 753 11.47 29.81 23.80
C GLY A 753 10.56 28.90 24.62
N GLU A 754 9.32 28.80 24.15
CA GLU A 754 8.34 27.97 24.83
C GLU A 754 8.74 26.50 24.80
N THR A 755 8.47 25.79 25.90
CA THR A 755 8.80 24.38 26.03
C THR A 755 7.52 23.66 26.47
N LEU A 756 6.83 23.04 25.52
CA LEU A 756 5.53 22.41 25.79
C LEU A 756 5.69 20.89 25.89
N LEU A 757 5.10 20.30 26.92
CA LEU A 757 5.10 18.86 27.13
C LEU A 757 3.68 18.33 27.07
N TYR A 758 3.48 17.27 26.30
CA TYR A 758 2.22 16.55 26.23
C TYR A 758 2.49 15.11 26.63
N TYR A 759 2.27 14.82 27.92
CA TYR A 759 2.54 13.53 28.51
C TYR A 759 1.24 12.79 28.73
N GLY A 760 1.33 11.46 28.72
CA GLY A 760 0.15 10.64 28.91
C GLY A 760 0.41 9.45 29.83
N CYS A 761 -0.53 9.18 30.72
CA CYS A 761 -0.43 8.05 31.64
C CYS A 761 -1.85 7.58 31.96
N ARG A 762 -1.93 6.58 32.84
CA ARG A 762 -3.24 6.03 33.19
C ARG A 762 -3.93 6.91 34.24
N ARG A 763 -3.45 6.87 35.48
CA ARG A 763 -4.04 7.60 36.58
C ARG A 763 -3.00 8.50 37.22
N SER A 764 -3.48 9.61 37.80
CA SER A 764 -2.58 10.60 38.40
C SER A 764 -1.77 10.03 39.56
N ASP A 765 -2.32 9.01 40.24
CA ASP A 765 -1.65 8.42 41.39
C ASP A 765 -1.04 7.05 41.09
N GLU A 766 -1.07 6.61 39.82
CA GLU A 766 -0.57 5.29 39.48
C GLU A 766 0.79 5.36 38.80
N ASP A 767 0.83 5.85 37.58
CA ASP A 767 2.05 5.87 36.77
C ASP A 767 2.29 7.24 36.16
N TYR A 768 2.22 8.27 37.01
CA TYR A 768 2.57 9.63 36.63
C TYR A 768 4.07 9.76 36.82
N LEU A 769 4.83 9.49 35.76
CA LEU A 769 6.28 9.47 35.86
C LEU A 769 6.84 10.88 36.04
N TYR A 770 7.79 11.00 36.98
CA TYR A 770 8.48 12.25 37.27
C TYR A 770 7.50 13.38 37.61
N ARG A 771 6.45 13.05 38.37
CA ARG A 771 5.46 14.06 38.72
C ARG A 771 6.09 15.23 39.46
N GLU A 772 6.92 14.93 40.46
CA GLU A 772 7.50 15.99 41.29
C GLU A 772 8.51 16.81 40.49
N GLU A 773 9.39 16.15 39.74
CA GLU A 773 10.39 16.86 38.95
C GLU A 773 9.73 17.70 37.87
N LEU A 774 8.71 17.16 37.20
CA LEU A 774 7.98 17.94 36.20
C LEU A 774 7.28 19.13 36.82
N ALA A 775 6.69 18.95 38.01
CA ALA A 775 6.06 20.06 38.70
C ALA A 775 7.07 21.17 39.01
N ARG A 776 8.22 20.79 39.57
CA ARG A 776 9.26 21.77 39.83
C ARG A 776 9.71 22.48 38.57
N PHE A 777 9.88 21.74 37.47
CA PHE A 777 10.25 22.37 36.20
C PHE A 777 9.19 23.38 35.76
N HIS A 778 7.91 23.02 35.90
CA HIS A 778 6.84 23.91 35.47
C HIS A 778 6.79 25.17 36.31
N LYS A 779 6.96 25.05 37.64
CA LYS A 779 6.83 26.24 38.48
C LYS A 779 8.02 27.18 38.34
N ASP A 780 9.17 26.69 37.87
CA ASP A 780 10.32 27.55 37.62
C ASP A 780 10.25 28.27 36.28
N GLY A 781 9.28 27.95 35.43
CA GLY A 781 9.22 28.48 34.09
C GLY A 781 9.98 27.70 33.05
N ALA A 782 10.81 26.73 33.46
CA ALA A 782 11.55 25.93 32.50
C ALA A 782 10.61 25.15 31.59
N LEU A 783 9.58 24.54 32.17
CA LEU A 783 8.55 23.82 31.43
C LEU A 783 7.34 24.73 31.34
N THR A 784 7.07 25.24 30.14
CA THR A 784 6.05 26.28 29.97
C THR A 784 4.64 25.75 30.23
N GLN A 785 4.30 24.61 29.63
CA GLN A 785 2.99 23.99 29.81
C GLN A 785 3.15 22.53 30.18
N LEU A 786 2.35 22.06 31.14
CA LEU A 786 2.31 20.67 31.55
C LEU A 786 0.93 20.13 31.21
N ASN A 787 0.80 19.57 30.01
CA ASN A 787 -0.48 19.04 29.54
C ASN A 787 -0.42 17.52 29.65
N VAL A 788 -1.13 16.98 30.65
CA VAL A 788 -1.09 15.56 30.96
C VAL A 788 -2.47 14.96 30.71
N ALA A 789 -2.52 13.92 29.87
CA ALA A 789 -3.75 13.24 29.53
C ALA A 789 -3.84 11.93 30.29
N PHE A 790 -4.81 11.83 31.20
CA PHE A 790 -5.00 10.63 32.02
C PHE A 790 -6.03 9.73 31.34
N SER A 791 -5.58 8.56 30.89
CA SER A 791 -6.44 7.70 30.08
C SER A 791 -7.48 6.95 30.88
N ARG A 792 -7.31 6.82 32.20
CA ARG A 792 -8.18 5.97 33.01
C ARG A 792 -8.67 6.72 34.25
N GLU A 793 -9.20 7.93 34.08
CA GLU A 793 -9.77 8.68 35.18
C GLU A 793 -11.24 9.03 34.99
N GLN A 794 -11.92 8.39 34.03
CA GLN A 794 -13.37 8.52 33.89
C GLN A 794 -13.90 7.44 32.96
N ALA A 795 -15.10 7.65 32.40
CA ALA A 795 -15.71 6.63 31.54
C ALA A 795 -15.09 6.62 30.15
N HIS A 796 -14.81 7.79 29.59
CA HIS A 796 -14.19 7.89 28.28
C HIS A 796 -12.71 8.23 28.44
N LYS A 797 -11.87 7.54 27.67
CA LYS A 797 -10.43 7.71 27.79
C LYS A 797 -9.98 9.00 27.11
N VAL A 798 -9.04 9.69 27.75
CA VAL A 798 -8.48 10.93 27.23
C VAL A 798 -7.01 10.69 26.91
N TYR A 799 -6.66 10.85 25.65
CA TYR A 799 -5.29 10.66 25.18
C TYR A 799 -4.66 11.99 24.79
N VAL A 800 -3.37 11.95 24.46
CA VAL A 800 -2.65 13.18 24.16
C VAL A 800 -3.16 13.82 22.88
N GLN A 801 -3.65 13.01 21.93
CA GLN A 801 -4.25 13.55 20.71
C GLN A 801 -5.28 14.62 21.04
N HIS A 802 -6.11 14.37 22.06
CA HIS A 802 -7.16 15.31 22.42
C HIS A 802 -6.60 16.58 23.03
N LEU A 803 -5.47 16.49 23.75
CA LEU A 803 -4.86 17.69 24.31
C LEU A 803 -4.22 18.54 23.22
N LEU A 804 -3.59 17.90 22.24
CA LEU A 804 -3.08 18.64 21.08
C LEU A 804 -4.23 19.30 20.33
N LYS A 805 -5.29 18.55 20.06
CA LYS A 805 -6.49 19.10 19.42
C LYS A 805 -7.05 20.28 20.21
N ARG A 806 -6.96 20.23 21.54
CA ARG A 806 -7.47 21.31 22.37
C ARG A 806 -6.73 22.60 22.12
N ASP A 807 -5.40 22.56 22.12
CA ASP A 807 -4.56 23.74 21.96
C ASP A 807 -4.21 24.01 20.51
N ARG A 808 -5.11 23.68 19.58
CA ARG A 808 -4.80 23.78 18.16
C ARG A 808 -4.36 25.18 17.75
N GLU A 809 -5.02 26.21 18.29
CA GLU A 809 -4.72 27.57 17.88
C GLU A 809 -3.30 27.98 18.30
N HIS A 810 -2.98 27.81 19.58
CA HIS A 810 -1.66 28.19 20.06
C HIS A 810 -0.57 27.34 19.41
N LEU A 811 -0.81 26.03 19.28
CA LEU A 811 0.13 25.17 18.58
C LEU A 811 0.38 25.65 17.16
N TRP A 812 -0.68 26.04 16.44
CA TRP A 812 -0.50 26.53 15.08
C TRP A 812 0.30 27.81 15.05
N LYS A 813 0.06 28.72 15.99
CA LYS A 813 0.86 29.94 16.00
C LYS A 813 2.31 29.66 16.33
N LEU A 814 2.58 28.67 17.18
CA LEU A 814 3.96 28.27 17.44
C LEU A 814 4.61 27.71 16.19
N ILE A 815 3.92 26.81 15.49
CA ILE A 815 4.49 26.16 14.32
C ILE A 815 4.72 27.17 13.20
N HIS A 816 3.70 27.97 12.89
CA HIS A 816 3.75 28.87 11.73
C HIS A 816 4.62 30.09 12.00
N GLU A 817 4.30 30.83 13.06
CA GLU A 817 5.02 32.07 13.33
C GLU A 817 6.31 31.84 14.10
N GLY A 818 6.31 30.92 15.05
CA GLY A 818 7.48 30.67 15.87
C GLY A 818 8.47 29.67 15.31
N GLY A 819 8.04 28.89 14.32
CA GLY A 819 8.90 27.89 13.72
C GLY A 819 9.31 26.79 14.66
N ALA A 820 8.35 26.21 15.38
CA ALA A 820 8.66 25.26 16.44
C ALA A 820 9.05 23.90 15.86
N HIS A 821 9.74 23.12 16.69
CA HIS A 821 10.03 21.72 16.41
C HIS A 821 9.04 20.83 17.15
N ILE A 822 8.54 19.82 16.46
CA ILE A 822 7.63 18.84 17.04
C ILE A 822 8.41 17.55 17.27
N TYR A 823 8.22 16.95 18.44
CA TYR A 823 8.84 15.67 18.79
C TYR A 823 7.75 14.70 19.20
N VAL A 824 7.82 13.49 18.68
CA VAL A 824 6.89 12.42 19.06
C VAL A 824 7.71 11.22 19.49
N CYS A 825 7.41 10.69 20.67
CA CYS A 825 8.21 9.59 21.20
C CYS A 825 7.33 8.65 22.01
N GLY A 826 7.77 7.40 22.09
CA GLY A 826 7.19 6.43 22.99
C GLY A 826 6.88 5.11 22.33
N ASP A 827 6.45 4.17 23.19
CA ASP A 827 6.11 2.82 22.77
C ASP A 827 4.71 2.73 22.18
N ALA A 828 3.81 3.61 22.60
CA ALA A 828 2.37 3.45 22.36
C ALA A 828 2.06 3.16 20.91
N ARG A 829 1.50 1.97 20.67
CA ARG A 829 1.20 1.54 19.31
C ARG A 829 0.06 2.38 18.73
N ASN A 830 0.16 2.68 17.44
CA ASN A 830 -0.83 3.44 16.68
C ASN A 830 -0.99 4.86 17.20
N MET A 831 -0.08 5.32 18.07
CA MET A 831 -0.17 6.67 18.63
C MET A 831 0.45 7.71 17.71
N ALA A 832 1.60 7.40 17.12
CA ALA A 832 2.28 8.35 16.24
C ALA A 832 1.39 8.78 15.08
N LYS A 833 0.70 7.82 14.46
CA LYS A 833 -0.19 8.19 13.35
C LYS A 833 -1.37 9.03 13.83
N ASP A 834 -1.85 8.79 15.05
CA ASP A 834 -2.94 9.62 15.58
C ASP A 834 -2.47 11.05 15.81
N VAL A 835 -1.29 11.22 16.41
CA VAL A 835 -0.73 12.56 16.58
C VAL A 835 -0.52 13.21 15.21
N GLN A 836 -0.08 12.41 14.23
CA GLN A 836 0.16 12.91 12.88
C GLN A 836 -1.13 13.44 12.25
N ASN A 837 -2.20 12.65 12.31
CA ASN A 837 -3.49 13.09 11.78
C ASN A 837 -3.98 14.32 12.52
N THR A 838 -3.74 14.39 13.84
CA THR A 838 -4.13 15.57 14.59
C THR A 838 -3.44 16.81 14.06
N PHE A 839 -2.13 16.72 13.81
CA PHE A 839 -1.41 17.88 13.28
C PHE A 839 -1.87 18.21 11.85
N TYR A 840 -2.18 17.18 11.05
CA TYR A 840 -2.78 17.42 9.74
C TYR A 840 -4.00 18.31 9.87
N ASP A 841 -4.91 17.94 10.77
CA ASP A 841 -6.17 18.68 10.91
C ASP A 841 -5.92 20.09 11.45
N ILE A 842 -4.99 20.24 12.38
CA ILE A 842 -4.67 21.56 12.91
C ILE A 842 -4.18 22.48 11.79
N VAL A 843 -3.20 22.01 11.01
CA VAL A 843 -2.67 22.82 9.92
C VAL A 843 -3.74 23.11 8.89
N ALA A 844 -4.58 22.11 8.58
CA ALA A 844 -5.65 22.30 7.61
C ALA A 844 -6.61 23.40 8.06
N GLU A 845 -6.91 23.43 9.36
CA GLU A 845 -7.90 24.39 9.86
C GLU A 845 -7.33 25.80 9.92
N PHE A 846 -6.21 25.97 10.61
CA PHE A 846 -5.82 27.34 10.98
C PHE A 846 -5.06 28.06 9.88
N GLY A 847 -4.18 27.36 9.18
CA GLY A 847 -3.69 27.85 7.92
C GLY A 847 -4.59 27.30 6.84
N PRO A 848 -5.49 28.14 6.33
CA PRO A 848 -6.55 27.63 5.43
C PRO A 848 -5.98 26.79 4.30
N MET A 849 -6.28 25.51 4.32
CA MET A 849 -5.65 24.54 3.43
C MET A 849 -6.59 23.39 3.15
N GLU A 850 -6.42 22.78 1.98
CA GLU A 850 -6.99 21.46 1.76
C GLU A 850 -6.22 20.45 2.60
N HIS A 851 -6.90 19.35 2.93
CA HIS A 851 -6.24 18.26 3.67
C HIS A 851 -4.94 17.85 2.99
N THR A 852 -4.94 17.77 1.66
CA THR A 852 -3.72 17.43 0.94
C THR A 852 -2.63 18.49 1.14
N GLN A 853 -3.01 19.77 1.09
CA GLN A 853 -2.05 20.83 1.38
C GLN A 853 -1.50 20.70 2.80
N ALA A 854 -2.35 20.30 3.75
CA ALA A 854 -1.88 20.19 5.13
C ALA A 854 -0.93 19.02 5.32
N VAL A 855 -1.25 17.86 4.74
CA VAL A 855 -0.33 16.73 4.87
C VAL A 855 0.97 17.04 4.13
N ASP A 856 0.91 17.77 3.03
CA ASP A 856 2.14 18.20 2.37
C ASP A 856 2.95 19.12 3.28
N TYR A 857 2.27 20.04 3.97
CA TYR A 857 2.94 20.95 4.89
C TYR A 857 3.65 20.18 6.00
N VAL A 858 2.96 19.21 6.59
CA VAL A 858 3.55 18.45 7.69
C VAL A 858 4.70 17.58 7.20
N LYS A 859 4.54 16.95 6.03
CA LYS A 859 5.65 16.19 5.45
C LYS A 859 6.85 17.07 5.18
N LYS A 860 6.61 18.29 4.69
CA LYS A 860 7.70 19.24 4.51
C LYS A 860 8.38 19.57 5.83
N LEU A 861 7.59 19.74 6.90
CA LEU A 861 8.16 19.92 8.22
C LEU A 861 9.06 18.76 8.60
N MET A 862 8.61 17.53 8.34
CA MET A 862 9.44 16.35 8.62
C MET A 862 10.74 16.41 7.83
N THR A 863 10.68 16.86 6.57
CA THR A 863 11.91 16.96 5.78
C THR A 863 12.87 17.99 6.38
N LYS A 864 12.37 19.15 6.80
CA LYS A 864 13.20 20.19 7.38
C LYS A 864 13.62 19.89 8.81
N GLY A 865 13.39 18.66 9.28
CA GLY A 865 13.79 18.28 10.62
C GLY A 865 13.04 18.97 11.73
N ARG A 866 11.76 19.27 11.52
CA ARG A 866 10.93 19.90 12.54
C ARG A 866 9.85 18.99 13.08
N TYR A 867 9.76 17.75 12.60
CA TYR A 867 8.81 16.76 13.10
C TYR A 867 9.60 15.45 13.21
N SER A 868 10.14 15.20 14.40
CA SER A 868 11.04 14.07 14.63
C SER A 868 10.31 12.94 15.37
N LEU A 869 10.66 11.71 15.03
CA LEU A 869 10.06 10.55 15.67
C LEU A 869 11.12 9.63 16.24
N ASP A 870 10.78 9.02 17.38
CA ASP A 870 11.63 8.03 18.03
C ASP A 870 10.70 7.03 18.71
N VAL A 871 10.14 6.14 17.92
CA VAL A 871 9.22 5.12 18.40
C VAL A 871 9.95 3.79 18.49
N TRP A 872 9.34 2.85 19.20
CA TRP A 872 9.92 1.53 19.38
C TRP A 872 8.82 0.57 19.81
N SER A 873 9.23 -0.62 20.25
CA SER A 873 8.29 -1.64 20.69
C SER A 873 8.74 -2.29 22.00
N SER B 30 0.03 28.07 -14.64
CA SER B 30 0.97 27.32 -15.47
C SER B 30 0.82 27.69 -16.94
N GLN B 31 1.14 26.74 -17.82
CA GLN B 31 0.99 26.95 -19.25
C GLN B 31 -0.24 26.23 -19.80
N ASP B 32 -0.40 24.95 -19.49
CA ASP B 32 -1.65 24.27 -19.83
C ASP B 32 -2.79 24.89 -19.05
N LEU B 33 -3.92 25.10 -19.74
CA LEU B 33 -5.02 25.85 -19.15
C LEU B 33 -5.56 25.20 -17.89
N SER B 34 -5.61 23.86 -17.86
CA SER B 34 -6.13 23.16 -16.69
C SER B 34 -5.31 23.47 -15.44
N GLU B 35 -3.99 23.40 -15.56
CA GLU B 35 -3.15 23.67 -14.39
C GLU B 35 -3.21 25.14 -13.99
N ALA B 36 -3.23 26.05 -14.97
CA ALA B 36 -3.34 27.47 -14.67
C ALA B 36 -4.64 27.78 -13.94
N LEU B 37 -5.74 27.14 -14.36
CA LEU B 37 -7.02 27.36 -13.69
C LEU B 37 -7.01 26.79 -12.28
N LYS B 38 -6.46 25.59 -12.10
CA LYS B 38 -6.42 25.03 -10.75
C LYS B 38 -5.58 25.89 -9.82
N GLU B 39 -4.44 26.40 -10.32
CA GLU B 39 -3.57 27.21 -9.48
C GLU B 39 -4.18 28.57 -9.18
N ALA B 40 -4.85 29.17 -10.16
CA ALA B 40 -5.44 30.49 -9.96
C ALA B 40 -6.58 30.44 -8.97
N THR B 41 -7.33 29.34 -8.93
CA THR B 41 -8.52 29.22 -8.11
C THR B 41 -8.25 28.49 -6.79
N LYS B 42 -7.02 28.56 -6.29
CA LYS B 42 -6.62 27.89 -5.07
C LYS B 42 -7.28 28.54 -3.84
N GLU B 43 -6.91 29.80 -3.59
CA GLU B 43 -7.41 30.50 -2.41
C GLU B 43 -8.92 30.64 -2.44
N VAL B 44 -9.48 30.96 -3.61
CA VAL B 44 -10.92 31.19 -3.66
C VAL B 44 -11.68 29.89 -3.46
N HIS B 45 -11.11 28.75 -3.85
CA HIS B 45 -11.75 27.47 -3.57
C HIS B 45 -11.71 27.19 -2.07
N ILE B 46 -10.54 27.38 -1.44
CA ILE B 46 -10.45 27.23 0.01
C ILE B 46 -11.49 28.11 0.69
N ARG B 47 -11.69 29.32 0.17
CA ARG B 47 -12.66 30.23 0.79
C ARG B 47 -14.08 29.73 0.58
N ALA B 48 -14.39 29.27 -0.64
CA ALA B 48 -15.74 28.82 -0.95
C ALA B 48 -16.14 27.63 -0.09
N GLU B 49 -15.25 26.66 0.08
CA GLU B 49 -15.63 25.51 0.88
C GLU B 49 -15.52 25.79 2.38
N ASN B 50 -14.92 26.91 2.77
CA ASN B 50 -14.94 27.34 4.16
C ASN B 50 -16.03 28.36 4.45
N SER B 51 -16.87 28.68 3.47
CA SER B 51 -18.02 29.53 3.72
C SER B 51 -18.96 28.87 4.72
N GLU B 52 -19.63 29.71 5.51
CA GLU B 52 -20.46 29.19 6.61
C GLU B 52 -21.51 28.21 6.11
N PHE B 53 -22.12 28.49 4.96
CA PHE B 53 -23.13 27.60 4.41
C PHE B 53 -22.52 26.25 4.04
N MET B 54 -21.42 26.25 3.30
CA MET B 54 -20.81 25.01 2.86
C MET B 54 -20.22 24.23 4.03
N ARG B 55 -19.75 24.92 5.07
CA ARG B 55 -19.29 24.22 6.26
C ARG B 55 -20.45 23.55 6.98
N ASN B 56 -21.58 24.25 7.12
CA ASN B 56 -22.78 23.62 7.66
C ASN B 56 -23.20 22.42 6.84
N PHE B 57 -23.04 22.51 5.51
CA PHE B 57 -23.38 21.40 4.64
C PHE B 57 -22.48 20.19 4.89
N GLN B 58 -21.16 20.43 4.98
CA GLN B 58 -20.22 19.32 5.15
C GLN B 58 -20.49 18.54 6.42
N LYS B 59 -20.86 19.23 7.50
CA LYS B 59 -21.15 18.57 8.77
C LYS B 59 -22.55 17.98 8.83
N GLY B 60 -23.30 18.04 7.74
CA GLY B 60 -24.65 17.49 7.70
C GLY B 60 -25.72 18.36 8.30
N GLN B 61 -25.41 19.60 8.63
CA GLN B 61 -26.37 20.49 9.28
C GLN B 61 -26.99 21.46 8.29
N VAL B 62 -27.50 20.93 7.20
CA VAL B 62 -28.21 21.70 6.19
C VAL B 62 -29.70 21.50 6.36
N SER B 63 -30.47 22.57 6.25
CA SER B 63 -31.91 22.54 6.42
C SER B 63 -32.62 22.44 5.08
N ARG B 64 -33.85 21.94 5.10
CA ARG B 64 -34.62 21.78 3.86
C ARG B 64 -34.87 23.11 3.18
N GLU B 65 -35.06 24.19 3.95
CA GLU B 65 -35.32 25.49 3.34
C GLU B 65 -34.05 26.04 2.67
N GLY B 66 -32.91 25.96 3.35
CA GLY B 66 -31.67 26.37 2.73
C GLY B 66 -31.32 25.53 1.52
N PHE B 67 -31.64 24.24 1.56
CA PHE B 67 -31.38 23.39 0.41
C PHE B 67 -32.29 23.77 -0.76
N LYS B 68 -33.57 24.02 -0.50
CA LYS B 68 -34.45 24.51 -1.57
C LYS B 68 -33.92 25.81 -2.14
N LEU B 69 -33.35 26.66 -1.28
CA LEU B 69 -32.79 27.93 -1.74
C LEU B 69 -31.63 27.72 -2.70
N VAL B 70 -30.62 26.95 -2.28
CA VAL B 70 -29.48 26.71 -3.17
C VAL B 70 -29.94 26.04 -4.45
N MET B 71 -30.91 25.11 -4.35
CA MET B 71 -31.31 24.38 -5.54
C MET B 71 -32.04 25.27 -6.55
N ALA B 72 -32.87 26.19 -6.07
CA ALA B 72 -33.51 27.13 -6.99
C ALA B 72 -32.48 28.07 -7.60
N SER B 73 -31.56 28.59 -6.78
CA SER B 73 -30.48 29.42 -7.31
C SER B 73 -29.70 28.67 -8.37
N LEU B 74 -29.40 27.39 -8.12
CA LEU B 74 -28.67 26.59 -9.09
C LEU B 74 -29.47 26.37 -10.35
N TYR B 75 -30.79 26.19 -10.23
CA TYR B 75 -31.62 26.11 -11.42
C TYR B 75 -31.43 27.34 -12.29
N HIS B 76 -31.55 28.53 -11.68
CA HIS B 76 -31.35 29.76 -12.46
C HIS B 76 -29.96 29.81 -13.07
N ILE B 77 -28.94 29.48 -12.28
CA ILE B 77 -27.54 29.60 -12.71
C ILE B 77 -27.27 28.68 -13.88
N TYR B 78 -27.61 27.40 -13.76
CA TYR B 78 -27.34 26.45 -14.83
C TYR B 78 -28.24 26.70 -16.03
N THR B 79 -29.45 27.22 -15.84
CA THR B 79 -30.24 27.61 -17.00
C THR B 79 -29.51 28.66 -17.82
N ALA B 80 -29.01 29.71 -17.15
CA ALA B 80 -28.26 30.72 -17.88
C ALA B 80 -27.00 30.15 -18.51
N LEU B 81 -26.27 29.33 -17.76
CA LEU B 81 -25.00 28.80 -18.25
C LEU B 81 -25.21 27.92 -19.48
N GLU B 82 -26.16 26.98 -19.41
CA GLU B 82 -26.40 26.09 -20.53
C GLU B 82 -27.06 26.81 -21.69
N GLU B 83 -27.82 27.88 -21.42
CA GLU B 83 -28.30 28.73 -22.50
C GLU B 83 -27.14 29.31 -23.29
N GLU B 84 -26.16 29.91 -22.58
CA GLU B 84 -25.01 30.47 -23.29
C GLU B 84 -24.16 29.39 -23.94
N ILE B 85 -24.09 28.20 -23.35
CA ILE B 85 -23.36 27.10 -23.96
C ILE B 85 -24.00 26.72 -25.29
N GLU B 86 -25.32 26.54 -25.29
CA GLU B 86 -26.03 26.29 -26.55
C GLU B 86 -25.81 27.42 -27.54
N ARG B 87 -25.69 28.66 -27.05
CA ARG B 87 -25.41 29.76 -27.96
C ARG B 87 -24.03 29.65 -28.59
N ASN B 88 -23.07 29.06 -27.88
CA ASN B 88 -21.70 28.99 -28.37
C ASN B 88 -21.21 27.55 -28.53
N LYS B 89 -22.12 26.61 -28.79
CA LYS B 89 -21.71 25.21 -28.85
C LYS B 89 -20.87 24.90 -30.09
N GLN B 90 -20.87 25.77 -31.09
CA GLN B 90 -20.03 25.58 -32.26
C GLN B 90 -19.00 26.69 -32.42
N ASN B 91 -18.91 27.61 -31.48
CA ASN B 91 -17.86 28.61 -31.49
C ASN B 91 -16.53 27.94 -31.19
N PRO B 92 -15.50 28.14 -32.02
CA PRO B 92 -14.21 27.47 -31.78
C PRO B 92 -13.61 27.73 -30.41
N VAL B 93 -14.00 28.81 -29.73
CA VAL B 93 -13.44 29.08 -28.40
C VAL B 93 -14.11 28.27 -27.31
N TYR B 94 -15.20 27.57 -27.61
CA TYR B 94 -15.84 26.69 -26.65
C TYR B 94 -16.15 25.30 -27.18
N ALA B 95 -16.24 25.12 -28.49
CA ALA B 95 -16.63 23.87 -29.15
C ALA B 95 -16.05 22.60 -28.52
N PRO B 96 -14.75 22.56 -28.15
CA PRO B 96 -14.22 21.32 -27.56
C PRO B 96 -14.83 20.94 -26.24
N LEU B 97 -15.58 21.82 -25.60
CA LEU B 97 -16.13 21.57 -24.26
C LEU B 97 -17.61 21.20 -24.29
N TYR B 98 -18.18 21.02 -25.48
CA TYR B 98 -19.62 20.75 -25.60
C TYR B 98 -19.90 19.29 -25.27
N PHE B 99 -20.41 19.05 -24.06
CA PHE B 99 -20.79 17.72 -23.60
C PHE B 99 -22.21 17.80 -23.07
N PRO B 100 -23.20 17.97 -23.94
CA PRO B 100 -24.57 18.14 -23.45
C PRO B 100 -25.11 16.91 -22.75
N GLU B 101 -24.97 15.74 -23.37
CA GLU B 101 -25.54 14.53 -22.81
C GLU B 101 -24.86 14.12 -21.51
N GLU B 102 -23.62 14.54 -21.29
CA GLU B 102 -22.85 14.10 -20.14
C GLU B 102 -23.00 15.04 -18.94
N LEU B 103 -22.99 16.35 -19.16
CA LEU B 103 -22.82 17.30 -18.08
C LEU B 103 -24.05 18.16 -17.77
N HIS B 104 -24.88 18.47 -18.76
CA HIS B 104 -25.92 19.48 -18.58
C HIS B 104 -26.85 19.11 -17.44
N ARG B 105 -27.39 20.14 -16.79
CA ARG B 105 -28.13 19.97 -15.54
C ARG B 105 -29.53 20.57 -15.53
N ARG B 106 -29.89 21.38 -16.53
CA ARG B 106 -31.18 22.08 -16.48
C ARG B 106 -32.34 21.10 -16.38
N ALA B 107 -32.27 19.97 -17.10
CA ALA B 107 -33.34 18.98 -17.03
C ALA B 107 -33.45 18.39 -15.63
N ALA B 108 -32.32 17.93 -15.07
CA ALA B 108 -32.35 17.35 -13.73
C ALA B 108 -32.72 18.39 -12.68
N LEU B 109 -32.25 19.62 -12.85
CA LEU B 109 -32.63 20.67 -11.91
C LEU B 109 -34.12 20.97 -12.01
N GLU B 110 -34.72 20.86 -13.19
CA GLU B 110 -36.15 21.04 -13.32
C GLU B 110 -36.92 19.91 -12.65
N GLN B 111 -36.41 18.68 -12.78
CA GLN B 111 -36.98 17.56 -12.02
C GLN B 111 -36.96 17.86 -10.52
N ASP B 112 -35.82 18.34 -10.03
CA ASP B 112 -35.68 18.61 -8.60
C ASP B 112 -36.52 19.80 -8.16
N MET B 113 -36.73 20.78 -9.05
CA MET B 113 -37.65 21.87 -8.73
C MET B 113 -39.08 21.36 -8.62
N ALA B 114 -39.49 20.47 -9.53
CA ALA B 114 -40.80 19.85 -9.42
C ALA B 114 -40.94 19.09 -8.11
N PHE B 115 -39.84 18.47 -7.66
CA PHE B 115 -39.87 17.75 -6.38
C PHE B 115 -40.04 18.72 -5.20
N TRP B 116 -39.19 19.76 -5.16
CA TRP B 116 -39.05 20.57 -3.95
C TRP B 116 -40.05 21.72 -3.87
N TYR B 117 -40.66 22.12 -4.99
CA TYR B 117 -41.55 23.27 -4.99
C TYR B 117 -42.93 22.95 -5.57
N GLY B 118 -43.23 21.68 -5.87
CA GLY B 118 -44.54 21.31 -6.32
C GLY B 118 -44.74 21.41 -7.82
N PRO B 119 -45.98 21.19 -8.28
CA PRO B 119 -46.22 21.16 -9.73
C PRO B 119 -46.06 22.51 -10.42
N HIS B 120 -46.29 23.62 -9.71
CA HIS B 120 -46.19 24.95 -10.29
C HIS B 120 -44.93 25.67 -9.79
N TRP B 121 -43.83 24.93 -9.69
CA TRP B 121 -42.58 25.51 -9.22
C TRP B 121 -42.11 26.66 -10.10
N GLN B 122 -42.53 26.69 -11.37
CA GLN B 122 -42.07 27.71 -12.30
C GLN B 122 -42.28 29.12 -11.75
N GLU B 123 -43.33 29.33 -10.97
CA GLU B 123 -43.59 30.62 -10.36
C GLU B 123 -43.33 30.64 -8.86
N ALA B 124 -43.00 29.51 -8.25
CA ALA B 124 -42.81 29.44 -6.81
C ALA B 124 -41.36 29.60 -6.38
N ILE B 125 -40.42 29.48 -7.30
CA ILE B 125 -39.00 29.50 -6.93
C ILE B 125 -38.53 30.93 -6.76
N PRO B 126 -37.73 31.23 -5.74
CA PRO B 126 -37.21 32.58 -5.58
C PRO B 126 -36.11 32.86 -6.60
N TYR B 127 -35.77 34.15 -6.71
CA TYR B 127 -34.71 34.63 -7.59
C TYR B 127 -33.93 35.68 -6.81
N THR B 128 -33.00 35.20 -5.98
CA THR B 128 -32.29 36.09 -5.08
C THR B 128 -31.37 37.03 -5.86
N PRO B 129 -31.05 38.19 -5.28
CA PRO B 129 -30.19 39.14 -6.00
C PRO B 129 -28.83 38.59 -6.38
N ALA B 130 -28.19 37.78 -5.53
CA ALA B 130 -26.91 37.18 -5.89
C ALA B 130 -27.07 36.22 -7.06
N THR B 131 -28.16 35.47 -7.09
CA THR B 131 -28.43 34.61 -8.24
C THR B 131 -28.57 35.45 -9.51
N GLN B 132 -29.25 36.60 -9.41
CA GLN B 132 -29.38 37.47 -10.58
C GLN B 132 -28.04 38.04 -10.99
N HIS B 133 -27.15 38.31 -10.03
CA HIS B 133 -25.80 38.78 -10.35
C HIS B 133 -25.03 37.72 -11.13
N TYR B 134 -25.07 36.48 -10.63
CA TYR B 134 -24.42 35.37 -11.32
C TYR B 134 -24.99 35.18 -12.72
N VAL B 135 -26.32 35.23 -12.86
CA VAL B 135 -26.96 35.03 -14.15
C VAL B 135 -26.60 36.16 -15.12
N LYS B 136 -26.58 37.40 -14.62
CA LYS B 136 -26.20 38.53 -15.47
C LYS B 136 -24.77 38.39 -15.97
N ARG B 137 -23.85 38.01 -15.09
CA ARG B 137 -22.47 37.83 -15.54
C ARG B 137 -22.39 36.70 -16.56
N LEU B 138 -23.11 35.61 -16.33
CA LEU B 138 -23.12 34.51 -17.29
C LEU B 138 -23.59 34.97 -18.66
N HIS B 139 -24.66 35.77 -18.70
CA HIS B 139 -25.18 36.21 -19.99
C HIS B 139 -24.23 37.20 -20.66
N GLU B 140 -23.60 38.09 -19.88
CA GLU B 140 -22.58 38.97 -20.44
C GLU B 140 -21.47 38.16 -21.10
N VAL B 141 -20.96 37.15 -20.38
CA VAL B 141 -19.86 36.34 -20.91
C VAL B 141 -20.31 35.63 -22.18
N GLY B 142 -21.44 34.90 -22.10
CA GLY B 142 -21.91 34.15 -23.25
C GLY B 142 -22.29 35.01 -24.44
N GLY B 143 -22.64 36.27 -24.23
CA GLY B 143 -23.05 37.12 -25.31
C GLY B 143 -21.92 37.90 -25.96
N THR B 144 -21.01 38.45 -25.16
CA THR B 144 -20.00 39.35 -25.68
C THR B 144 -18.57 38.88 -25.50
N HIS B 145 -18.29 37.91 -24.64
CA HIS B 145 -16.94 37.40 -24.43
C HIS B 145 -16.98 35.88 -24.23
N PRO B 146 -17.38 35.13 -25.26
CA PRO B 146 -17.49 33.67 -25.08
C PRO B 146 -16.17 32.98 -24.82
N GLU B 147 -15.04 33.60 -25.15
CA GLU B 147 -13.74 33.01 -24.85
C GLU B 147 -13.54 32.78 -23.36
N LEU B 148 -14.31 33.46 -22.51
CA LEU B 148 -14.23 33.30 -21.07
C LEU B 148 -15.23 32.29 -20.53
N LEU B 149 -16.15 31.81 -21.37
CA LEU B 149 -17.19 30.91 -20.90
C LEU B 149 -16.61 29.67 -20.23
N VAL B 150 -15.50 29.17 -20.77
CA VAL B 150 -14.83 28.00 -20.18
C VAL B 150 -14.60 28.21 -18.70
N ALA B 151 -14.08 29.38 -18.31
CA ALA B 151 -13.77 29.65 -16.91
C ALA B 151 -14.98 29.44 -16.01
N HIS B 152 -16.19 29.64 -16.53
CA HIS B 152 -17.38 29.40 -15.72
C HIS B 152 -17.75 27.93 -15.70
N ALA B 153 -17.73 27.28 -16.87
CA ALA B 153 -18.01 25.85 -16.91
C ALA B 153 -17.07 25.10 -15.98
N TYR B 154 -15.76 25.37 -16.10
CA TYR B 154 -14.77 24.84 -15.17
C TYR B 154 -15.24 24.98 -13.73
N THR B 155 -15.64 26.19 -13.34
CA THR B 155 -15.96 26.42 -11.94
C THR B 155 -17.15 25.59 -11.49
N ARG B 156 -18.10 25.29 -12.39
CA ARG B 156 -19.30 24.57 -11.98
C ARG B 156 -19.13 23.07 -12.20
N TYR B 157 -19.02 22.65 -13.46
CA TYR B 157 -19.06 21.23 -13.79
C TYR B 157 -17.94 20.47 -13.09
N LEU B 158 -16.70 20.96 -13.21
CA LEU B 158 -15.58 20.30 -12.53
C LEU B 158 -15.80 20.22 -11.03
N GLY B 159 -16.50 21.19 -10.44
CA GLY B 159 -16.83 21.10 -9.03
C GLY B 159 -17.93 20.08 -8.75
N ASP B 160 -18.90 19.97 -9.67
CA ASP B 160 -20.00 19.04 -9.46
C ASP B 160 -19.53 17.60 -9.53
N LEU B 161 -18.44 17.35 -10.24
CA LEU B 161 -17.89 16.01 -10.38
C LEU B 161 -16.88 15.71 -9.28
N SER B 162 -16.84 16.52 -8.23
CA SER B 162 -15.91 16.28 -7.13
C SER B 162 -16.62 16.25 -5.79
N GLY B 163 -16.73 17.40 -5.13
CA GLY B 163 -17.40 17.42 -3.84
C GLY B 163 -18.86 17.05 -3.91
N GLY B 164 -19.49 17.23 -5.07
CA GLY B 164 -20.91 16.95 -5.22
C GLY B 164 -21.26 15.51 -4.93
N GLN B 165 -20.36 14.58 -5.23
CA GLN B 165 -20.65 13.17 -4.98
C GLN B 165 -20.82 12.90 -3.49
N VAL B 166 -20.04 13.58 -2.65
CA VAL B 166 -20.18 13.43 -1.20
C VAL B 166 -21.36 14.25 -0.69
N LEU B 167 -21.56 15.45 -1.26
CA LEU B 167 -22.69 16.28 -0.83
C LEU B 167 -24.01 15.57 -1.07
N LYS B 168 -24.11 14.76 -2.13
CA LYS B 168 -25.35 14.04 -2.40
C LYS B 168 -25.65 13.04 -1.29
N LYS B 169 -24.65 12.30 -0.85
CA LYS B 169 -24.85 11.37 0.27
C LYS B 169 -25.22 12.13 1.54
N ILE B 170 -24.52 13.24 1.81
CA ILE B 170 -24.81 14.03 3.01
C ILE B 170 -26.24 14.54 2.98
N ALA B 171 -26.72 14.96 1.80
CA ALA B 171 -28.11 15.41 1.67
C ALA B 171 -29.08 14.25 1.89
N GLN B 172 -28.84 13.12 1.24
CA GLN B 172 -29.67 11.94 1.44
C GLN B 172 -29.84 11.65 2.93
N LYS B 173 -28.76 11.75 3.69
CA LYS B 173 -28.89 11.43 5.11
C LYS B 173 -29.56 12.56 5.90
N ALA B 174 -29.16 13.81 5.65
CA ALA B 174 -29.66 14.90 6.49
C ALA B 174 -31.14 15.16 6.27
N MET B 175 -31.61 15.09 5.02
CA MET B 175 -33.01 15.40 4.73
C MET B 175 -33.92 14.17 4.71
N ALA B 176 -33.35 12.97 4.73
CA ALA B 176 -34.10 11.72 4.60
C ALA B 176 -34.98 11.75 3.34
N LEU B 177 -34.29 11.60 2.22
CA LEU B 177 -34.87 11.49 0.90
C LEU B 177 -35.03 10.03 0.52
N PRO B 178 -35.81 9.74 -0.51
CA PRO B 178 -35.90 8.36 -1.00
C PRO B 178 -34.54 7.88 -1.51
N SER B 179 -34.32 6.57 -1.37
CA SER B 179 -33.13 5.97 -1.96
C SER B 179 -33.18 6.00 -3.49
N SER B 180 -34.36 6.22 -4.06
CA SER B 180 -34.49 6.32 -5.52
C SER B 180 -33.82 7.55 -6.09
N GLY B 181 -33.40 8.49 -5.26
CA GLY B 181 -32.66 9.65 -5.73
C GLY B 181 -33.49 10.88 -6.00
N GLU B 182 -34.80 10.83 -5.75
CA GLU B 182 -35.67 11.98 -6.00
C GLU B 182 -35.21 13.17 -5.19
N GLY B 183 -35.27 14.35 -5.81
CA GLY B 183 -34.82 15.57 -5.17
C GLY B 183 -33.33 15.84 -5.32
N LEU B 184 -32.54 14.84 -5.71
CA LEU B 184 -31.10 15.01 -5.85
C LEU B 184 -30.63 14.60 -7.25
N ALA B 185 -31.50 14.75 -8.26
CA ALA B 185 -31.10 14.43 -9.62
C ALA B 185 -29.99 15.33 -10.13
N PHE B 186 -29.84 16.52 -9.54
CA PHE B 186 -28.77 17.41 -9.95
C PHE B 186 -27.40 16.82 -9.66
N PHE B 187 -27.29 15.99 -8.63
CA PHE B 187 -26.01 15.42 -8.22
C PHE B 187 -25.70 14.11 -8.91
N THR B 188 -26.53 13.69 -9.87
CA THR B 188 -26.38 12.40 -10.53
C THR B 188 -26.11 12.61 -12.01
N PHE B 189 -25.07 11.95 -12.51
CA PHE B 189 -24.65 12.04 -13.91
C PHE B 189 -24.72 10.65 -14.50
N PRO B 190 -25.90 10.20 -14.93
CA PRO B 190 -26.04 8.81 -15.39
C PRO B 190 -25.27 8.51 -16.67
N SER B 191 -24.84 9.52 -17.43
CA SER B 191 -24.05 9.30 -18.63
C SER B 191 -22.55 9.34 -18.37
N ILE B 192 -22.14 9.47 -17.12
CA ILE B 192 -20.74 9.50 -16.74
C ILE B 192 -20.54 8.42 -15.69
N ASP B 193 -20.09 7.25 -16.12
CA ASP B 193 -19.86 6.16 -15.19
C ASP B 193 -18.53 6.28 -14.45
N ASN B 194 -17.70 7.26 -14.81
CA ASN B 194 -16.40 7.44 -14.18
C ASN B 194 -16.06 8.91 -14.19
N PRO B 195 -16.36 9.63 -13.11
CA PRO B 195 -16.13 11.08 -13.10
C PRO B 195 -14.67 11.48 -13.14
N THR B 196 -13.76 10.67 -12.59
CA THR B 196 -12.34 11.02 -12.63
C THR B 196 -11.84 11.05 -14.07
N LYS B 197 -12.10 9.97 -14.81
CA LYS B 197 -11.69 9.91 -16.20
C LYS B 197 -12.36 11.00 -17.02
N PHE B 198 -13.61 11.33 -16.69
CA PHE B 198 -14.28 12.39 -17.43
C PHE B 198 -13.68 13.76 -17.15
N LYS B 199 -13.29 14.02 -15.91
CA LYS B 199 -12.61 15.28 -15.61
C LYS B 199 -11.29 15.35 -16.37
N GLN B 200 -10.59 14.22 -16.50
CA GLN B 200 -9.38 14.19 -17.32
C GLN B 200 -9.68 14.55 -18.76
N LEU B 201 -10.73 13.96 -19.33
CA LEU B 201 -11.13 14.28 -20.70
C LEU B 201 -11.48 15.75 -20.85
N TYR B 202 -12.17 16.31 -19.86
CA TYR B 202 -12.57 17.72 -19.94
C TYR B 202 -11.35 18.63 -19.85
N ARG B 203 -10.39 18.31 -18.98
CA ARG B 203 -9.15 19.08 -18.93
C ARG B 203 -8.42 19.02 -20.26
N ALA B 204 -8.38 17.85 -20.90
CA ALA B 204 -7.79 17.75 -22.23
C ALA B 204 -8.49 18.70 -23.19
N ARG B 205 -9.82 18.66 -23.21
CA ARG B 205 -10.58 19.55 -24.10
C ARG B 205 -10.31 21.02 -23.78
N MET B 206 -10.06 21.35 -22.52
CA MET B 206 -9.71 22.71 -22.15
C MET B 206 -8.36 23.09 -22.75
N ASN B 207 -7.36 22.21 -22.56
CA ASN B 207 -6.04 22.47 -23.10
C ASN B 207 -6.05 22.52 -24.62
N THR B 208 -7.09 21.98 -25.26
CA THR B 208 -7.22 22.11 -26.71
C THR B 208 -7.45 23.56 -27.12
N LEU B 209 -8.08 24.35 -26.25
CA LEU B 209 -8.39 25.75 -26.56
C LEU B 209 -7.13 26.56 -26.80
N GLU B 210 -6.95 27.02 -28.03
CA GLU B 210 -5.81 27.86 -28.40
C GLU B 210 -6.15 29.32 -28.07
N MET B 211 -5.26 29.99 -27.35
CA MET B 211 -5.54 31.34 -26.89
C MET B 211 -4.24 32.06 -26.55
N THR B 212 -4.26 33.39 -26.69
CA THR B 212 -3.10 34.22 -26.40
C THR B 212 -2.90 34.34 -24.90
N PRO B 213 -1.67 34.69 -24.47
CA PRO B 213 -1.42 34.77 -23.01
C PRO B 213 -2.31 35.76 -22.28
N GLU B 214 -2.64 36.90 -22.90
CA GLU B 214 -3.54 37.84 -22.26
C GLU B 214 -4.93 37.23 -22.11
N VAL B 215 -5.37 36.47 -23.12
CA VAL B 215 -6.68 35.82 -23.02
C VAL B 215 -6.65 34.73 -21.96
N LYS B 216 -5.55 34.00 -21.84
CA LYS B 216 -5.42 33.00 -20.78
C LYS B 216 -5.51 33.65 -19.40
N HIS B 217 -4.85 34.80 -19.24
CA HIS B 217 -4.93 35.53 -17.99
C HIS B 217 -6.35 35.99 -17.71
N ARG B 218 -7.04 36.48 -18.75
CA ARG B 218 -8.44 36.88 -18.59
C ARG B 218 -9.30 35.69 -18.19
N VAL B 219 -9.03 34.51 -18.74
CA VAL B 219 -9.83 33.34 -18.42
C VAL B 219 -9.62 32.91 -16.97
N THR B 220 -8.36 32.89 -16.51
CA THR B 220 -8.11 32.53 -15.11
C THR B 220 -8.73 33.56 -14.16
N GLU B 221 -8.61 34.84 -14.49
CA GLU B 221 -9.23 35.87 -13.67
C GLU B 221 -10.75 35.70 -13.64
N GLU B 222 -11.34 35.33 -14.78
CA GLU B 222 -12.77 35.09 -14.83
C GLU B 222 -13.17 33.87 -14.01
N ALA B 223 -12.30 32.86 -13.96
CA ALA B 223 -12.55 31.72 -13.07
C ALA B 223 -12.57 32.16 -11.61
N LYS B 224 -11.61 33.01 -11.24
CA LYS B 224 -11.67 33.63 -9.91
C LYS B 224 -12.99 34.35 -9.70
N THR B 225 -13.45 35.09 -10.72
CA THR B 225 -14.71 35.83 -10.62
C THR B 225 -15.88 34.89 -10.37
N ALA B 226 -15.94 33.78 -11.09
CA ALA B 226 -17.00 32.80 -10.90
C ALA B 226 -16.97 32.23 -9.49
N PHE B 227 -15.78 31.88 -9.01
CA PHE B 227 -15.66 31.40 -7.64
C PHE B 227 -16.17 32.44 -6.65
N LEU B 228 -15.86 33.71 -6.88
CA LEU B 228 -16.34 34.76 -5.98
C LEU B 228 -17.86 34.88 -6.04
N LEU B 229 -18.44 34.73 -7.22
CA LEU B 229 -19.90 34.75 -7.35
C LEU B 229 -20.53 33.64 -6.52
N ASN B 230 -19.96 32.44 -6.58
CA ASN B 230 -20.46 31.34 -5.75
C ASN B 230 -20.28 31.63 -4.26
N ILE B 231 -19.15 32.24 -3.89
CA ILE B 231 -18.92 32.57 -2.49
C ILE B 231 -19.97 33.54 -1.97
N GLU B 232 -20.21 34.62 -2.71
CA GLU B 232 -21.19 35.60 -2.24
C GLU B 232 -22.62 35.08 -2.36
N LEU B 233 -22.89 34.15 -3.27
CA LEU B 233 -24.17 33.47 -3.23
C LEU B 233 -24.35 32.71 -1.92
N PHE B 234 -23.32 31.96 -1.50
CA PHE B 234 -23.38 31.25 -0.24
C PHE B 234 -23.56 32.20 0.93
N GLU B 235 -22.84 33.33 0.92
CA GLU B 235 -22.97 34.30 2.00
C GLU B 235 -24.38 34.89 2.04
N GLU B 236 -24.93 35.22 0.88
CA GLU B 236 -26.29 35.76 0.85
C GLU B 236 -27.30 34.74 1.34
N LEU B 237 -27.12 33.46 0.97
CA LEU B 237 -28.07 32.45 1.40
C LEU B 237 -27.98 32.17 2.89
N GLN B 238 -26.78 32.25 3.46
CA GLN B 238 -26.68 32.19 4.92
C GLN B 238 -27.35 33.40 5.56
N ALA B 239 -27.25 34.57 4.92
CA ALA B 239 -27.95 35.75 5.42
C ALA B 239 -29.46 35.55 5.42
N LEU B 240 -29.99 34.71 4.54
CA LEU B 240 -31.41 34.43 4.43
C LEU B 240 -31.87 33.20 5.21
N LEU B 241 -31.09 32.74 6.16
CA LEU B 241 -31.42 31.56 6.94
C LEU B 241 -31.06 31.81 8.39
N PRO B 242 -31.20 33.05 8.93
CA PRO B 242 -30.43 33.38 10.13
C PRO B 242 -30.66 32.48 11.33
N GLU B 243 -29.99 31.33 11.35
CA GLU B 243 -30.07 30.38 12.47
C GLU B 243 -31.51 30.10 12.87
N SER B 266 -27.26 2.75 28.64
CA SER B 266 -27.25 1.53 29.44
C SER B 266 -26.81 0.34 28.60
N SER B 267 -26.12 -0.61 29.25
CA SER B 267 -25.52 -1.78 28.60
C SER B 267 -26.38 -2.37 27.49
N PHE B 268 -25.79 -2.51 26.30
CA PHE B 268 -26.46 -3.15 25.18
C PHE B 268 -26.61 -4.65 25.38
N VAL B 269 -25.80 -5.25 26.26
CA VAL B 269 -25.95 -6.66 26.59
C VAL B 269 -27.28 -6.89 27.31
N GLU B 270 -27.48 -6.18 28.42
CA GLU B 270 -28.73 -6.31 29.15
C GLU B 270 -29.92 -5.79 28.33
N LYS B 271 -29.67 -4.85 27.42
CA LYS B 271 -30.72 -4.43 26.50
C LYS B 271 -31.16 -5.58 25.61
N MET B 272 -30.20 -6.31 25.04
CA MET B 272 -30.52 -7.47 24.22
C MET B 272 -31.16 -8.58 25.03
N LYS B 273 -30.77 -8.73 26.29
CA LYS B 273 -31.40 -9.74 27.14
C LYS B 273 -32.86 -9.37 27.40
N LYS B 274 -33.14 -8.10 27.69
CA LYS B 274 -34.50 -7.66 27.94
C LYS B 274 -35.35 -7.67 26.67
N THR B 275 -34.73 -7.54 25.50
CA THR B 275 -35.44 -7.65 24.23
C THR B 275 -35.37 -9.04 23.64
N GLY B 276 -34.63 -9.95 24.24
CA GLY B 276 -34.57 -11.33 23.76
C GLY B 276 -33.80 -11.47 22.47
N ARG B 277 -32.64 -10.82 22.37
CA ARG B 277 -31.83 -10.84 21.17
C ARG B 277 -30.47 -11.46 21.45
N ASN B 278 -29.85 -12.01 20.41
CA ASN B 278 -28.53 -12.59 20.52
C ASN B 278 -27.53 -12.01 19.54
N ILE B 279 -27.95 -11.14 18.63
CA ILE B 279 -27.08 -10.52 17.64
C ILE B 279 -27.25 -9.00 17.72
N ILE B 280 -26.14 -8.28 17.68
CA ILE B 280 -26.15 -6.83 17.57
C ILE B 280 -25.16 -6.41 16.51
N VAL B 281 -25.53 -5.43 15.70
CA VAL B 281 -24.72 -4.96 14.58
C VAL B 281 -24.46 -3.47 14.81
N PHE B 282 -23.25 -3.15 15.25
CA PHE B 282 -22.83 -1.78 15.40
C PHE B 282 -22.35 -1.22 14.07
N TYR B 283 -22.76 -0.01 13.75
CA TYR B 283 -22.37 0.66 12.51
C TYR B 283 -21.43 1.81 12.82
N GLY B 284 -20.28 1.84 12.15
CA GLY B 284 -19.42 3.00 12.21
C GLY B 284 -19.60 3.81 10.94
N SER B 285 -20.46 4.82 11.00
CA SER B 285 -20.92 5.52 9.82
C SER B 285 -20.83 7.02 10.01
N GLN B 286 -20.77 7.74 8.90
CA GLN B 286 -20.83 9.20 8.88
C GLN B 286 -21.88 9.70 7.91
N THR B 287 -22.00 9.12 6.72
CA THR B 287 -23.04 9.48 5.78
C THR B 287 -23.99 8.33 5.50
N GLY B 288 -24.21 7.46 6.49
CA GLY B 288 -25.36 6.58 6.55
C GLY B 288 -25.29 5.24 5.84
N THR B 289 -24.22 4.93 5.11
CA THR B 289 -24.19 3.65 4.40
C THR B 289 -24.08 2.49 5.38
N ALA B 290 -23.18 2.60 6.36
CA ALA B 290 -23.07 1.55 7.37
C ALA B 290 -24.36 1.40 8.16
N GLU B 291 -25.11 2.49 8.35
CA GLU B 291 -26.42 2.39 8.98
C GLU B 291 -27.34 1.49 8.17
N GLU B 292 -27.42 1.72 6.85
CA GLU B 292 -28.23 0.88 5.98
C GLU B 292 -27.80 -0.59 6.08
N PHE B 293 -26.48 -0.84 6.03
CA PHE B 293 -26.00 -2.20 6.08
C PHE B 293 -26.36 -2.88 7.41
N ALA B 294 -26.14 -2.19 8.52
CA ALA B 294 -26.46 -2.74 9.83
C ALA B 294 -27.95 -2.99 9.99
N ASN B 295 -28.78 -2.07 9.49
CA ASN B 295 -30.22 -2.24 9.61
C ASN B 295 -30.71 -3.42 8.79
N ARG B 296 -30.22 -3.56 7.55
CA ARG B 296 -30.62 -4.71 6.76
C ARG B 296 -30.11 -6.01 7.36
N LEU B 297 -28.93 -5.98 7.98
CA LEU B 297 -28.42 -7.17 8.66
C LEU B 297 -29.32 -7.57 9.82
N SER B 298 -29.63 -6.61 10.70
CA SER B 298 -30.51 -6.90 11.83
C SER B 298 -31.93 -7.25 11.40
N LYS B 299 -32.35 -6.82 10.20
CA LYS B 299 -33.65 -7.25 9.71
C LYS B 299 -33.60 -8.69 9.20
N ASP B 300 -32.49 -9.06 8.54
CA ASP B 300 -32.33 -10.46 8.15
C ASP B 300 -32.20 -11.37 9.37
N ALA B 301 -31.69 -10.84 10.49
CA ALA B 301 -31.46 -11.63 11.69
C ALA B 301 -32.73 -12.37 12.13
N HIS B 302 -33.85 -11.65 12.22
CA HIS B 302 -35.08 -12.25 12.70
C HIS B 302 -35.53 -13.40 11.82
N ARG B 303 -35.19 -13.37 10.53
CA ARG B 303 -35.62 -14.41 9.58
C ARG B 303 -34.66 -15.58 9.50
N TYR B 304 -34.15 -16.03 10.65
CA TYR B 304 -33.25 -17.18 10.67
C TYR B 304 -33.35 -17.98 11.95
N GLY B 305 -34.38 -17.76 12.78
CA GLY B 305 -34.44 -18.32 14.10
C GLY B 305 -33.84 -17.44 15.18
N MET B 306 -33.06 -16.45 14.80
CA MET B 306 -32.42 -15.54 15.74
C MET B 306 -33.16 -14.21 15.78
N ARG B 307 -32.52 -13.18 16.34
CA ARG B 307 -33.17 -11.90 16.58
C ARG B 307 -32.12 -10.83 16.89
N GLY B 308 -32.06 -9.77 16.08
CA GLY B 308 -30.99 -8.79 16.18
C GLY B 308 -31.49 -7.37 16.18
N MET B 309 -30.55 -6.45 16.46
CA MET B 309 -30.82 -5.02 16.49
C MET B 309 -29.58 -4.28 15.99
N SER B 310 -29.81 -3.17 15.28
CA SER B 310 -28.73 -2.31 14.79
C SER B 310 -28.60 -1.12 15.73
N ALA B 311 -27.42 -0.94 16.31
CA ALA B 311 -27.21 0.08 17.33
C ALA B 311 -25.99 0.95 17.00
N ASP B 312 -26.00 2.16 17.56
CA ASP B 312 -24.91 3.11 17.42
C ASP B 312 -23.88 2.84 18.52
N PRO B 313 -22.60 2.63 18.20
CA PRO B 313 -21.61 2.35 19.25
C PRO B 313 -21.23 3.55 20.09
N GLU B 314 -21.68 4.76 19.75
CA GLU B 314 -21.19 5.95 20.45
C GLU B 314 -21.65 5.98 21.90
N GLU B 315 -22.95 5.84 22.15
CA GLU B 315 -23.49 5.97 23.50
C GLU B 315 -23.59 4.64 24.23
N TYR B 316 -22.62 3.75 24.00
CA TYR B 316 -22.52 2.50 24.73
C TYR B 316 -21.06 2.27 25.07
N ASP B 317 -20.73 2.24 26.36
CA ASP B 317 -19.38 1.90 26.78
C ASP B 317 -19.15 0.43 26.42
N LEU B 318 -18.48 0.20 25.28
CA LEU B 318 -18.33 -1.16 24.75
C LEU B 318 -17.48 -2.06 25.63
N ALA B 319 -17.05 -1.64 26.83
CA ALA B 319 -16.49 -2.58 27.78
C ALA B 319 -17.47 -3.68 28.14
N ASP B 320 -18.75 -3.48 27.85
CA ASP B 320 -19.77 -4.52 27.96
C ASP B 320 -19.70 -5.50 26.79
N LEU B 321 -18.53 -5.64 26.17
CA LEU B 321 -18.34 -6.71 25.21
C LEU B 321 -17.87 -8.00 25.87
N SER B 322 -17.19 -7.90 27.02
CA SER B 322 -16.86 -9.11 27.79
C SER B 322 -18.09 -9.68 28.48
N SER B 323 -19.14 -8.90 28.63
CA SER B 323 -20.39 -9.36 29.22
C SER B 323 -21.34 -9.94 28.17
N LEU B 324 -20.94 -9.94 26.91
CA LEU B 324 -21.79 -10.38 25.81
C LEU B 324 -21.76 -11.89 25.61
N PRO B 325 -20.61 -12.58 25.78
CA PRO B 325 -20.63 -14.05 25.72
C PRO B 325 -21.49 -14.70 26.79
N GLU B 326 -22.02 -13.92 27.74
CA GLU B 326 -22.94 -14.43 28.74
C GLU B 326 -24.37 -14.47 28.23
N ILE B 327 -24.57 -14.37 26.92
CA ILE B 327 -25.85 -14.59 26.26
C ILE B 327 -25.69 -15.79 25.34
N ASP B 328 -26.68 -16.68 25.37
CA ASP B 328 -26.57 -17.94 24.64
C ASP B 328 -26.51 -17.70 23.14
N LYS B 329 -25.48 -18.25 22.50
CA LYS B 329 -25.25 -18.09 21.06
C LYS B 329 -25.26 -16.62 20.66
N SER B 330 -24.37 -15.86 21.31
CA SER B 330 -24.26 -14.43 21.08
C SER B 330 -23.29 -14.14 19.94
N LEU B 331 -23.60 -13.10 19.18
CA LEU B 331 -22.76 -12.70 18.05
C LEU B 331 -22.84 -11.19 17.87
N VAL B 332 -21.73 -10.57 17.50
CA VAL B 332 -21.64 -9.13 17.30
C VAL B 332 -21.03 -8.85 15.94
N VAL B 333 -21.64 -7.92 15.20
CA VAL B 333 -21.17 -7.54 13.87
C VAL B 333 -20.82 -6.06 13.87
N PHE B 334 -19.79 -5.71 13.12
CA PHE B 334 -19.30 -4.33 13.03
C PHE B 334 -19.25 -3.92 11.58
N CYS B 335 -20.03 -2.89 11.21
CA CYS B 335 -20.01 -2.31 9.88
C CYS B 335 -19.29 -0.97 9.98
N MET B 336 -17.99 -0.97 9.68
CA MET B 336 -17.12 0.14 10.01
C MET B 336 -16.67 0.86 8.75
N ALA B 337 -17.12 2.11 8.58
CA ALA B 337 -16.55 2.99 7.58
C ALA B 337 -15.31 3.68 8.14
N THR B 338 -14.40 4.05 7.24
CA THR B 338 -13.16 4.70 7.63
C THR B 338 -13.05 6.04 6.91
N TYR B 339 -12.63 7.06 7.66
CA TYR B 339 -12.54 8.42 7.12
C TYR B 339 -11.18 9.03 7.37
N GLY B 340 -11.05 10.33 7.11
CA GLY B 340 -9.81 11.03 7.34
C GLY B 340 -8.64 10.35 6.64
N GLU B 341 -7.53 10.22 7.36
CA GLU B 341 -6.36 9.51 6.88
C GLU B 341 -6.28 8.17 7.59
N GLY B 342 -7.28 7.33 7.32
CA GLY B 342 -7.39 6.04 7.99
C GLY B 342 -7.94 6.13 9.40
N ASP B 343 -8.77 7.17 9.71
CA ASP B 343 -9.33 7.52 10.99
C ASP B 343 -10.76 7.01 11.13
N PRO B 344 -11.20 6.71 12.35
CA PRO B 344 -12.58 6.24 12.53
C PRO B 344 -13.58 7.38 12.38
N THR B 345 -14.81 6.99 12.08
CA THR B 345 -15.91 7.95 12.13
C THR B 345 -16.05 8.50 13.54
N ASP B 346 -16.48 9.77 13.64
CA ASP B 346 -16.56 10.43 14.94
C ASP B 346 -17.49 9.66 15.89
N ASN B 347 -18.58 9.10 15.37
CA ASN B 347 -19.48 8.32 16.22
C ASN B 347 -18.83 7.05 16.75
N ALA B 348 -17.68 6.66 16.21
CA ALA B 348 -16.90 5.52 16.72
C ALA B 348 -15.55 5.94 17.27
N GLN B 349 -15.30 7.24 17.36
CA GLN B 349 -14.03 7.75 17.87
C GLN B 349 -13.76 7.21 19.28
N ASP B 350 -14.73 7.38 20.18
CA ASP B 350 -14.64 6.81 21.52
C ASP B 350 -14.30 5.33 21.50
N PHE B 351 -15.04 4.55 20.71
CA PHE B 351 -14.78 3.12 20.56
C PHE B 351 -13.31 2.85 20.20
N TYR B 352 -12.84 3.47 19.13
CA TYR B 352 -11.46 3.30 18.68
C TYR B 352 -10.47 3.61 19.79
N ASP B 353 -10.63 4.79 20.41
CA ASP B 353 -9.74 5.18 21.50
C ASP B 353 -9.77 4.15 22.62
N TRP B 354 -10.95 3.60 22.90
CA TRP B 354 -11.05 2.58 23.95
C TRP B 354 -10.25 1.34 23.58
N LEU B 355 -10.37 0.88 22.35
CA LEU B 355 -9.60 -0.31 22.00
C LEU B 355 -8.12 0.00 21.77
N GLN B 356 -7.72 1.27 21.83
CA GLN B 356 -6.30 1.60 21.75
C GLN B 356 -5.56 1.07 22.97
N GLU B 357 -5.66 1.79 24.09
CA GLU B 357 -4.99 1.37 25.32
C GLU B 357 -6.00 0.65 26.22
N THR B 358 -6.13 -0.66 26.00
CA THR B 358 -6.99 -1.50 26.82
C THR B 358 -6.50 -2.94 26.69
N ASP B 359 -6.93 -3.77 27.65
CA ASP B 359 -6.57 -5.19 27.62
C ASP B 359 -7.66 -6.07 28.25
N VAL B 360 -8.92 -5.63 28.18
CA VAL B 360 -10.01 -6.45 28.67
C VAL B 360 -10.12 -7.70 27.82
N ASP B 361 -10.10 -8.86 28.47
CA ASP B 361 -10.06 -10.15 27.78
C ASP B 361 -11.45 -10.48 27.24
N LEU B 362 -11.58 -10.51 25.91
CA LEU B 362 -12.86 -10.82 25.25
C LEU B 362 -12.88 -12.28 24.81
N THR B 363 -12.69 -13.18 25.77
CA THR B 363 -12.66 -14.60 25.49
C THR B 363 -14.07 -15.15 25.25
N GLY B 364 -14.19 -16.02 24.25
CA GLY B 364 -15.43 -16.72 23.97
C GLY B 364 -16.56 -15.87 23.42
N VAL B 365 -16.26 -14.72 22.82
CA VAL B 365 -17.27 -13.90 22.16
C VAL B 365 -17.07 -14.05 20.66
N LYS B 366 -18.18 -14.07 19.92
CA LYS B 366 -18.17 -14.31 18.49
C LYS B 366 -18.47 -13.01 17.76
N PHE B 367 -17.67 -12.69 16.75
CA PHE B 367 -17.76 -11.41 16.07
C PHE B 367 -17.54 -11.59 14.57
N ALA B 368 -17.89 -10.54 13.83
CA ALA B 368 -17.62 -10.45 12.40
C ALA B 368 -17.63 -8.98 12.00
N VAL B 369 -16.79 -8.64 11.03
CA VAL B 369 -16.58 -7.25 10.62
C VAL B 369 -16.72 -7.12 9.11
N PHE B 370 -17.47 -6.11 8.68
CA PHE B 370 -17.50 -5.67 7.30
C PHE B 370 -17.04 -4.22 7.24
N GLY B 371 -16.04 -3.95 6.42
CA GLY B 371 -15.47 -2.62 6.31
C GLY B 371 -15.96 -1.91 5.06
N LEU B 372 -16.20 -0.60 5.20
CA LEU B 372 -16.60 0.27 4.11
C LEU B 372 -15.42 1.17 3.79
N GLY B 373 -14.92 1.08 2.56
CA GLY B 373 -13.74 1.83 2.17
C GLY B 373 -13.76 2.19 0.71
N ASN B 374 -12.64 2.80 0.28
CA ASN B 374 -12.44 3.22 -1.10
C ASN B 374 -11.03 2.87 -1.52
N LYS B 375 -10.88 2.16 -2.63
CA LYS B 375 -9.56 1.73 -3.05
C LYS B 375 -8.66 2.89 -3.48
N THR B 376 -9.23 4.06 -3.80
CA THR B 376 -8.42 5.18 -4.26
C THR B 376 -7.58 5.78 -3.13
N TYR B 377 -8.01 5.66 -1.89
CA TYR B 377 -7.21 6.08 -0.76
C TYR B 377 -6.15 5.03 -0.44
N GLU B 378 -5.08 5.47 0.20
CA GLU B 378 -3.97 4.58 0.53
C GLU B 378 -3.97 4.18 2.01
N HIS B 379 -5.13 4.26 2.65
CA HIS B 379 -5.38 3.66 3.95
C HIS B 379 -6.65 2.81 3.89
N PHE B 380 -6.76 2.02 2.81
CA PHE B 380 -7.96 1.29 2.44
C PHE B 380 -8.55 0.47 3.58
N ASN B 381 -9.73 0.87 4.06
CA ASN B 381 -10.47 0.15 5.10
C ASN B 381 -9.62 -0.03 6.36
N ALA B 382 -8.84 1.00 6.70
CA ALA B 382 -7.99 0.92 7.88
C ALA B 382 -8.80 0.64 9.13
N MET B 383 -10.00 1.22 9.22
CA MET B 383 -10.79 1.08 10.44
C MET B 383 -11.34 -0.34 10.59
N GLY B 384 -11.93 -0.88 9.52
CA GLY B 384 -12.43 -2.23 9.57
C GLY B 384 -11.34 -3.25 9.83
N LYS B 385 -10.23 -3.12 9.12
CA LYS B 385 -9.09 -4.02 9.32
C LYS B 385 -8.57 -3.93 10.75
N TYR B 386 -8.52 -2.71 11.29
CA TYR B 386 -8.02 -2.53 12.67
C TYR B 386 -8.96 -3.17 13.66
N VAL B 387 -10.27 -2.92 13.53
CA VAL B 387 -11.24 -3.54 14.42
C VAL B 387 -11.16 -5.06 14.35
N ASP B 388 -11.01 -5.61 13.15
CA ASP B 388 -10.91 -7.05 12.98
C ASP B 388 -9.67 -7.60 13.70
N GLN B 389 -8.49 -7.08 13.34
CA GLN B 389 -7.25 -7.56 13.96
C GLN B 389 -7.25 -7.35 15.47
N ARG B 390 -7.94 -6.33 15.96
CA ARG B 390 -7.86 -6.02 17.38
C ARG B 390 -8.84 -6.84 18.19
N LEU B 391 -10.04 -7.10 17.65
CA LEU B 391 -10.94 -8.02 18.30
C LEU B 391 -10.35 -9.43 18.31
N GLU B 392 -9.60 -9.79 17.27
CA GLU B 392 -8.91 -11.08 17.30
C GLU B 392 -7.79 -11.08 18.33
N GLN B 393 -7.09 -9.95 18.48
CA GLN B 393 -6.06 -9.85 19.51
C GLN B 393 -6.63 -9.91 20.91
N LEU B 394 -7.85 -9.42 21.12
CA LEU B 394 -8.42 -9.35 22.46
C LEU B 394 -9.04 -10.66 22.93
N GLY B 395 -9.20 -11.66 22.06
CA GLY B 395 -9.72 -12.93 22.53
C GLY B 395 -10.91 -13.45 21.74
N ALA B 396 -11.63 -12.55 21.08
CA ALA B 396 -12.80 -12.91 20.32
C ALA B 396 -12.44 -13.85 19.17
N GLN B 397 -13.46 -14.54 18.64
CA GLN B 397 -13.28 -15.49 17.55
C GLN B 397 -14.06 -15.01 16.34
N ARG B 398 -13.43 -15.06 15.17
CA ARG B 398 -14.05 -14.60 13.95
C ARG B 398 -15.01 -15.66 13.43
N ILE B 399 -16.24 -15.25 13.11
CA ILE B 399 -17.21 -16.17 12.54
C ILE B 399 -17.12 -16.17 11.02
N PHE B 400 -16.98 -14.99 10.42
CA PHE B 400 -16.88 -14.83 8.98
C PHE B 400 -15.66 -13.97 8.65
N GLU B 401 -15.08 -14.22 7.47
CA GLU B 401 -13.93 -13.46 7.03
C GLU B 401 -14.26 -11.98 6.94
N LEU B 402 -13.24 -11.15 7.16
CA LEU B 402 -13.41 -9.70 7.10
C LEU B 402 -13.75 -9.25 5.68
N GLY B 403 -14.81 -8.45 5.56
CA GLY B 403 -15.19 -7.88 4.28
C GLY B 403 -14.51 -6.55 4.01
N LEU B 404 -14.13 -6.35 2.74
CA LEU B 404 -13.41 -5.15 2.30
C LEU B 404 -14.20 -4.52 1.16
N GLY B 405 -15.10 -3.60 1.48
CA GLY B 405 -15.92 -2.97 0.47
C GLY B 405 -15.19 -1.92 -0.34
N ASP B 406 -15.19 -2.08 -1.65
CA ASP B 406 -14.55 -1.12 -2.55
C ASP B 406 -15.59 -0.13 -3.04
N ASP B 407 -15.26 1.16 -2.99
CA ASP B 407 -16.17 2.19 -3.44
C ASP B 407 -15.97 2.59 -4.89
N ASP B 408 -14.82 2.24 -5.49
CA ASP B 408 -14.66 2.44 -6.93
C ASP B 408 -15.67 1.62 -7.71
N GLY B 409 -15.83 0.35 -7.34
CA GLY B 409 -16.83 -0.48 -7.97
C GLY B 409 -18.18 -0.32 -7.32
N ASN B 410 -18.92 -1.41 -7.23
CA ASN B 410 -20.26 -1.40 -6.64
C ASN B 410 -20.12 -1.85 -5.18
N LEU B 411 -20.11 -0.86 -4.27
CA LEU B 411 -20.05 -1.18 -2.85
C LEU B 411 -21.26 -2.01 -2.43
N GLU B 412 -22.44 -1.68 -2.96
CA GLU B 412 -23.63 -2.49 -2.69
C GLU B 412 -23.41 -3.94 -3.09
N GLU B 413 -22.77 -4.17 -4.24
CA GLU B 413 -22.55 -5.54 -4.68
C GLU B 413 -21.57 -6.27 -3.76
N ASP B 414 -20.49 -5.58 -3.36
CA ASP B 414 -19.57 -6.16 -2.40
C ASP B 414 -20.28 -6.55 -1.11
N PHE B 415 -21.15 -5.66 -0.61
CA PHE B 415 -21.85 -5.95 0.64
C PHE B 415 -22.86 -7.07 0.47
N ILE B 416 -23.57 -7.11 -0.65
CA ILE B 416 -24.52 -8.18 -0.88
C ILE B 416 -23.80 -9.53 -0.93
N THR B 417 -22.66 -9.58 -1.62
CA THR B 417 -21.85 -10.80 -1.62
C THR B 417 -21.45 -11.20 -0.19
N TRP B 418 -20.94 -10.23 0.57
CA TRP B 418 -20.46 -10.51 1.92
C TRP B 418 -21.58 -11.04 2.80
N ARG B 419 -22.71 -10.33 2.85
CA ARG B 419 -23.86 -10.76 3.63
C ARG B 419 -24.37 -12.13 3.18
N GLU B 420 -24.49 -12.31 1.87
CA GLU B 420 -25.03 -13.55 1.30
C GLU B 420 -24.21 -14.76 1.72
N GLN B 421 -22.88 -14.63 1.75
CA GLN B 421 -22.05 -15.74 2.21
C GLN B 421 -21.80 -15.71 3.71
N PHE B 422 -22.13 -14.61 4.37
CA PHE B 422 -21.96 -14.48 5.82
C PHE B 422 -23.04 -15.25 6.57
N TRP B 423 -24.30 -15.05 6.19
CA TRP B 423 -25.40 -15.69 6.92
C TRP B 423 -25.29 -17.21 6.98
N PRO B 424 -24.93 -17.93 5.91
CA PRO B 424 -24.70 -19.38 6.06
C PRO B 424 -23.60 -19.73 7.05
N ALA B 425 -22.49 -18.97 7.06
CA ALA B 425 -21.44 -19.25 8.02
C ALA B 425 -21.93 -19.06 9.45
N VAL B 426 -22.81 -18.07 9.67
CA VAL B 426 -23.40 -17.88 11.00
C VAL B 426 -24.29 -19.06 11.35
N CYS B 427 -25.19 -19.43 10.43
CA CYS B 427 -26.08 -20.56 10.70
C CYS B 427 -25.32 -21.85 10.91
N GLU B 428 -24.08 -21.94 10.41
CA GLU B 428 -23.29 -23.16 10.49
C GLU B 428 -22.22 -23.15 11.58
N PHE B 429 -21.93 -22.02 12.22
CA PHE B 429 -20.90 -22.08 13.26
C PHE B 429 -21.42 -22.71 14.55
N PHE B 430 -22.30 -22.02 15.27
CA PHE B 430 -22.76 -22.57 16.54
C PHE B 430 -23.78 -23.69 16.36
N GLY B 431 -24.17 -24.04 15.14
CA GLY B 431 -25.14 -25.09 14.96
C GLY B 431 -26.58 -24.70 15.22
N VAL B 432 -26.86 -23.41 15.47
CA VAL B 432 -28.22 -22.91 15.62
C VAL B 432 -29.07 -23.37 14.43
N GLU B 433 -28.41 -23.63 13.30
CA GLU B 433 -28.94 -24.23 12.08
C GLU B 433 -30.45 -24.30 11.95
N ALA B 434 -31.10 -23.21 11.56
CA ALA B 434 -32.47 -23.37 11.10
C ALA B 434 -32.50 -23.77 9.63
N SER B 435 -31.62 -23.16 8.82
CA SER B 435 -31.36 -23.57 7.44
C SER B 435 -32.61 -23.59 6.57
N SER B 436 -33.61 -22.78 6.92
CA SER B 436 -34.94 -22.99 6.36
C SER B 436 -35.86 -21.78 6.51
N ILE B 437 -35.46 -20.63 5.99
CA ILE B 437 -36.35 -19.48 5.87
C ILE B 437 -36.23 -18.95 4.45
N ARG B 438 -37.38 -18.69 3.82
CA ARG B 438 -37.42 -18.15 2.47
C ARG B 438 -37.50 -16.62 2.48
N GLN B 439 -37.36 -16.04 1.29
CA GLN B 439 -37.62 -14.62 1.09
C GLN B 439 -38.60 -14.36 -0.05
N TYR B 440 -38.86 -15.34 -0.91
CA TYR B 440 -39.80 -15.22 -2.01
C TYR B 440 -40.79 -16.38 -1.94
N GLU B 441 -42.06 -16.07 -2.19
CA GLU B 441 -43.15 -17.04 -2.16
C GLU B 441 -43.48 -17.49 -3.58
N LEU B 442 -43.66 -18.79 -3.75
CA LEU B 442 -43.99 -19.36 -5.05
C LEU B 442 -45.49 -19.27 -5.29
N VAL B 443 -45.88 -18.75 -6.46
CA VAL B 443 -47.27 -18.64 -6.87
C VAL B 443 -47.34 -19.12 -8.32
N VAL B 444 -47.81 -20.33 -8.54
CA VAL B 444 -47.92 -20.87 -9.90
C VAL B 444 -49.18 -20.32 -10.56
N HIS B 445 -49.02 -19.81 -11.78
CA HIS B 445 -50.16 -19.36 -12.60
C HIS B 445 -50.39 -20.43 -13.65
N GLU B 446 -51.24 -21.40 -13.31
CA GLU B 446 -51.46 -22.54 -14.21
C GLU B 446 -52.38 -22.19 -15.37
N ASP B 447 -53.30 -21.26 -15.18
CA ASP B 447 -54.20 -20.81 -16.24
C ASP B 447 -54.05 -19.30 -16.41
N MET B 448 -53.46 -18.89 -17.53
CA MET B 448 -53.15 -17.47 -17.73
C MET B 448 -52.85 -17.23 -19.21
N ASP B 449 -53.30 -16.09 -19.72
CA ASP B 449 -53.09 -15.72 -21.11
C ASP B 449 -51.61 -15.43 -21.38
N VAL B 450 -51.24 -15.46 -22.65
CA VAL B 450 -49.84 -15.36 -23.04
C VAL B 450 -49.36 -13.91 -23.21
N ALA B 451 -50.26 -12.99 -23.56
CA ALA B 451 -49.85 -11.59 -23.73
C ALA B 451 -49.48 -10.90 -22.44
N LYS B 452 -49.52 -11.62 -21.31
CA LYS B 452 -49.19 -11.06 -20.00
C LYS B 452 -47.95 -11.70 -19.40
N VAL B 453 -47.29 -12.61 -20.12
CA VAL B 453 -46.18 -13.39 -19.60
C VAL B 453 -44.89 -12.87 -20.20
N TYR B 454 -43.88 -12.66 -19.36
CA TYR B 454 -42.58 -12.25 -19.83
C TYR B 454 -41.91 -13.38 -20.61
N THR B 455 -41.39 -13.05 -21.80
CA THR B 455 -40.77 -14.04 -22.67
C THR B 455 -39.26 -13.84 -22.78
N GLY B 456 -38.66 -13.08 -21.88
CA GLY B 456 -37.23 -12.84 -21.89
C GLY B 456 -36.82 -11.39 -21.96
N GLU B 457 -37.76 -10.47 -22.16
CA GLU B 457 -37.43 -9.06 -22.22
C GLU B 457 -36.99 -8.56 -20.85
N MET B 458 -36.35 -7.38 -20.84
CA MET B 458 -35.72 -6.85 -19.64
C MET B 458 -36.55 -5.77 -18.95
N GLY B 459 -37.12 -4.84 -19.71
CA GLY B 459 -37.88 -3.74 -19.14
C GLY B 459 -39.36 -4.03 -19.03
N ARG B 460 -40.17 -3.30 -19.79
CA ARG B 460 -41.61 -3.52 -19.78
C ARG B 460 -41.95 -4.80 -20.55
N LEU B 461 -43.20 -5.23 -20.45
CA LEU B 461 -43.66 -6.39 -21.18
C LEU B 461 -43.73 -6.10 -22.67
N LYS B 462 -43.24 -7.05 -23.47
CA LYS B 462 -43.22 -6.94 -24.93
C LYS B 462 -42.48 -5.68 -25.38
N SER B 463 -41.40 -5.33 -24.67
CA SER B 463 -40.53 -4.26 -25.11
C SER B 463 -39.48 -4.74 -26.09
N TYR B 464 -39.26 -6.05 -26.18
CA TYR B 464 -38.38 -6.60 -27.19
C TYR B 464 -39.06 -6.66 -28.55
N GLU B 465 -40.40 -6.74 -28.58
CA GLU B 465 -41.14 -6.74 -29.83
C GLU B 465 -41.60 -5.35 -30.21
N ASN B 466 -42.08 -4.56 -29.26
CA ASN B 466 -42.43 -3.16 -29.48
C ASN B 466 -41.24 -2.32 -29.04
N GLN B 467 -40.22 -2.27 -29.91
CA GLN B 467 -39.03 -1.49 -29.62
C GLN B 467 -39.26 -0.03 -29.98
N LYS B 468 -39.10 0.84 -29.00
CA LYS B 468 -39.25 2.28 -29.21
C LYS B 468 -38.20 3.02 -28.39
N PRO B 469 -37.56 4.03 -28.98
CA PRO B 469 -36.54 4.79 -28.25
C PRO B 469 -37.13 5.48 -27.02
N PRO B 470 -36.29 5.82 -26.03
CA PRO B 470 -34.84 5.67 -26.02
C PRO B 470 -34.38 4.28 -25.63
N PHE B 471 -33.14 3.94 -25.96
CA PHE B 471 -32.58 2.63 -25.63
C PHE B 471 -31.44 2.80 -24.64
N ASP B 472 -31.46 2.01 -23.58
CA ASP B 472 -30.47 2.09 -22.51
C ASP B 472 -30.42 0.74 -21.81
N ALA B 473 -29.96 0.74 -20.55
CA ALA B 473 -29.81 -0.51 -19.82
C ALA B 473 -31.15 -1.20 -19.59
N LYS B 474 -32.19 -0.42 -19.30
CA LYS B 474 -33.51 -0.98 -19.01
C LYS B 474 -34.39 -1.12 -20.25
N ASN B 475 -33.94 -0.63 -21.41
CA ASN B 475 -34.65 -0.81 -22.67
C ASN B 475 -33.64 -1.08 -23.77
N PRO B 476 -33.07 -2.29 -23.80
CA PRO B 476 -32.06 -2.59 -24.81
C PRO B 476 -32.66 -2.71 -26.19
N PHE B 477 -31.87 -2.34 -27.20
CA PHE B 477 -32.27 -2.45 -28.59
C PHE B 477 -31.79 -3.78 -29.16
N LEU B 478 -32.64 -4.42 -29.96
CA LEU B 478 -32.31 -5.71 -30.56
C LEU B 478 -31.64 -5.46 -31.90
N ALA B 479 -30.31 -5.52 -31.91
CA ALA B 479 -29.55 -5.26 -33.11
C ALA B 479 -29.44 -6.53 -33.95
N ALA B 480 -29.50 -6.36 -35.27
CA ALA B 480 -29.42 -7.47 -36.20
C ALA B 480 -27.95 -7.77 -36.47
N VAL B 481 -27.55 -9.02 -36.26
CA VAL B 481 -26.17 -9.43 -36.53
C VAL B 481 -25.95 -9.46 -38.04
N THR B 482 -25.21 -8.49 -38.56
CA THR B 482 -24.90 -8.43 -39.99
C THR B 482 -23.71 -9.32 -40.33
N ALA B 483 -22.71 -9.38 -39.45
CA ALA B 483 -21.48 -10.11 -39.73
C ALA B 483 -21.03 -10.87 -38.51
N ASN B 484 -20.31 -11.97 -38.76
CA ASN B 484 -19.71 -12.79 -37.73
C ASN B 484 -18.65 -13.67 -38.37
N ARG B 485 -17.47 -13.11 -38.62
CA ARG B 485 -16.40 -13.85 -39.29
C ARG B 485 -15.23 -14.05 -38.35
N LYS B 486 -14.32 -14.91 -38.77
CA LYS B 486 -13.17 -15.31 -37.98
C LYS B 486 -11.97 -14.41 -38.27
N LEU B 487 -11.41 -13.83 -37.22
CA LEU B 487 -10.16 -13.08 -37.34
C LEU B 487 -8.94 -13.98 -37.08
N ASN B 488 -9.05 -14.83 -36.07
CA ASN B 488 -8.00 -15.79 -35.74
C ASN B 488 -7.62 -16.61 -36.97
N GLN B 489 -6.31 -16.77 -37.17
CA GLN B 489 -5.79 -17.54 -38.31
C GLN B 489 -5.47 -18.98 -37.96
N GLY B 490 -5.12 -19.27 -36.71
CA GLY B 490 -4.80 -20.62 -36.28
C GLY B 490 -5.99 -21.36 -35.69
N THR B 491 -5.71 -22.20 -34.69
CA THR B 491 -6.75 -22.97 -34.01
C THR B 491 -6.57 -23.00 -32.50
N GLU B 492 -5.62 -22.24 -31.95
CA GLU B 492 -5.48 -22.14 -30.50
C GLU B 492 -6.78 -21.69 -29.85
N ARG B 493 -7.28 -20.53 -30.27
CA ARG B 493 -8.54 -19.97 -29.79
C ARG B 493 -9.34 -19.47 -30.98
N HIS B 494 -10.62 -19.21 -30.76
CA HIS B 494 -11.51 -18.67 -31.78
C HIS B 494 -11.76 -17.20 -31.48
N LEU B 495 -11.29 -16.33 -32.37
CA LEU B 495 -11.48 -14.89 -32.23
C LEU B 495 -12.35 -14.39 -33.38
N MET B 496 -13.37 -13.61 -33.03
CA MET B 496 -14.45 -13.27 -33.96
C MET B 496 -14.63 -11.76 -34.03
N HIS B 497 -15.19 -11.33 -35.17
CA HIS B 497 -15.46 -9.93 -35.49
C HIS B 497 -16.92 -9.85 -35.91
N LEU B 498 -17.78 -9.35 -35.02
CA LEU B 498 -19.20 -9.21 -35.28
C LEU B 498 -19.55 -7.77 -35.64
N GLU B 499 -20.65 -7.63 -36.37
CA GLU B 499 -21.19 -6.32 -36.74
C GLU B 499 -22.67 -6.29 -36.38
N LEU B 500 -23.09 -5.27 -35.64
CA LEU B 500 -24.44 -5.15 -35.13
C LEU B 500 -25.11 -3.95 -35.78
N ASP B 501 -26.30 -4.16 -36.34
CA ASP B 501 -27.04 -3.10 -37.01
C ASP B 501 -27.90 -2.35 -36.00
N ILE B 502 -27.72 -1.02 -35.95
CA ILE B 502 -28.49 -0.17 -35.06
C ILE B 502 -29.14 0.91 -35.90
N SER B 503 -29.76 0.49 -37.01
CA SER B 503 -30.14 1.42 -38.07
C SER B 503 -31.14 2.46 -37.57
N ASP B 504 -32.29 2.02 -37.11
CA ASP B 504 -33.36 2.94 -36.74
C ASP B 504 -33.55 3.05 -35.23
N SER B 505 -32.52 2.70 -34.45
CA SER B 505 -32.58 2.89 -33.00
C SER B 505 -32.29 4.33 -32.59
N LYS B 506 -31.72 5.14 -33.48
CA LYS B 506 -31.26 6.49 -33.17
C LYS B 506 -30.24 6.50 -32.03
N ILE B 507 -29.50 5.40 -31.87
CA ILE B 507 -28.45 5.31 -30.86
C ILE B 507 -27.19 5.97 -31.40
N ARG B 508 -26.63 6.87 -30.60
CA ARG B 508 -25.37 7.52 -30.93
C ARG B 508 -24.24 6.95 -30.08
N TYR B 509 -23.04 6.98 -30.62
CA TYR B 509 -21.85 6.51 -29.93
C TYR B 509 -20.63 7.14 -30.59
N GLU B 510 -19.50 7.05 -29.90
CA GLU B 510 -18.23 7.56 -30.39
C GLU B 510 -17.18 6.47 -30.27
N SER B 511 -16.12 6.61 -31.05
CA SER B 511 -15.01 5.68 -30.97
C SER B 511 -14.42 5.69 -29.56
N GLY B 512 -14.36 4.52 -28.94
CA GLY B 512 -13.94 4.39 -27.56
C GLY B 512 -15.06 4.04 -26.60
N ASP B 513 -16.31 4.30 -26.97
CA ASP B 513 -17.45 3.91 -26.15
C ASP B 513 -17.53 2.39 -26.06
N HIS B 514 -18.38 1.90 -25.15
CA HIS B 514 -18.58 0.48 -24.94
C HIS B 514 -19.98 0.07 -25.38
N VAL B 515 -20.12 -1.19 -25.77
CA VAL B 515 -21.41 -1.77 -26.09
C VAL B 515 -21.65 -2.92 -25.11
N ALA B 516 -22.76 -2.85 -24.39
CA ALA B 516 -23.14 -3.92 -23.47
C ALA B 516 -24.21 -4.79 -24.13
N VAL B 517 -24.18 -6.07 -23.78
CA VAL B 517 -24.97 -7.10 -24.44
C VAL B 517 -25.61 -7.97 -23.38
N TYR B 518 -26.93 -8.18 -23.51
CA TYR B 518 -27.65 -9.09 -22.63
C TYR B 518 -27.67 -10.46 -23.29
N PRO B 519 -26.96 -11.46 -22.76
CA PRO B 519 -26.88 -12.75 -23.46
C PRO B 519 -27.98 -13.70 -23.05
N ALA B 520 -27.92 -14.93 -23.57
CA ALA B 520 -28.83 -16.00 -23.21
C ALA B 520 -28.01 -17.26 -22.97
N ASN B 521 -28.27 -17.93 -21.85
CA ASN B 521 -27.57 -19.18 -21.57
C ASN B 521 -27.92 -20.23 -22.61
N ASP B 522 -27.01 -21.19 -22.79
CA ASP B 522 -27.23 -22.26 -23.75
C ASP B 522 -28.40 -23.13 -23.32
N SER B 523 -29.38 -23.29 -24.22
CA SER B 523 -30.62 -23.98 -23.88
C SER B 523 -30.41 -25.46 -23.56
N ALA B 524 -29.34 -26.06 -24.09
CA ALA B 524 -29.03 -27.44 -23.71
C ALA B 524 -28.74 -27.55 -22.22
N LEU B 525 -28.00 -26.59 -21.66
CA LEU B 525 -27.79 -26.54 -20.22
C LEU B 525 -29.11 -26.47 -19.48
N VAL B 526 -30.02 -25.60 -19.94
CA VAL B 526 -31.32 -25.43 -19.28
C VAL B 526 -32.08 -26.75 -19.30
N ASN B 527 -32.11 -27.42 -20.46
CA ASN B 527 -32.82 -28.69 -20.58
C ASN B 527 -32.20 -29.75 -19.69
N GLN B 528 -30.87 -29.81 -19.61
CA GLN B 528 -30.21 -30.79 -18.75
C GLN B 528 -30.51 -30.54 -17.29
N ILE B 529 -30.52 -29.28 -16.86
CA ILE B 529 -30.85 -28.96 -15.48
C ILE B 529 -32.29 -29.35 -15.18
N GLY B 530 -33.22 -29.04 -16.10
CA GLY B 530 -34.60 -29.44 -15.91
C GLY B 530 -34.79 -30.94 -15.86
N GLU B 531 -33.98 -31.68 -16.62
CA GLU B 531 -33.99 -33.13 -16.58
C GLU B 531 -33.54 -33.63 -15.21
N ILE B 532 -32.27 -33.37 -14.88
CA ILE B 532 -31.68 -33.94 -13.66
C ILE B 532 -32.42 -33.47 -12.42
N LEU B 533 -33.05 -32.30 -12.48
CA LEU B 533 -33.81 -31.82 -11.33
C LEU B 533 -35.20 -32.41 -11.26
N GLY B 534 -35.69 -32.99 -12.35
CA GLY B 534 -37.00 -33.63 -12.37
C GLY B 534 -38.17 -32.69 -12.17
N ALA B 535 -38.24 -31.64 -12.99
CA ALA B 535 -39.35 -30.70 -12.94
C ALA B 535 -39.70 -30.25 -14.34
N ASP B 536 -40.87 -29.62 -14.48
CA ASP B 536 -41.32 -29.10 -15.78
C ASP B 536 -40.92 -27.64 -15.90
N LEU B 537 -40.25 -27.30 -17.00
CA LEU B 537 -39.67 -25.98 -17.18
C LEU B 537 -40.65 -24.96 -17.74
N ASP B 538 -41.64 -25.39 -18.53
CA ASP B 538 -42.57 -24.48 -19.18
C ASP B 538 -43.74 -24.08 -18.28
N VAL B 539 -43.60 -24.22 -16.97
CA VAL B 539 -44.68 -23.89 -16.04
C VAL B 539 -44.61 -22.40 -15.75
N ILE B 540 -45.67 -21.67 -16.14
CA ILE B 540 -45.76 -20.24 -15.84
C ILE B 540 -46.00 -20.04 -14.35
N MET B 541 -45.18 -19.21 -13.72
CA MET B 541 -45.22 -19.03 -12.27
C MET B 541 -44.78 -17.62 -11.93
N SER B 542 -44.64 -17.36 -10.62
CA SER B 542 -44.12 -16.09 -10.11
C SER B 542 -43.52 -16.32 -8.74
N LEU B 543 -42.57 -15.45 -8.38
CA LEU B 543 -41.95 -15.45 -7.05
C LEU B 543 -42.11 -14.07 -6.47
N ASN B 544 -42.85 -13.97 -5.35
CA ASN B 544 -43.25 -12.69 -4.79
C ASN B 544 -42.59 -12.49 -3.42
N ASN B 545 -41.85 -11.38 -3.28
CA ASN B 545 -41.19 -11.07 -2.02
C ASN B 545 -42.22 -10.70 -0.96
N LEU B 546 -42.27 -11.47 0.12
CA LEU B 546 -43.10 -11.14 1.27
C LEU B 546 -42.30 -10.45 2.37
N ASP B 547 -41.45 -9.52 1.97
CA ASP B 547 -40.87 -8.52 2.86
C ASP B 547 -41.54 -7.23 2.40
N GLU B 548 -42.80 -7.06 2.82
CA GLU B 548 -43.79 -6.33 2.04
C GLU B 548 -43.29 -4.96 1.57
N GLU B 549 -42.55 -4.24 2.41
CA GLU B 549 -42.10 -2.91 2.03
C GLU B 549 -40.76 -2.92 1.29
N SER B 550 -40.41 -4.04 0.67
CA SER B 550 -39.30 -4.11 -0.28
C SER B 550 -39.93 -4.15 -1.67
N ASN B 551 -39.93 -3.00 -2.35
CA ASN B 551 -40.57 -2.88 -3.66
C ASN B 551 -39.86 -3.67 -4.75
N LYS B 552 -38.84 -4.46 -4.41
CA LYS B 552 -38.28 -5.46 -5.31
C LYS B 552 -39.15 -6.72 -5.20
N LYS B 553 -40.29 -6.66 -5.90
CA LYS B 553 -41.36 -7.65 -5.71
C LYS B 553 -41.08 -8.99 -6.38
N HIS B 554 -40.04 -9.10 -7.18
CA HIS B 554 -39.71 -10.34 -7.86
C HIS B 554 -38.21 -10.48 -7.95
N PRO B 555 -37.69 -11.71 -8.08
CA PRO B 555 -36.27 -11.89 -8.37
C PRO B 555 -35.91 -11.64 -9.83
N PHE B 556 -36.87 -11.74 -10.74
CA PHE B 556 -36.68 -11.47 -12.15
C PHE B 556 -38.05 -11.19 -12.76
N PRO B 557 -38.09 -10.64 -13.99
CA PRO B 557 -39.38 -10.31 -14.61
C PRO B 557 -40.38 -11.46 -14.56
N CYS B 558 -41.57 -11.18 -14.06
CA CYS B 558 -42.62 -12.16 -13.84
C CYS B 558 -43.97 -11.57 -14.23
N PRO B 559 -44.95 -12.41 -14.60
CA PRO B 559 -44.91 -13.88 -14.65
C PRO B 559 -44.14 -14.43 -15.86
N THR B 560 -43.51 -15.58 -15.68
CA THR B 560 -42.74 -16.22 -16.74
C THR B 560 -42.53 -17.68 -16.39
N THR B 561 -42.07 -18.44 -17.37
CA THR B 561 -41.78 -19.85 -17.17
C THR B 561 -40.40 -20.03 -16.54
N TYR B 562 -40.16 -21.23 -16.02
CA TYR B 562 -38.83 -21.54 -15.51
C TYR B 562 -37.81 -21.61 -16.63
N ARG B 563 -38.22 -22.07 -17.81
CA ARG B 563 -37.32 -22.12 -18.97
C ARG B 563 -36.83 -20.73 -19.33
N THR B 564 -37.73 -19.74 -19.37
CA THR B 564 -37.33 -18.39 -19.74
C THR B 564 -36.37 -17.82 -18.70
N ALA B 565 -36.65 -18.01 -17.41
CA ALA B 565 -35.78 -17.50 -16.37
C ALA B 565 -34.41 -18.18 -16.43
N LEU B 566 -34.37 -19.48 -16.68
CA LEU B 566 -33.10 -20.18 -16.77
C LEU B 566 -32.31 -19.76 -18.01
N THR B 567 -33.00 -19.38 -19.08
CA THR B 567 -32.31 -19.07 -20.32
C THR B 567 -31.82 -17.63 -20.35
N TYR B 568 -32.60 -16.69 -19.80
CA TYR B 568 -32.31 -15.27 -19.95
C TYR B 568 -32.04 -14.54 -18.64
N TYR B 569 -32.51 -15.04 -17.51
CA TYR B 569 -32.52 -14.27 -16.28
C TYR B 569 -31.55 -14.74 -15.20
N LEU B 570 -31.09 -15.99 -15.24
CA LEU B 570 -30.30 -16.55 -14.16
C LEU B 570 -28.89 -16.93 -14.63
N ASP B 571 -27.97 -16.97 -13.68
CA ASP B 571 -26.56 -17.29 -13.94
C ASP B 571 -26.34 -18.76 -13.59
N ILE B 572 -26.40 -19.61 -14.60
CA ILE B 572 -26.29 -21.05 -14.41
C ILE B 572 -24.92 -21.59 -14.80
N THR B 573 -23.95 -20.72 -15.00
CA THR B 573 -22.64 -21.13 -15.50
C THR B 573 -21.49 -20.79 -14.57
N ASN B 574 -21.55 -19.65 -13.89
CA ASN B 574 -20.50 -19.30 -12.95
C ASN B 574 -20.59 -20.18 -11.70
N PRO B 575 -19.49 -20.40 -11.01
CA PRO B 575 -19.53 -21.21 -9.79
C PRO B 575 -20.52 -20.66 -8.78
N PRO B 576 -21.25 -21.52 -8.10
CA PRO B 576 -22.28 -21.04 -7.17
C PRO B 576 -21.67 -20.53 -5.87
N ARG B 577 -22.30 -19.50 -5.33
CA ARG B 577 -21.82 -18.92 -4.08
C ARG B 577 -22.26 -19.79 -2.90
N THR B 578 -21.69 -19.48 -1.74
CA THR B 578 -21.89 -20.30 -0.55
C THR B 578 -23.36 -20.39 -0.16
N ASN B 579 -24.12 -19.30 -0.36
CA ASN B 579 -25.49 -19.27 0.14
C ASN B 579 -26.36 -20.32 -0.55
N VAL B 580 -26.16 -20.52 -1.86
CA VAL B 580 -27.00 -21.48 -2.58
C VAL B 580 -26.59 -22.91 -2.25
N LEU B 581 -25.31 -23.15 -2.00
CA LEU B 581 -24.90 -24.50 -1.58
C LEU B 581 -25.44 -24.82 -0.19
N TYR B 582 -25.42 -23.85 0.73
CA TYR B 582 -25.99 -24.07 2.05
C TYR B 582 -27.49 -24.31 1.96
N GLU B 583 -28.21 -23.46 1.22
CA GLU B 583 -29.65 -23.61 1.13
C GLU B 583 -30.07 -24.81 0.29
N LEU B 584 -29.16 -25.41 -0.47
CA LEU B 584 -29.45 -26.66 -1.16
C LEU B 584 -29.00 -27.88 -0.35
N ALA B 585 -28.15 -27.69 0.66
CA ALA B 585 -27.70 -28.81 1.49
C ALA B 585 -28.86 -29.59 2.09
N GLN B 586 -29.99 -28.91 2.35
CA GLN B 586 -31.16 -29.58 2.91
C GLN B 586 -31.85 -30.51 1.93
N TYR B 587 -31.38 -30.61 0.69
CA TYR B 587 -31.96 -31.49 -0.30
C TYR B 587 -31.05 -32.64 -0.70
N ALA B 588 -29.96 -32.85 0.03
CA ALA B 588 -29.07 -33.99 -0.21
C ALA B 588 -29.50 -35.13 0.69
N SER B 589 -29.68 -36.31 0.09
CA SER B 589 -30.15 -37.47 0.85
C SER B 589 -29.05 -38.03 1.75
N GLU B 590 -27.90 -38.36 1.16
CA GLU B 590 -26.83 -38.96 1.93
C GLU B 590 -26.18 -37.92 2.84
N PRO B 591 -25.91 -38.26 4.11
CA PRO B 591 -25.22 -37.31 4.99
C PRO B 591 -23.79 -37.06 4.60
N SER B 592 -23.20 -37.87 3.72
CA SER B 592 -21.89 -37.55 3.17
C SER B 592 -21.97 -36.31 2.27
N GLU B 593 -22.90 -36.33 1.31
CA GLU B 593 -23.05 -35.18 0.42
C GLU B 593 -23.75 -34.02 1.10
N GLN B 594 -24.70 -34.30 2.00
CA GLN B 594 -25.30 -33.22 2.78
C GLN B 594 -24.26 -32.55 3.67
N GLU B 595 -23.40 -33.34 4.31
CA GLU B 595 -22.36 -32.77 5.15
C GLU B 595 -21.29 -32.05 4.34
N HIS B 596 -21.00 -32.52 3.13
CA HIS B 596 -20.10 -31.77 2.26
C HIS B 596 -20.69 -30.42 1.88
N LEU B 597 -21.96 -30.41 1.46
CA LEU B 597 -22.63 -29.16 1.13
C LEU B 597 -22.68 -28.21 2.33
N HIS B 598 -22.93 -28.76 3.52
CA HIS B 598 -22.92 -27.95 4.74
C HIS B 598 -21.54 -27.37 5.00
N LYS B 599 -20.53 -28.24 5.09
CA LYS B 599 -19.18 -27.81 5.44
C LYS B 599 -18.61 -26.82 4.43
N MET B 600 -19.03 -26.92 3.16
CA MET B 600 -18.59 -25.92 2.19
C MET B 600 -19.18 -24.54 2.47
N ALA B 601 -20.16 -24.43 3.35
CA ALA B 601 -20.74 -23.15 3.72
C ALA B 601 -20.10 -22.54 4.95
N SER B 602 -19.18 -23.23 5.61
CA SER B 602 -18.51 -22.70 6.80
C SER B 602 -17.27 -21.94 6.37
N SER B 603 -17.29 -20.62 6.55
CA SER B 603 -16.12 -19.81 6.23
C SER B 603 -14.96 -20.12 7.15
N SER B 604 -15.22 -20.57 8.36
CA SER B 604 -14.17 -20.89 9.31
C SER B 604 -13.89 -22.38 9.27
N GLY B 605 -12.64 -22.72 9.54
CA GLY B 605 -12.17 -24.08 9.43
C GLY B 605 -11.72 -24.41 8.03
N GLU B 606 -11.14 -25.61 7.90
CA GLU B 606 -10.63 -26.08 6.61
C GLU B 606 -11.73 -26.54 5.66
N GLY B 607 -13.00 -26.48 6.08
CA GLY B 607 -14.08 -26.79 5.17
C GLY B 607 -14.11 -25.84 3.98
N LYS B 608 -13.73 -24.58 4.21
CA LYS B 608 -13.59 -23.62 3.11
C LYS B 608 -12.70 -24.19 2.02
N GLU B 609 -11.66 -24.92 2.41
CA GLU B 609 -10.75 -25.51 1.43
C GLU B 609 -11.53 -26.33 0.40
N LEU B 610 -12.47 -27.16 0.87
CA LEU B 610 -13.24 -27.98 -0.05
C LEU B 610 -13.97 -27.08 -1.04
N TYR B 611 -14.63 -26.04 -0.54
CA TYR B 611 -15.37 -25.14 -1.42
C TYR B 611 -14.43 -24.49 -2.42
N LEU B 612 -13.24 -24.07 -1.97
CA LEU B 612 -12.30 -23.44 -2.89
C LEU B 612 -11.76 -24.46 -3.88
N SER B 613 -11.56 -25.70 -3.45
CA SER B 613 -10.95 -26.70 -4.32
C SER B 613 -11.94 -27.26 -5.32
N TRP B 614 -13.08 -27.74 -4.82
CA TRP B 614 -14.02 -28.49 -5.63
C TRP B 614 -15.00 -27.62 -6.41
N VAL B 615 -15.18 -26.36 -6.03
CA VAL B 615 -16.18 -25.51 -6.66
C VAL B 615 -15.53 -24.34 -7.39
N VAL B 616 -14.85 -23.48 -6.66
CA VAL B 616 -14.32 -22.24 -7.25
C VAL B 616 -13.18 -22.56 -8.22
N GLU B 617 -12.10 -23.15 -7.70
CA GLU B 617 -10.94 -23.41 -8.54
C GLU B 617 -11.23 -24.46 -9.61
N ALA B 618 -12.09 -25.43 -9.31
CA ALA B 618 -12.45 -26.46 -10.28
C ALA B 618 -13.45 -25.98 -11.33
N ARG B 619 -14.06 -24.80 -11.11
CA ARG B 619 -14.98 -24.17 -12.07
C ARG B 619 -16.20 -25.06 -12.34
N ARG B 620 -16.93 -25.37 -11.28
CA ARG B 620 -18.15 -26.16 -11.37
C ARG B 620 -19.36 -25.23 -11.39
N HIS B 621 -20.16 -25.33 -12.45
CA HIS B 621 -21.43 -24.63 -12.51
C HIS B 621 -22.49 -25.42 -11.74
N ILE B 622 -23.72 -24.91 -11.75
CA ILE B 622 -24.79 -25.52 -10.97
C ILE B 622 -25.13 -26.92 -11.48
N LEU B 623 -25.11 -27.10 -12.80
CA LEU B 623 -25.38 -28.42 -13.36
C LEU B 623 -24.31 -29.42 -12.95
N ALA B 624 -23.05 -29.00 -12.97
CA ALA B 624 -21.97 -29.88 -12.54
C ALA B 624 -22.14 -30.30 -11.08
N ILE B 625 -22.55 -29.37 -10.22
CA ILE B 625 -22.78 -29.68 -8.81
C ILE B 625 -23.93 -30.67 -8.67
N LEU B 626 -25.03 -30.43 -9.40
CA LEU B 626 -26.16 -31.35 -9.34
C LEU B 626 -25.80 -32.74 -9.86
N GLN B 627 -24.86 -32.81 -10.81
CA GLN B 627 -24.46 -34.09 -11.37
C GLN B 627 -23.53 -34.85 -10.44
N ASP B 628 -22.45 -34.22 -9.98
CA ASP B 628 -21.48 -34.93 -9.16
C ASP B 628 -21.99 -35.21 -7.76
N TYR B 629 -23.06 -34.54 -7.33
CA TYR B 629 -23.74 -34.85 -6.08
C TYR B 629 -25.14 -35.36 -6.40
N PRO B 630 -25.27 -36.64 -6.76
CA PRO B 630 -26.58 -37.16 -7.19
C PRO B 630 -27.63 -37.22 -6.09
N SER B 631 -27.26 -36.99 -4.82
CA SER B 631 -28.27 -36.92 -3.79
C SER B 631 -29.17 -35.71 -3.97
N LEU B 632 -28.63 -34.61 -4.48
CA LEU B 632 -29.37 -33.37 -4.66
C LEU B 632 -30.53 -33.52 -5.65
N ARG B 633 -31.76 -33.44 -5.15
CA ARG B 633 -32.96 -33.35 -5.98
C ARG B 633 -33.85 -32.20 -5.49
N PRO B 634 -33.36 -30.97 -5.51
CA PRO B 634 -34.13 -29.85 -4.98
C PRO B 634 -35.24 -29.42 -5.93
N PRO B 635 -36.22 -28.67 -5.45
CA PRO B 635 -37.24 -28.11 -6.35
C PRO B 635 -36.66 -27.02 -7.22
N ILE B 636 -37.43 -26.62 -8.23
CA ILE B 636 -36.96 -25.65 -9.19
C ILE B 636 -37.21 -24.21 -8.77
N ASP B 637 -38.27 -23.94 -8.01
CA ASP B 637 -38.55 -22.56 -7.61
C ASP B 637 -37.54 -22.05 -6.61
N HIS B 638 -37.14 -22.89 -5.65
CA HIS B 638 -36.08 -22.50 -4.71
C HIS B 638 -34.78 -22.21 -5.43
N LEU B 639 -34.45 -23.04 -6.43
CA LEU B 639 -33.25 -22.80 -7.22
C LEU B 639 -33.34 -21.48 -7.98
N CYS B 640 -34.48 -21.23 -8.62
CA CYS B 640 -34.67 -19.98 -9.36
C CYS B 640 -34.66 -18.76 -8.44
N GLU B 641 -34.95 -18.96 -7.15
CA GLU B 641 -34.82 -17.88 -6.19
C GLU B 641 -33.36 -17.67 -5.76
N LEU B 642 -32.58 -18.75 -5.71
CA LEU B 642 -31.22 -18.66 -5.18
C LEU B 642 -30.18 -18.23 -6.21
N LEU B 643 -30.42 -18.42 -7.51
CA LEU B 643 -29.37 -18.14 -8.47
C LEU B 643 -29.27 -16.63 -8.74
N PRO B 644 -28.06 -16.11 -8.92
CA PRO B 644 -27.91 -14.69 -9.25
C PRO B 644 -28.35 -14.38 -10.67
N ARG B 645 -28.64 -13.11 -10.91
CA ARG B 645 -29.14 -12.67 -12.20
C ARG B 645 -28.07 -12.76 -13.29
N LEU B 646 -28.53 -12.92 -14.53
CA LEU B 646 -27.63 -12.99 -15.68
C LEU B 646 -27.17 -11.58 -16.02
N GLN B 647 -25.86 -11.35 -15.93
CA GLN B 647 -25.29 -10.02 -16.15
C GLN B 647 -25.04 -9.77 -17.62
N ALA B 648 -25.19 -8.50 -18.01
CA ALA B 648 -24.77 -8.08 -19.34
C ALA B 648 -23.25 -8.03 -19.40
N ARG B 649 -22.70 -8.22 -20.60
CA ARG B 649 -21.27 -8.22 -20.82
C ARG B 649 -20.89 -7.06 -21.72
N TYR B 650 -19.78 -6.41 -21.40
CA TYR B 650 -19.35 -5.21 -22.11
C TYR B 650 -18.23 -5.54 -23.09
N TYR B 651 -18.20 -4.80 -24.21
CA TYR B 651 -17.17 -4.95 -25.22
C TYR B 651 -16.79 -3.58 -25.75
N SER B 652 -15.50 -3.39 -26.04
CA SER B 652 -15.03 -2.12 -26.58
C SER B 652 -15.46 -1.99 -28.03
N ILE B 653 -16.19 -0.92 -28.35
CA ILE B 653 -16.68 -0.74 -29.72
C ILE B 653 -15.50 -0.57 -30.66
N ALA B 654 -15.45 -1.41 -31.69
CA ALA B 654 -14.35 -1.47 -32.63
C ALA B 654 -14.67 -0.80 -33.96
N SER B 655 -15.48 0.27 -33.94
CA SER B 655 -15.80 1.00 -35.15
C SER B 655 -16.01 2.47 -34.79
N SER B 656 -15.89 3.31 -35.81
CA SER B 656 -16.11 4.74 -35.67
C SER B 656 -17.51 5.08 -36.17
N SER B 657 -18.25 5.86 -35.39
CA SER B 657 -19.58 6.31 -35.83
C SER B 657 -19.50 7.29 -36.99
N LYS B 658 -18.30 7.76 -37.32
CA LYS B 658 -18.16 8.67 -38.45
C LYS B 658 -18.07 7.93 -39.77
N VAL B 659 -17.61 6.68 -39.76
CA VAL B 659 -17.62 5.84 -40.94
C VAL B 659 -18.67 4.72 -40.85
N HIS B 660 -19.05 4.30 -39.66
CA HIS B 660 -20.06 3.26 -39.45
C HIS B 660 -21.12 3.79 -38.50
N PRO B 661 -21.94 4.76 -38.94
CA PRO B 661 -22.94 5.33 -38.03
C PRO B 661 -24.06 4.37 -37.66
N ASN B 662 -24.47 3.50 -38.57
CA ASN B 662 -25.56 2.58 -38.35
C ASN B 662 -25.08 1.18 -37.98
N SER B 663 -23.82 1.04 -37.57
CA SER B 663 -23.26 -0.26 -37.25
C SER B 663 -22.31 -0.14 -36.07
N VAL B 664 -22.29 -1.15 -35.23
CA VAL B 664 -21.40 -1.24 -34.08
C VAL B 664 -20.61 -2.53 -34.20
N HIS B 665 -19.30 -2.42 -34.25
CA HIS B 665 -18.42 -3.56 -34.47
C HIS B 665 -17.87 -4.07 -33.15
N ILE B 666 -17.91 -5.38 -32.97
CA ILE B 666 -17.41 -6.03 -31.77
C ILE B 666 -16.28 -6.96 -32.16
N CYS B 667 -15.22 -6.96 -31.35
CA CYS B 667 -14.08 -7.85 -31.53
C CYS B 667 -13.91 -8.65 -30.24
N ALA B 668 -14.09 -9.96 -30.34
CA ALA B 668 -14.16 -10.79 -29.13
C ALA B 668 -13.32 -12.04 -29.29
N VAL B 669 -12.92 -12.61 -28.16
CA VAL B 669 -12.28 -13.91 -28.09
C VAL B 669 -13.23 -14.88 -27.41
N ALA B 670 -13.48 -16.01 -28.05
CA ALA B 670 -14.41 -16.98 -27.50
C ALA B 670 -13.81 -17.66 -26.28
N VAL B 671 -14.58 -17.72 -25.20
CA VAL B 671 -14.14 -18.39 -23.98
C VAL B 671 -14.57 -19.85 -24.04
N GLU B 672 -13.61 -20.74 -23.85
CA GLU B 672 -13.84 -22.19 -23.88
C GLU B 672 -12.62 -22.90 -23.31
N TYR B 673 -12.80 -23.68 -22.25
CA TYR B 673 -11.64 -24.26 -21.57
C TYR B 673 -12.05 -25.54 -20.87
N GLU B 674 -11.07 -26.40 -20.65
CA GLU B 674 -11.28 -27.61 -19.86
C GLU B 674 -11.04 -27.27 -18.39
N ALA B 675 -12.13 -27.20 -17.63
CA ALA B 675 -12.04 -26.88 -16.21
C ALA B 675 -11.44 -28.06 -15.45
N LYS B 676 -10.92 -27.74 -14.26
CA LYS B 676 -10.33 -28.79 -13.41
C LYS B 676 -11.36 -29.80 -12.96
N SER B 677 -12.65 -29.57 -13.21
CA SER B 677 -13.71 -30.52 -12.96
C SER B 677 -13.92 -31.49 -14.12
N GLY B 678 -13.03 -31.48 -15.10
CA GLY B 678 -13.14 -32.37 -16.26
C GLY B 678 -14.00 -31.86 -17.38
N ARG B 679 -15.17 -31.31 -17.07
CA ARG B 679 -16.08 -30.81 -18.08
C ARG B 679 -15.46 -29.63 -18.83
N VAL B 680 -15.96 -29.39 -20.03
CA VAL B 680 -15.53 -28.28 -20.87
C VAL B 680 -16.52 -27.13 -20.68
N ASN B 681 -16.05 -26.03 -20.12
CA ASN B 681 -16.88 -24.86 -19.85
C ASN B 681 -16.76 -23.86 -20.99
N LYS B 682 -17.88 -23.20 -21.27
CA LYS B 682 -18.01 -22.25 -22.37
C LYS B 682 -18.45 -20.90 -21.84
N GLY B 683 -17.90 -19.83 -22.40
CA GLY B 683 -18.31 -18.49 -21.98
C GLY B 683 -19.69 -18.16 -22.50
N VAL B 684 -20.54 -17.63 -21.63
CA VAL B 684 -21.93 -17.37 -21.99
C VAL B 684 -22.00 -16.43 -23.18
N ALA B 685 -21.55 -15.19 -23.00
CA ALA B 685 -21.73 -14.18 -24.02
C ALA B 685 -21.00 -14.53 -25.31
N THR B 686 -19.76 -15.02 -25.20
CA THR B 686 -18.97 -15.25 -26.41
C THR B 686 -19.51 -16.43 -27.21
N SER B 687 -19.94 -17.50 -26.53
CA SER B 687 -20.56 -18.61 -27.26
C SER B 687 -21.89 -18.19 -27.86
N TRP B 688 -22.70 -17.46 -27.09
CA TRP B 688 -23.97 -16.94 -27.59
C TRP B 688 -23.78 -16.10 -28.84
N LEU B 689 -22.75 -15.25 -28.86
CA LEU B 689 -22.48 -14.44 -30.04
C LEU B 689 -21.92 -15.28 -31.18
N ARG B 690 -21.09 -16.27 -30.85
CA ARG B 690 -20.53 -17.15 -31.88
C ARG B 690 -21.63 -17.87 -32.63
N ALA B 691 -22.67 -18.31 -31.91
CA ALA B 691 -23.78 -19.02 -32.55
C ALA B 691 -24.62 -18.12 -33.44
N LYS B 692 -24.52 -16.80 -33.27
CA LYS B 692 -25.32 -15.85 -34.05
C LYS B 692 -24.81 -15.82 -35.48
N GLU B 693 -25.63 -16.25 -36.43
CA GLU B 693 -25.24 -16.14 -37.83
C GLU B 693 -26.19 -15.21 -38.58
N PRO B 694 -25.66 -14.33 -39.43
CA PRO B 694 -26.50 -13.42 -40.21
C PRO B 694 -27.30 -14.10 -41.32
N ALA B 702 -31.91 -13.39 -35.98
CA ALA B 702 -30.64 -13.34 -35.26
C ALA B 702 -30.42 -11.99 -34.59
N LEU B 703 -31.02 -11.79 -33.43
CA LEU B 703 -30.98 -10.51 -32.74
C LEU B 703 -30.06 -10.59 -31.54
N VAL B 704 -29.56 -9.42 -31.13
CA VAL B 704 -28.73 -9.28 -29.94
C VAL B 704 -29.25 -8.08 -29.15
N PRO B 705 -29.81 -8.29 -27.95
CA PRO B 705 -30.18 -7.14 -27.12
C PRO B 705 -28.95 -6.43 -26.57
N MET B 706 -28.73 -5.20 -27.00
CA MET B 706 -27.56 -4.45 -26.62
C MET B 706 -27.94 -3.00 -26.33
N PHE B 707 -27.05 -2.31 -25.62
CA PHE B 707 -27.11 -0.87 -25.46
C PHE B 707 -25.70 -0.32 -25.46
N VAL B 708 -25.57 1.01 -25.41
CA VAL B 708 -24.29 1.68 -25.51
C VAL B 708 -24.03 2.42 -24.21
N ARG B 709 -22.83 2.22 -23.67
CA ARG B 709 -22.37 2.90 -22.45
C ARG B 709 -21.25 3.86 -22.82
N LYS B 710 -21.42 5.13 -22.45
CA LYS B 710 -20.38 6.13 -22.70
C LYS B 710 -19.11 5.79 -21.94
N SER B 711 -17.97 5.94 -22.60
CA SER B 711 -16.68 5.87 -21.96
C SER B 711 -16.00 7.23 -22.07
N GLN B 712 -14.78 7.30 -21.57
CA GLN B 712 -13.97 8.50 -21.66
C GLN B 712 -12.76 8.31 -22.57
N PHE B 713 -12.70 7.17 -23.25
CA PHE B 713 -11.69 6.92 -24.27
C PHE B 713 -12.05 7.71 -25.51
N ARG B 714 -11.28 8.74 -25.82
CA ARG B 714 -11.62 9.64 -26.92
C ARG B 714 -10.36 10.06 -27.67
N LEU B 715 -10.47 10.09 -28.99
CA LEU B 715 -9.41 10.67 -29.81
C LEU B 715 -9.30 12.17 -29.52
N PRO B 716 -8.13 12.75 -29.72
CA PRO B 716 -7.96 14.18 -29.44
C PRO B 716 -8.82 15.03 -30.37
N PHE B 717 -9.30 16.16 -29.83
CA PHE B 717 -10.15 17.07 -30.60
C PHE B 717 -9.42 17.60 -31.83
N LYS B 718 -8.20 18.09 -31.66
CA LYS B 718 -7.39 18.54 -32.77
C LYS B 718 -6.91 17.33 -33.58
N SER B 719 -7.22 17.32 -34.88
CA SER B 719 -6.80 16.21 -35.74
C SER B 719 -5.29 16.15 -35.90
N THR B 720 -4.59 17.27 -35.73
CA THR B 720 -3.14 17.27 -35.86
C THR B 720 -2.46 16.56 -34.69
N THR B 721 -3.13 16.43 -33.54
CA THR B 721 -2.50 15.82 -32.38
C THR B 721 -2.20 14.35 -32.67
N PRO B 722 -0.98 13.89 -32.43
CA PRO B 722 -0.66 12.49 -32.68
C PRO B 722 -1.15 11.57 -31.57
N VAL B 723 -1.40 10.31 -31.94
CA VAL B 723 -1.89 9.30 -31.01
C VAL B 723 -0.91 8.14 -31.00
N ILE B 724 -0.67 7.62 -29.80
CA ILE B 724 0.17 6.45 -29.56
C ILE B 724 -0.74 5.41 -28.90
N MET B 725 -1.24 4.47 -29.69
CA MET B 725 -2.15 3.46 -29.19
C MET B 725 -1.36 2.19 -28.86
N VAL B 726 -1.65 1.60 -27.70
CA VAL B 726 -0.98 0.39 -27.24
C VAL B 726 -2.06 -0.61 -26.87
N GLY B 727 -2.08 -1.74 -27.57
CA GLY B 727 -3.11 -2.72 -27.35
C GLY B 727 -2.72 -4.12 -27.79
N PRO B 728 -2.24 -4.94 -26.86
CA PRO B 728 -1.94 -6.34 -27.18
C PRO B 728 -3.22 -7.16 -27.22
N GLY B 729 -3.35 -8.01 -28.25
CA GLY B 729 -4.48 -8.91 -28.33
C GLY B 729 -5.79 -8.18 -28.59
N THR B 730 -6.86 -8.68 -27.97
CA THR B 730 -8.19 -8.08 -28.14
C THR B 730 -8.19 -6.59 -27.80
N GLY B 731 -7.18 -6.10 -27.07
CA GLY B 731 -7.07 -4.69 -26.78
C GLY B 731 -6.88 -3.81 -27.99
N ILE B 732 -6.68 -4.40 -29.18
CA ILE B 732 -6.69 -3.61 -30.40
C ILE B 732 -8.08 -3.16 -30.79
N ALA B 733 -9.11 -3.67 -30.11
CA ALA B 733 -10.52 -3.49 -30.48
C ALA B 733 -10.89 -2.02 -30.66
N PRO B 734 -10.74 -1.14 -29.66
CA PRO B 734 -11.16 0.25 -29.86
C PRO B 734 -10.29 0.97 -30.88
N PHE B 735 -9.00 0.64 -30.94
CA PHE B 735 -8.08 1.37 -31.79
C PHE B 735 -8.47 1.23 -33.26
N MET B 736 -8.96 0.06 -33.66
CA MET B 736 -9.55 -0.09 -34.98
C MET B 736 -10.48 1.06 -35.29
N GLY B 737 -11.49 1.27 -34.45
CA GLY B 737 -12.36 2.43 -34.56
C GLY B 737 -11.55 3.69 -34.73
N PHE B 738 -10.67 3.96 -33.76
CA PHE B 738 -9.73 5.08 -33.85
C PHE B 738 -9.14 5.18 -35.24
N ILE B 739 -8.46 4.11 -35.67
CA ILE B 739 -7.75 4.14 -36.95
C ILE B 739 -8.73 4.46 -38.07
N GLN B 740 -9.89 3.79 -38.08
CA GLN B 740 -10.93 4.10 -39.04
C GLN B 740 -11.19 5.60 -39.08
N GLU B 741 -11.58 6.14 -37.92
CA GLU B 741 -11.89 7.57 -37.85
C GLU B 741 -10.71 8.39 -38.33
N ARG B 742 -9.50 8.00 -37.93
CA ARG B 742 -8.31 8.72 -38.37
C ARG B 742 -8.20 8.73 -39.89
N ALA B 743 -8.32 7.55 -40.50
CA ALA B 743 -8.34 7.48 -41.96
C ALA B 743 -9.42 8.40 -42.51
N TRP B 744 -10.61 8.38 -41.90
CA TRP B 744 -11.71 9.22 -42.36
C TRP B 744 -11.32 10.69 -42.34
N LEU B 745 -10.62 11.12 -41.28
CA LEU B 745 -10.23 12.52 -41.22
C LEU B 745 -9.27 12.89 -42.34
N ARG B 746 -8.45 11.94 -42.79
CA ARG B 746 -7.60 12.21 -43.93
C ARG B 746 -8.42 12.35 -45.20
N GLU B 747 -9.52 11.60 -45.31
CA GLU B 747 -10.34 11.65 -46.52
C GLU B 747 -11.19 12.92 -46.59
N GLN B 748 -11.48 13.54 -45.46
CA GLN B 748 -12.15 14.83 -45.46
C GLN B 748 -11.20 15.98 -45.75
N GLY B 749 -9.92 15.69 -45.97
CA GLY B 749 -8.94 16.71 -46.28
C GLY B 749 -8.31 17.38 -45.09
N LYS B 750 -8.59 16.92 -43.88
CA LYS B 750 -8.00 17.54 -42.70
C LYS B 750 -6.59 17.02 -42.47
N GLU B 751 -5.81 17.82 -41.74
CA GLU B 751 -4.44 17.46 -41.41
C GLU B 751 -4.42 16.54 -40.20
N VAL B 752 -3.93 15.32 -40.39
CA VAL B 752 -3.91 14.30 -39.34
C VAL B 752 -2.48 14.06 -38.91
N GLY B 753 -2.24 14.09 -37.60
CA GLY B 753 -0.93 13.83 -37.07
C GLY B 753 -0.54 12.37 -37.18
N GLU B 754 0.63 12.05 -36.62
CA GLU B 754 1.11 10.68 -36.65
C GLU B 754 0.18 9.77 -35.86
N THR B 755 -0.03 8.56 -36.37
CA THR B 755 -0.94 7.59 -35.76
C THR B 755 -0.15 6.30 -35.57
N LEU B 756 0.34 6.07 -34.36
CA LEU B 756 1.22 4.94 -34.07
C LEU B 756 0.42 3.85 -33.35
N LEU B 757 0.55 2.62 -33.83
CA LEU B 757 -0.09 1.46 -33.22
C LEU B 757 0.97 0.50 -32.71
N TYR B 758 0.81 0.05 -31.47
CA TYR B 758 1.69 -0.95 -30.86
C TYR B 758 0.82 -2.14 -30.47
N TYR B 759 0.76 -3.12 -31.36
CA TYR B 759 -0.09 -4.29 -31.21
C TYR B 759 0.75 -5.50 -30.85
N GLY B 760 0.12 -6.45 -30.15
CA GLY B 760 0.82 -7.64 -29.73
C GLY B 760 0.02 -8.91 -29.89
N CYS B 761 0.65 -9.96 -30.38
CA CYS B 761 0.00 -11.25 -30.56
C CYS B 761 1.05 -12.34 -30.41
N ARG B 762 0.63 -13.59 -30.61
CA ARG B 762 1.55 -14.72 -30.47
C ARG B 762 2.38 -14.90 -31.75
N ARG B 763 1.76 -15.42 -32.80
CA ARG B 763 2.44 -15.66 -34.07
C ARG B 763 1.73 -14.94 -35.21
N SER B 764 2.51 -14.58 -36.23
CA SER B 764 1.96 -13.87 -37.38
C SER B 764 0.91 -14.71 -38.11
N ASP B 765 1.01 -16.03 -38.00
CA ASP B 765 0.08 -16.94 -38.67
C ASP B 765 -0.94 -17.54 -37.71
N GLU B 766 -0.95 -17.11 -36.45
CA GLU B 766 -1.86 -17.67 -35.45
C GLU B 766 -2.99 -16.71 -35.13
N ASP B 767 -2.71 -15.61 -34.42
CA ASP B 767 -3.76 -14.69 -33.96
C ASP B 767 -3.38 -13.25 -34.24
N TYR B 768 -3.00 -12.96 -35.49
CA TYR B 768 -2.75 -11.59 -35.93
C TYR B 768 -4.09 -11.02 -36.36
N LEU B 769 -4.75 -10.35 -35.42
CA LEU B 769 -6.08 -9.82 -35.68
C LEU B 769 -6.03 -8.65 -36.64
N TYR B 770 -6.96 -8.66 -37.60
CA TYR B 770 -7.10 -7.59 -38.61
C TYR B 770 -5.79 -7.38 -39.38
N ARG B 771 -5.09 -8.47 -39.70
CA ARG B 771 -3.82 -8.34 -40.41
C ARG B 771 -4.01 -7.58 -41.72
N GLU B 772 -5.01 -7.98 -42.51
CA GLU B 772 -5.21 -7.38 -43.81
C GLU B 772 -5.66 -5.93 -43.70
N GLU B 773 -6.59 -5.65 -42.79
CA GLU B 773 -7.07 -4.28 -42.61
C GLU B 773 -5.98 -3.38 -42.10
N LEU B 774 -5.18 -3.85 -41.14
CA LEU B 774 -4.07 -3.05 -40.63
C LEU B 774 -3.04 -2.78 -41.72
N ALA B 775 -2.72 -3.79 -42.53
CA ALA B 775 -1.80 -3.58 -43.63
C ALA B 775 -2.34 -2.54 -44.61
N ARG B 776 -3.61 -2.69 -44.99
CA ARG B 776 -4.23 -1.72 -45.90
C ARG B 776 -4.18 -0.31 -45.33
N PHE B 777 -4.46 -0.17 -44.02
CA PHE B 777 -4.36 1.13 -43.38
C PHE B 777 -2.94 1.67 -43.42
N HIS B 778 -1.96 0.79 -43.19
CA HIS B 778 -0.56 1.23 -43.16
C HIS B 778 -0.14 1.74 -44.54
N LYS B 779 -0.53 1.04 -45.60
CA LYS B 779 -0.13 1.46 -46.93
C LYS B 779 -0.90 2.69 -47.39
N ASP B 780 -2.05 2.98 -46.79
CA ASP B 780 -2.81 4.17 -47.14
C ASP B 780 -2.28 5.44 -46.48
N GLY B 781 -1.35 5.31 -45.54
CA GLY B 781 -0.90 6.45 -44.76
C GLY B 781 -1.75 6.74 -43.53
N ALA B 782 -2.91 6.11 -43.40
CA ALA B 782 -3.77 6.32 -42.25
C ALA B 782 -3.08 5.89 -40.96
N LEU B 783 -2.45 4.72 -40.98
CA LEU B 783 -1.72 4.20 -39.84
C LEU B 783 -0.24 4.45 -40.08
N THR B 784 0.34 5.38 -39.32
CA THR B 784 1.69 5.83 -39.59
C THR B 784 2.72 4.73 -39.36
N GLN B 785 2.63 4.06 -38.21
CA GLN B 785 3.54 2.98 -37.88
C GLN B 785 2.74 1.76 -37.43
N LEU B 786 3.13 0.60 -37.91
CA LEU B 786 2.53 -0.68 -37.53
C LEU B 786 3.60 -1.49 -36.80
N ASN B 787 3.67 -1.32 -35.49
CA ASN B 787 4.65 -2.01 -34.66
C ASN B 787 3.97 -3.16 -33.95
N VAL B 788 4.22 -4.38 -34.42
CA VAL B 788 3.58 -5.58 -33.93
C VAL B 788 4.64 -6.46 -33.28
N ALA B 789 4.41 -6.82 -32.03
CA ALA B 789 5.33 -7.65 -31.26
C ALA B 789 4.77 -9.08 -31.21
N PHE B 790 5.48 -10.01 -31.85
CA PHE B 790 5.07 -11.41 -31.89
C PHE B 790 5.76 -12.14 -30.74
N SER B 791 4.97 -12.60 -29.77
CA SER B 791 5.54 -13.15 -28.54
C SER B 791 6.08 -14.57 -28.69
N ARG B 792 5.66 -15.31 -29.72
CA ARG B 792 6.01 -16.73 -29.82
C ARG B 792 6.58 -17.06 -31.19
N GLU B 793 7.55 -16.26 -31.64
CA GLU B 793 8.23 -16.53 -32.91
C GLU B 793 9.73 -16.75 -32.71
N GLN B 794 10.16 -17.00 -31.47
CA GLN B 794 11.52 -17.40 -31.16
C GLN B 794 11.59 -17.93 -29.73
N ALA B 795 12.78 -17.95 -29.14
CA ALA B 795 12.93 -18.48 -27.79
C ALA B 795 12.48 -17.49 -26.72
N HIS B 796 12.78 -16.21 -26.89
CA HIS B 796 12.39 -15.18 -25.95
C HIS B 796 11.21 -14.39 -26.49
N LYS B 797 10.23 -14.12 -25.62
CA LYS B 797 9.02 -13.45 -26.03
C LYS B 797 9.26 -11.96 -26.21
N VAL B 798 8.64 -11.38 -27.24
CA VAL B 798 8.75 -9.96 -27.55
C VAL B 798 7.39 -9.33 -27.34
N TYR B 799 7.32 -8.39 -26.40
CA TYR B 799 6.08 -7.69 -26.07
C TYR B 799 6.16 -6.24 -26.54
N VAL B 800 5.03 -5.53 -26.39
CA VAL B 800 4.94 -4.16 -26.86
C VAL B 800 5.85 -3.24 -26.04
N GLN B 801 6.10 -3.58 -24.77
CA GLN B 801 7.03 -2.81 -23.96
C GLN B 801 8.36 -2.61 -24.68
N HIS B 802 8.87 -3.67 -25.30
CA HIS B 802 10.17 -3.58 -25.95
C HIS B 802 10.11 -2.73 -27.20
N LEU B 803 8.98 -2.75 -27.90
CA LEU B 803 8.85 -1.90 -29.09
C LEU B 803 8.75 -0.43 -28.70
N LEU B 804 8.05 -0.13 -27.62
CA LEU B 804 8.02 1.23 -27.09
C LEU B 804 9.40 1.69 -26.66
N LYS B 805 10.10 0.84 -25.90
CA LYS B 805 11.47 1.14 -25.51
C LYS B 805 12.35 1.39 -26.73
N ARG B 806 12.10 0.66 -27.82
CA ARG B 806 12.89 0.83 -29.04
C ARG B 806 12.71 2.24 -29.62
N ASP B 807 11.47 2.70 -29.71
CA ASP B 807 11.14 3.99 -30.29
C ASP B 807 11.11 5.11 -29.25
N ARG B 808 11.94 4.99 -28.21
CA ARG B 808 11.90 5.95 -27.11
C ARG B 808 12.13 7.38 -27.59
N GLU B 809 13.06 7.57 -28.52
CA GLU B 809 13.38 8.92 -28.98
C GLU B 809 12.20 9.54 -29.72
N HIS B 810 11.68 8.83 -30.72
CA HIS B 810 10.56 9.35 -31.50
C HIS B 810 9.31 9.51 -30.63
N LEU B 811 9.04 8.53 -29.77
CA LEU B 811 7.92 8.64 -28.84
C LEU B 811 8.06 9.87 -27.95
N TRP B 812 9.25 10.14 -27.45
CA TRP B 812 9.45 11.32 -26.61
C TRP B 812 9.23 12.60 -27.41
N LYS B 813 9.68 12.63 -28.67
CA LYS B 813 9.44 13.82 -29.47
C LYS B 813 7.96 14.01 -29.75
N LEU B 814 7.22 12.91 -29.90
CA LEU B 814 5.77 13.00 -30.06
C LEU B 814 5.12 13.56 -28.79
N ILE B 815 5.50 13.03 -27.63
CA ILE B 815 4.87 13.45 -26.38
C ILE B 815 5.21 14.90 -26.05
N HIS B 816 6.50 15.23 -26.10
CA HIS B 816 6.99 16.53 -25.64
C HIS B 816 6.70 17.63 -26.65
N GLU B 817 7.16 17.45 -27.89
CA GLU B 817 7.00 18.51 -28.88
C GLU B 817 5.62 18.48 -29.52
N GLY B 818 5.10 17.29 -29.80
CA GLY B 818 3.80 17.20 -30.46
C GLY B 818 2.62 17.21 -29.52
N GLY B 819 2.84 16.97 -28.24
CA GLY B 819 1.76 16.92 -27.27
C GLY B 819 0.82 15.75 -27.54
N ALA B 820 1.38 14.57 -27.72
CA ALA B 820 0.61 13.42 -28.16
C ALA B 820 -0.25 12.88 -27.01
N HIS B 821 -1.29 12.14 -27.40
CA HIS B 821 -2.10 11.36 -26.47
C HIS B 821 -1.65 9.91 -26.50
N ILE B 822 -1.55 9.31 -25.32
CA ILE B 822 -1.22 7.90 -25.17
C ILE B 822 -2.51 7.17 -24.79
N TYR B 823 -2.75 6.03 -25.43
CA TYR B 823 -3.89 5.18 -25.12
C TYR B 823 -3.40 3.77 -24.84
N VAL B 824 -3.90 3.16 -23.76
CA VAL B 824 -3.57 1.79 -23.41
C VAL B 824 -4.87 1.02 -23.24
N CYS B 825 -4.97 -0.13 -23.91
CA CYS B 825 -6.18 -0.91 -23.85
C CYS B 825 -5.86 -2.40 -23.87
N GLY B 826 -6.76 -3.19 -23.30
CA GLY B 826 -6.68 -4.62 -23.39
C GLY B 826 -6.81 -5.28 -22.03
N ASP B 827 -6.77 -6.60 -22.04
CA ASP B 827 -6.84 -7.38 -20.81
C ASP B 827 -5.50 -7.26 -20.10
N ALA B 828 -5.53 -6.68 -18.90
CA ALA B 828 -4.34 -6.17 -18.21
C ALA B 828 -3.20 -7.18 -18.18
N ARG B 829 -3.21 -8.06 -17.18
CA ARG B 829 -2.13 -9.03 -16.99
C ARG B 829 -0.78 -8.34 -16.87
N ASN B 830 -0.72 -7.33 -15.99
CA ASN B 830 0.50 -6.55 -15.72
C ASN B 830 0.99 -5.78 -16.94
N MET B 831 0.18 -5.61 -17.97
CA MET B 831 0.65 -4.93 -19.17
C MET B 831 0.60 -3.42 -19.01
N ALA B 832 -0.49 -2.89 -18.45
CA ALA B 832 -0.60 -1.45 -18.26
C ALA B 832 0.55 -0.92 -17.41
N LYS B 833 0.89 -1.64 -16.34
CA LYS B 833 1.98 -1.20 -15.48
C LYS B 833 3.32 -1.25 -16.20
N ASP B 834 3.50 -2.23 -17.10
CA ASP B 834 4.74 -2.32 -17.86
C ASP B 834 4.87 -1.16 -18.84
N VAL B 835 3.78 -0.85 -19.55
CA VAL B 835 3.78 0.31 -20.45
C VAL B 835 4.03 1.59 -19.66
N GLN B 836 3.43 1.69 -18.47
CA GLN B 836 3.59 2.88 -17.64
C GLN B 836 5.06 3.06 -17.23
N ASN B 837 5.69 1.99 -16.72
CA ASN B 837 7.10 2.08 -16.35
C ASN B 837 7.98 2.38 -17.55
N THR B 838 7.63 1.83 -18.71
CA THR B 838 8.39 2.13 -19.93
C THR B 838 8.34 3.61 -20.24
N PHE B 839 7.15 4.22 -20.16
CA PHE B 839 7.05 5.65 -20.40
C PHE B 839 7.75 6.46 -19.31
N TYR B 840 7.70 5.99 -18.06
CA TYR B 840 8.49 6.61 -17.00
C TYR B 840 9.95 6.71 -17.43
N ASP B 841 10.52 5.60 -17.88
CA ASP B 841 11.93 5.60 -18.26
C ASP B 841 12.19 6.46 -19.48
N ILE B 842 11.29 6.43 -20.47
CA ILE B 842 11.46 7.25 -21.66
C ILE B 842 11.52 8.73 -21.29
N VAL B 843 10.53 9.19 -20.52
CA VAL B 843 10.49 10.59 -20.10
C VAL B 843 11.70 10.94 -19.24
N ALA B 844 12.09 10.03 -18.33
CA ALA B 844 13.25 10.30 -17.49
C ALA B 844 14.51 10.46 -18.32
N GLU B 845 14.67 9.66 -19.38
CA GLU B 845 15.89 9.71 -20.15
C GLU B 845 15.94 10.94 -21.06
N PHE B 846 14.91 11.13 -21.89
CA PHE B 846 15.06 12.09 -22.99
C PHE B 846 14.78 13.52 -22.57
N GLY B 847 13.78 13.74 -21.73
CA GLY B 847 13.70 14.98 -21.00
C GLY B 847 14.40 14.82 -19.67
N PRO B 848 15.63 15.33 -19.55
CA PRO B 848 16.45 15.00 -18.38
C PRO B 848 15.71 15.26 -17.07
N MET B 849 15.44 14.18 -16.34
CA MET B 849 14.58 14.22 -15.17
C MET B 849 15.00 13.12 -14.20
N GLU B 850 14.73 13.36 -12.92
CA GLU B 850 14.75 12.26 -11.97
C GLU B 850 13.60 11.30 -12.25
N HIS B 851 13.80 10.05 -11.85
CA HIS B 851 12.73 9.07 -11.95
C HIS B 851 11.44 9.57 -11.31
N THR B 852 11.55 10.22 -10.15
CA THR B 852 10.37 10.79 -9.51
C THR B 852 9.77 11.90 -10.36
N GLN B 853 10.63 12.76 -10.92
CA GLN B 853 10.13 13.80 -11.83
C GLN B 853 9.43 13.18 -13.03
N ALA B 854 9.92 12.05 -13.52
CA ALA B 854 9.30 11.42 -14.68
C ALA B 854 7.94 10.83 -14.34
N VAL B 855 7.84 10.13 -13.19
CA VAL B 855 6.53 9.58 -12.83
C VAL B 855 5.54 10.71 -12.54
N ASP B 856 6.01 11.84 -11.99
CA ASP B 856 5.13 13.00 -11.84
C ASP B 856 4.71 13.53 -13.20
N TYR B 857 5.62 13.56 -14.17
CA TYR B 857 5.28 14.00 -15.52
C TYR B 857 4.18 13.13 -16.11
N VAL B 858 4.32 11.82 -15.98
CA VAL B 858 3.35 10.92 -16.57
C VAL B 858 2.00 11.01 -15.84
N LYS B 859 2.02 11.08 -14.51
CA LYS B 859 0.78 11.26 -13.78
C LYS B 859 0.10 12.57 -14.16
N LYS B 860 0.89 13.64 -14.33
CA LYS B 860 0.34 14.90 -14.80
C LYS B 860 -0.29 14.76 -16.17
N LEU B 861 0.36 13.99 -17.06
CA LEU B 861 -0.26 13.69 -18.36
C LEU B 861 -1.61 13.01 -18.17
N MET B 862 -1.68 12.04 -17.26
CA MET B 862 -2.95 11.39 -16.96
C MET B 862 -3.97 12.41 -16.49
N THR B 863 -3.56 13.39 -15.70
CA THR B 863 -4.48 14.43 -15.25
C THR B 863 -5.03 15.22 -16.43
N LYS B 864 -4.16 15.62 -17.37
CA LYS B 864 -4.54 16.42 -18.53
C LYS B 864 -5.23 15.61 -19.62
N GLY B 865 -5.59 14.35 -19.35
CA GLY B 865 -6.26 13.54 -20.34
C GLY B 865 -5.43 13.18 -21.55
N ARG B 866 -4.13 12.99 -21.38
CA ARG B 866 -3.24 12.61 -22.46
C ARG B 866 -2.69 11.20 -22.30
N TYR B 867 -3.07 10.51 -21.22
CA TYR B 867 -2.68 9.11 -20.99
C TYR B 867 -3.96 8.41 -20.52
N SER B 868 -4.67 7.79 -21.46
CA SER B 868 -5.96 7.18 -21.20
C SER B 868 -5.83 5.66 -21.10
N LEU B 869 -6.62 5.06 -20.22
CA LEU B 869 -6.62 3.63 -20.00
C LEU B 869 -8.01 3.06 -20.17
N ASP B 870 -8.08 1.84 -20.70
CA ASP B 870 -9.34 1.10 -20.83
C ASP B 870 -9.00 -0.39 -20.70
N VAL B 871 -8.80 -0.82 -19.47
CA VAL B 871 -8.44 -2.19 -19.18
C VAL B 871 -9.66 -2.93 -18.63
N TRP B 872 -9.56 -4.25 -18.59
CA TRP B 872 -10.63 -5.10 -18.07
C TRP B 872 -10.02 -6.45 -17.72
N SER B 873 -10.89 -7.45 -17.50
CA SER B 873 -10.43 -8.79 -17.15
C SER B 873 -11.20 -9.86 -17.92
CHA HEM C . 19.84 14.09 -3.39
CHB HEM C . 20.67 10.27 -6.25
CHC HEM C . 24.82 12.35 -7.77
CHD HEM C . 24.26 15.78 -4.42
C1A HEM C . 19.75 12.90 -4.06
C2A HEM C . 18.68 12.00 -3.88
C3A HEM C . 18.91 10.94 -4.68
C4A HEM C . 20.13 11.16 -5.35
CMA HEM C . 18.04 9.72 -4.82
CAA HEM C . 17.48 12.21 -2.98
CBA HEM C . 17.75 11.92 -1.50
CGA HEM C . 16.77 12.75 -0.68
O1A HEM C . 15.95 13.51 -1.26
O2A HEM C . 16.78 12.69 0.56
C1B HEM C . 21.89 10.54 -6.88
C2B HEM C . 22.47 9.64 -7.81
C3B HEM C . 23.62 10.20 -8.25
C4B HEM C . 23.74 11.49 -7.55
CMB HEM C . 21.91 8.30 -8.24
CAB HEM C . 24.57 9.62 -9.22
CBB HEM C . 25.39 8.64 -8.86
C1C HEM C . 25.10 13.44 -6.97
C2C HEM C . 26.27 14.21 -6.95
C3C HEM C . 26.11 15.19 -5.97
C4C HEM C . 24.82 15.01 -5.42
CMC HEM C . 27.46 13.95 -7.85
CAC HEM C . 27.03 16.26 -5.55
CBC HEM C . 28.35 16.15 -5.64
C1D HEM C . 23.01 15.53 -3.88
C2D HEM C . 22.48 16.38 -2.82
C3D HEM C . 21.24 15.92 -2.52
C4D HEM C . 21.02 14.79 -3.42
CMD HEM C . 23.19 17.55 -2.17
CAD HEM C . 20.31 16.47 -1.47
CBD HEM C . 19.23 17.37 -2.08
CGD HEM C . 18.33 17.86 -0.98
O1D HEM C . 18.32 19.07 -0.65
O2D HEM C . 17.58 17.06 -0.36
NA HEM C . 20.66 12.38 -4.98
NB HEM C . 22.68 11.62 -6.73
NC HEM C . 24.24 13.95 -6.05
ND HEM C . 22.11 14.59 -4.18
FE HEM C . 22.33 13.32 -5.55
PA FAD D . 12.65 -8.94 26.39
O1A FAD D . 13.51 -10.01 27.02
O2A FAD D . 13.38 -8.30 25.22
O5B FAD D . 11.22 -9.60 25.85
C5B FAD D . 10.11 -8.75 25.75
C4B FAD D . 9.00 -9.48 24.95
O4B FAD D . 8.11 -9.98 25.77
C3B FAD D . 8.22 -8.50 24.09
O3B FAD D . 8.80 -8.36 22.87
C2B FAD D . 6.85 -9.18 23.93
O2B FAD D . 6.87 -10.01 22.69
C1B FAD D . 6.70 -9.96 24.97
N9A FAD D . 5.64 -9.46 25.82
C8A FAD D . 5.62 -8.29 26.47
N7A FAD D . 4.47 -8.22 27.14
C5A FAD D . 3.78 -9.34 26.91
C6A FAD D . 2.54 -9.77 27.35
N6A FAD D . 1.46 -9.32 28.19
N1A FAD D . 2.07 -10.96 26.96
C2A FAD D . 2.81 -11.73 26.13
N3A FAD D . 4.02 -11.31 25.69
C4A FAD D . 4.50 -10.11 26.09
N1 FAD D . 11.98 0.43 26.92
C2 FAD D . 11.70 1.17 28.17
O2 FAD D . 11.18 0.61 29.07
N3 FAD D . 12.09 2.61 28.27
C4 FAD D . 12.75 3.27 27.14
O4 FAD D . 13.07 4.40 27.20
C4X FAD D . 13.02 2.48 25.87
N5 FAD D . 13.66 3.13 24.75
C5X FAD D . 13.93 2.34 23.50
C6 FAD D . 14.55 2.95 22.40
C7 FAD D . 14.78 2.21 21.24
C7M FAD D . 15.47 3.08 20.19
C8 FAD D . 14.40 0.87 21.18
C8M FAD D . 14.69 0.13 19.88
C9 FAD D . 13.78 0.26 22.27
C9A FAD D . 13.54 0.99 23.42
N10 FAD D . 12.87 0.34 24.58
C10 FAD D . 12.63 1.09 25.79
C1' FAD D . 12.49 -1.08 24.52
C2' FAD D . 13.59 -1.90 25.22
O2' FAD D . 14.68 -2.00 24.36
C3' FAD D . 13.09 -3.31 25.57
O3' FAD D . 12.47 -3.88 24.46
C4' FAD D . 12.12 -3.27 26.76
O4' FAD D . 12.62 -2.47 27.78
C5' FAD D . 11.97 -4.68 27.31
O5' FAD D . 13.25 -5.28 27.32
P FAD D . 13.44 -6.75 28.07
O1P FAD D . 14.81 -7.31 27.73
O2P FAD D . 13.30 -6.59 29.56
O3P FAD D . 12.28 -7.78 27.51
N1 FMN E . 12.81 -2.53 -3.31
C2 FMN E . 11.47 -2.75 -3.36
O2 FMN E . 10.95 -3.49 -2.58
N3 FMN E . 10.71 -2.16 -4.31
C4 FMN E . 11.27 -1.34 -5.19
O4 FMN E . 10.60 -0.81 -6.01
C4A FMN E . 12.64 -1.11 -5.15
N5 FMN E . 13.22 -0.28 -6.04
C5A FMN E . 14.54 -0.05 -5.99
C6 FMN E . 15.13 0.82 -6.93
C7 FMN E . 16.50 1.07 -6.90
C7M FMN E . 16.98 2.04 -7.99
C8 FMN E . 17.29 0.46 -5.94
C8M FMN E . 18.80 0.72 -5.89
C9 FMN E . 16.71 -0.40 -5.02
C9A FMN E . 15.32 -0.66 -5.04
N10 FMN E . 14.74 -1.49 -4.15
C10 FMN E . 13.39 -1.71 -4.20
C1' FMN E . 15.41 -2.22 -3.08
C2' FMN E . 16.22 -3.41 -3.59
O2' FMN E . 15.36 -4.47 -3.92
C3' FMN E . 17.21 -3.85 -2.51
O3' FMN E . 18.27 -2.94 -2.45
C4' FMN E . 17.78 -5.25 -2.78
O4' FMN E . 18.59 -5.62 -1.70
C5' FMN E . 18.63 -5.27 -4.06
O5' FMN E . 19.26 -6.52 -4.13
P FMN E . 20.57 -6.75 -5.11
O1P FMN E . 20.80 -8.22 -5.34
O2P FMN E . 21.78 -6.15 -4.43
O3P FMN E . 20.37 -6.09 -6.45
CHA HEM F . -11.88 20.21 -6.80
CHB HEM F . -13.83 19.28 -2.49
CHC HEM F . -16.65 23.23 -2.91
CHD HEM F . -15.10 23.77 -7.46
C1A HEM F . -12.19 19.66 -5.59
C2A HEM F . -11.61 18.48 -5.12
C3A HEM F . -12.16 18.21 -3.91
C4A HEM F . -13.08 19.23 -3.64
CMA HEM F . -11.83 17.04 -3.02
CAA HEM F . -10.56 17.67 -5.82
CBA HEM F . -11.12 16.77 -6.92
CGA HEM F . -10.00 16.55 -7.91
O1A HEM F . -8.89 17.09 -7.73
O2A HEM F . -10.20 15.84 -8.92
C1B HEM F . -14.77 20.28 -2.28
C2B HEM F . -15.57 20.31 -1.11
C3B HEM F . -16.37 21.41 -1.20
C4B HEM F . -16.03 22.06 -2.48
CMB HEM F . -15.57 19.32 0.03
CAB HEM F . -17.38 21.85 -0.22
CBB HEM F . -18.54 21.21 -0.15
C1C HEM F . -16.53 23.71 -4.20
C2C HEM F . -17.33 24.71 -4.79
C3C HEM F . -16.88 24.85 -6.10
C4C HEM F . -15.81 23.93 -6.29
CMC HEM F . -18.43 25.43 -4.06
CAC HEM F . -17.36 25.78 -7.16
CBC HEM F . -18.61 26.24 -7.22
C1D HEM F . -14.10 22.79 -7.62
C2D HEM F . -13.42 22.61 -8.90
C3D HEM F . -12.53 21.63 -8.72
C4D HEM F . -12.66 21.20 -7.32
CMD HEM F . -13.65 23.38 -10.17
CAD HEM F . -11.58 21.07 -9.75
CBD HEM F . -10.19 21.65 -9.52
CGD HEM F . -9.26 21.05 -10.54
O1D HEM F . -8.74 21.75 -11.43
O2D HEM F . -9.01 19.82 -10.48
NA HEM F . -13.11 20.14 -4.68
NB HEM F . -15.07 21.31 -3.08
NC HEM F . -15.63 23.27 -5.12
ND HEM F . -13.64 21.90 -6.71
FE HEM F . -14.17 21.80 -4.92
PA FAD G . -18.26 -15.68 -18.86
O1A FAD G . -19.50 -16.55 -18.98
O2A FAD G . -18.64 -14.33 -18.29
O5B FAD G . -17.14 -16.41 -17.89
C5B FAD G . -15.78 -16.09 -18.04
C4B FAD G . -15.03 -16.69 -16.82
O4B FAD G . -14.55 -17.87 -17.12
C3B FAD G . -13.78 -15.88 -16.48
O3B FAD G . -14.11 -14.87 -15.63
C2B FAD G . -12.88 -16.90 -15.75
O2B FAD G . -13.07 -16.79 -14.27
C1B FAD G . -13.26 -18.08 -16.16
N9A FAD G . -12.22 -18.72 -16.93
C8A FAD G . -11.86 -18.39 -18.18
N7A FAD G . -10.86 -19.21 -18.54
C5A FAD G . -10.62 -20.04 -17.51
C6A FAD G . -9.72 -21.06 -17.35
N6A FAD G . -8.66 -21.73 -18.09
N1A FAD G . -9.68 -21.75 -16.21
C2A FAD G . -10.53 -21.44 -15.21
N3A FAD G . -11.43 -20.43 -15.37
C4A FAD G . -11.46 -19.73 -16.52
N1 FAD G . -13.81 -8.95 -24.21
C2 FAD G . -13.39 -9.07 -25.61
O2 FAD G . -13.21 -10.14 -26.09
N3 FAD G . -13.20 -7.83 -26.44
C4 FAD G . -13.44 -6.53 -25.84
O4 FAD G . -13.29 -5.54 -26.48
C4X FAD G . -13.86 -6.43 -24.40
N5 FAD G . -14.09 -5.13 -23.80
C5X FAD G . -14.50 -5.03 -22.37
C6 FAD G . -14.73 -3.78 -21.79
C7 FAD G . -15.11 -3.69 -20.46
C7M FAD G . -15.28 -2.21 -20.09
C8 FAD G . -15.28 -4.85 -19.69
C8M FAD G . -15.72 -4.73 -18.23
C9 FAD G . -15.06 -6.10 -20.27
C9A FAD G . -14.67 -6.20 -21.60
N10 FAD G . -14.44 -7.54 -22.22
C10 FAD G . -14.04 -7.64 -23.60
C1' FAD G . -14.63 -8.75 -21.42
C2' FAD G . -16.04 -9.29 -21.76
O2' FAD G . -17.02 -8.45 -21.27
C3' FAD G . -16.24 -10.68 -21.16
O3' FAD G . -15.70 -10.69 -19.88
C4' FAD G . -15.55 -11.72 -22.04
O4' FAD G . -15.83 -11.47 -23.39
C5' FAD G . -16.08 -13.10 -21.67
O5' FAD G . -17.49 -13.02 -21.50
P FAD G . -18.33 -14.44 -21.45
O1P FAD G . -19.75 -14.18 -21.02
O2P FAD G . -18.33 -15.10 -22.82
O3P FAD G . -17.61 -15.45 -20.36
N1 FMN H . -12.22 4.98 2.53
C2 FMN H . -11.09 4.29 2.87
O2 FMN H . -11.01 3.13 2.67
N3 FMN H . -10.04 4.94 3.45
C4 FMN H . -10.12 6.24 3.69
O4 FMN H . -9.21 6.80 4.19
C4A FMN H . -11.25 6.94 3.35
N5 FMN H . -11.32 8.27 3.59
C5A FMN H . -12.42 8.96 3.26
C6 FMN H . -12.47 10.35 3.52
C7 FMN H . -13.59 11.07 3.19
C7M FMN H . -13.50 12.56 3.53
C8 FMN H . -14.69 10.44 2.60
C8M FMN H . -15.94 11.21 2.22
C9 FMN H . -14.63 9.08 2.34
C9A FMN H . -13.48 8.33 2.68
N10 FMN H . -13.42 7.00 2.44
C10 FMN H . -12.30 6.30 2.77
C1' FMN H . -14.47 6.19 1.82
C2' FMN H . -15.64 5.93 2.79
O2' FMN H . -15.25 5.03 3.78
C3' FMN H . -16.82 5.39 1.99
O3' FMN H . -17.43 6.44 1.29
C4' FMN H . -17.85 4.71 2.91
O4' FMN H . -18.76 3.97 2.15
C5' FMN H . -18.61 5.71 3.78
O5' FMN H . -19.54 5.01 4.57
P FMN H . -20.69 5.80 5.45
O1P FMN H . -21.22 4.86 6.50
O2P FMN H . -21.85 6.20 4.56
O3P FMN H . -20.13 7.04 6.10
#